data_2BA1
#
_entry.id   2BA1
#
_cell.length_a   137.460
_cell.length_b   137.460
_cell.length_c   261.010
_cell.angle_alpha   90.00
_cell.angle_beta   90.00
_cell.angle_gamma   90.00
#
_symmetry.space_group_name_H-M   'P 43 2 2'
#
loop_
_entity.id
_entity.type
_entity.pdbx_description
1 polymer 'Archaeal exosome RNA binding protein CSL4'
2 polymer 'Archaeal exosome complex exonuclease RRP41'
3 polymer 'Archaeal exosome complex exonuclease RRP42'
4 non-polymer 'ZINC ION'
5 water water
#
loop_
_entity_poly.entity_id
_entity_poly.type
_entity_poly.pdbx_seq_one_letter_code
_entity_poly.pdbx_strand_id
1 'polypeptide(L)'
;MRFVMPGDRIGSAEEYVKGEGVYEEGGELFAAVAGKLIIKDRVAKVESISPIPEIVKGDVVLGRVVDLRNSIALIEVSSK
KGENRGPSNRGIGILHVSNVDEGYVKEISEAVGYLDILKARVIGDNLRLSTKEEEMGVLRALCSNCKTEMVREGDILKCP
ECGRVEKRKISTDYGKGEW
;
A,C,B
2 'polypeptide(L)'
;MSEFNEKPEKLIVDGLRLDGRKFDELRPIKIEASVLKRADGSCYLEMGKNKVIAAVFGPREVHPRHLQDPSKAIIRYRYN
MAPFSVEERKRPGPDRRSIEISKVSKEAFEAVIMKELFPRSAIDIFVEVLQADAGSRTACLNAASVALVDAGVPMKGMIT
SVAVGKADGQLVLDPMKEEDNFGEADMPFAFLIRNGKIESIALLQMDGRMTRDEVKQAIELAKKGALQIYEMQREAILRR
YIEVGEEMDEITEGGEDA
;
E,D,F
3 'polypeptide(L)'
;MPEDILVDIKRDYVLSKLRDNERIDGRGFDEFRKVEIIPNVIEKAEGSALVKLGDTQVVVGVKMQPGEPYPDTPDRGVII
VNAELVPLASPTFEPGPPDENSIELARVVDRGIRESEAVDLSKLVIEEGEKVWIVFVDIHALDDDGNLLDASALAAIAAL
MNTKVPAERFDLGEDYLLPVRDLPVSVTSLIVGNKYLVDPSREEMSVGDTTLTITTDKDDNVVAMQKSGGYLLDEKLFDE
LLDVSINCARKLREKFKEI
;
H,G,I
#
# COMPACT_ATOMS: atom_id res chain seq x y z
N MET A 1 48.52 -9.00 -20.81
CA MET A 1 47.46 -8.94 -19.77
C MET A 1 46.19 -9.71 -20.20
N ARG A 2 45.75 -10.62 -19.34
CA ARG A 2 44.56 -11.44 -19.58
C ARG A 2 43.28 -10.75 -19.09
N PHE A 3 43.45 -9.62 -18.41
CA PHE A 3 42.31 -8.89 -17.89
C PHE A 3 41.39 -8.37 -18.98
N VAL A 4 40.11 -8.60 -18.79
CA VAL A 4 39.12 -8.15 -19.74
C VAL A 4 37.96 -7.45 -19.03
N MET A 5 37.47 -6.39 -19.64
CA MET A 5 36.33 -5.65 -19.12
C MET A 5 35.13 -6.13 -19.92
N PRO A 6 33.92 -6.02 -19.36
CA PRO A 6 32.76 -6.48 -20.11
C PRO A 6 32.63 -5.58 -21.33
N GLY A 7 32.43 -6.18 -22.49
CA GLY A 7 32.32 -5.41 -23.70
C GLY A 7 33.59 -5.50 -24.52
N ASP A 8 34.58 -6.19 -24.00
CA ASP A 8 35.86 -6.37 -24.70
C ASP A 8 35.75 -7.54 -25.65
N ARG A 9 36.25 -7.36 -26.87
CA ARG A 9 36.20 -8.41 -27.88
C ARG A 9 37.25 -9.48 -27.61
N ILE A 10 36.83 -10.74 -27.60
CA ILE A 10 37.75 -11.85 -27.38
C ILE A 10 38.15 -12.36 -28.76
N GLY A 11 37.19 -12.33 -29.68
CA GLY A 11 37.44 -12.78 -31.04
C GLY A 11 36.16 -13.07 -31.79
N SER A 12 36.29 -13.57 -33.01
CA SER A 12 35.15 -13.90 -33.87
C SER A 12 34.37 -15.11 -33.35
N ALA A 13 33.09 -15.17 -33.71
CA ALA A 13 32.23 -16.27 -33.30
C ALA A 13 32.62 -17.55 -34.04
N GLU A 14 33.64 -17.43 -34.90
CA GLU A 14 34.15 -18.56 -35.68
C GLU A 14 35.41 -19.10 -35.00
N GLU A 15 36.26 -18.17 -34.56
CA GLU A 15 37.53 -18.51 -33.91
C GLU A 15 37.34 -19.39 -32.69
N TYR A 16 36.60 -18.88 -31.70
CA TYR A 16 36.38 -19.64 -30.46
C TYR A 16 34.91 -19.95 -30.20
N VAL A 17 34.67 -20.72 -29.15
CA VAL A 17 33.32 -21.12 -28.75
C VAL A 17 32.91 -20.37 -27.47
N LYS A 18 31.68 -19.85 -27.47
CA LYS A 18 31.13 -19.09 -26.35
C LYS A 18 31.06 -19.88 -25.03
N GLY A 19 31.86 -19.47 -24.05
CA GLY A 19 31.88 -20.14 -22.75
C GLY A 19 31.30 -19.28 -21.63
N GLU A 20 31.77 -19.50 -20.40
CA GLU A 20 31.30 -18.73 -19.25
C GLU A 20 31.81 -17.29 -19.29
N GLY A 21 30.96 -16.34 -18.91
CA GLY A 21 31.37 -14.95 -18.90
C GLY A 21 31.53 -14.32 -20.26
N VAL A 22 31.03 -15.01 -21.29
CA VAL A 22 31.13 -14.52 -22.65
C VAL A 22 29.78 -14.58 -23.35
N TYR A 23 29.52 -13.62 -24.23
CA TYR A 23 28.27 -13.59 -24.97
C TYR A 23 28.56 -13.35 -26.45
N GLU A 24 27.62 -13.74 -27.30
CA GLU A 24 27.77 -13.57 -28.75
C GLU A 24 26.76 -12.62 -29.36
N GLU A 25 27.19 -11.90 -30.39
CA GLU A 25 26.32 -10.95 -31.07
C GLU A 25 26.99 -10.46 -32.34
N GLY A 26 26.25 -10.50 -33.46
CA GLY A 26 26.80 -10.08 -34.72
C GLY A 26 27.96 -10.98 -35.13
N GLY A 27 27.93 -12.22 -34.69
CA GLY A 27 28.98 -13.16 -35.02
C GLY A 27 30.31 -12.89 -34.33
N GLU A 28 30.29 -12.11 -33.27
CA GLU A 28 31.50 -11.81 -32.53
C GLU A 28 31.32 -12.12 -31.05
N LEU A 29 32.38 -12.58 -30.40
CA LEU A 29 32.32 -12.88 -28.97
C LEU A 29 32.83 -11.72 -28.14
N PHE A 30 32.13 -11.44 -27.04
CA PHE A 30 32.54 -10.36 -26.16
C PHE A 30 32.57 -10.86 -24.72
N ALA A 31 33.16 -10.06 -23.85
CA ALA A 31 33.22 -10.39 -22.43
C ALA A 31 32.03 -9.70 -21.80
N ALA A 32 31.28 -10.41 -20.96
CA ALA A 32 30.12 -9.84 -20.31
C ALA A 32 30.48 -9.43 -18.88
N VAL A 33 31.54 -10.02 -18.36
CA VAL A 33 31.99 -9.74 -17.01
C VAL A 33 33.47 -9.42 -16.97
N ALA A 34 33.88 -8.69 -15.95
CA ALA A 34 35.28 -8.35 -15.78
C ALA A 34 35.95 -9.57 -15.19
N GLY A 35 37.21 -9.77 -15.53
CA GLY A 35 37.95 -10.92 -15.03
C GLY A 35 39.02 -11.38 -15.99
N LYS A 36 39.66 -12.50 -15.64
CA LYS A 36 40.72 -13.07 -16.44
C LYS A 36 40.18 -13.88 -17.62
N LEU A 37 40.57 -13.49 -18.83
CA LEU A 37 40.13 -14.21 -20.03
C LEU A 37 40.96 -15.49 -20.16
N ILE A 38 40.30 -16.64 -20.04
CA ILE A 38 40.97 -17.93 -20.17
C ILE A 38 40.49 -18.60 -21.43
N ILE A 39 41.41 -19.17 -22.20
CA ILE A 39 41.04 -19.87 -23.43
C ILE A 39 41.58 -21.30 -23.48
N LYS A 40 40.74 -22.26 -23.12
CA LYS A 40 41.11 -23.67 -23.12
C LYS A 40 40.46 -24.40 -24.28
N ASP A 41 41.29 -24.93 -25.17
CA ASP A 41 40.84 -25.68 -26.33
C ASP A 41 39.74 -25.00 -27.12
N ARG A 42 40.09 -23.86 -27.71
CA ARG A 42 39.17 -23.07 -28.52
C ARG A 42 37.97 -22.52 -27.77
N VAL A 43 37.85 -22.83 -26.48
CA VAL A 43 36.73 -22.33 -25.69
C VAL A 43 37.13 -21.13 -24.85
N ALA A 44 36.57 -19.97 -25.19
CA ALA A 44 36.86 -18.73 -24.49
C ALA A 44 35.87 -18.39 -23.40
N LYS A 45 36.36 -18.31 -22.17
CA LYS A 45 35.52 -17.97 -21.02
C LYS A 45 36.23 -16.91 -20.18
N VAL A 46 35.47 -16.26 -19.30
CA VAL A 46 36.03 -15.23 -18.43
C VAL A 46 35.77 -15.58 -16.98
N GLU A 47 36.82 -15.58 -16.15
CA GLU A 47 36.66 -15.84 -14.72
C GLU A 47 36.28 -14.51 -14.09
N SER A 48 35.04 -14.38 -13.68
CA SER A 48 34.51 -13.16 -13.08
C SER A 48 35.12 -12.73 -11.74
N ILE A 49 35.39 -11.44 -11.58
CA ILE A 49 35.95 -10.95 -10.31
C ILE A 49 34.87 -11.00 -9.22
N SER A 50 33.70 -11.51 -9.58
CA SER A 50 32.58 -11.64 -8.66
C SER A 50 31.61 -12.66 -9.25
N PRO A 51 32.02 -13.92 -9.27
CA PRO A 51 31.20 -15.01 -9.82
C PRO A 51 29.86 -15.22 -9.13
N ILE A 52 28.83 -15.43 -9.94
CA ILE A 52 27.49 -15.66 -9.44
C ILE A 52 27.34 -17.18 -9.49
N PRO A 53 27.45 -17.85 -8.33
CA PRO A 53 27.34 -19.30 -8.23
C PRO A 53 26.08 -19.91 -8.82
N GLU A 54 26.23 -21.15 -9.28
CA GLU A 54 25.11 -21.89 -9.86
C GLU A 54 25.12 -23.28 -9.27
N ILE A 55 23.99 -23.69 -8.69
CA ILE A 55 23.89 -25.01 -8.09
C ILE A 55 23.84 -26.08 -9.19
N VAL A 56 24.75 -27.04 -9.10
CA VAL A 56 24.83 -28.10 -10.08
C VAL A 56 25.06 -29.45 -9.40
N LYS A 57 24.75 -30.52 -10.12
CA LYS A 57 24.95 -31.87 -9.61
C LYS A 57 26.33 -31.98 -8.97
N GLY A 58 26.38 -32.45 -7.72
CA GLY A 58 27.66 -32.60 -7.03
C GLY A 58 27.92 -31.57 -5.93
N ASP A 59 27.24 -30.44 -6.01
CA ASP A 59 27.41 -29.36 -5.04
C ASP A 59 26.73 -29.65 -3.69
N VAL A 60 27.33 -29.17 -2.61
CA VAL A 60 26.73 -29.34 -1.29
C VAL A 60 25.85 -28.12 -1.11
N VAL A 61 24.62 -28.36 -0.68
CA VAL A 61 23.67 -27.27 -0.53
C VAL A 61 23.06 -27.15 0.88
N LEU A 62 22.58 -25.95 1.20
CA LEU A 62 21.94 -25.70 2.49
C LEU A 62 20.49 -25.34 2.20
N GLY A 63 19.55 -25.99 2.89
CA GLY A 63 18.16 -25.69 2.61
C GLY A 63 17.17 -25.87 3.75
N ARG A 64 15.93 -25.47 3.51
CA ARG A 64 14.90 -25.61 4.52
C ARG A 64 13.70 -26.42 4.01
N VAL A 65 13.21 -27.33 4.85
CA VAL A 65 12.06 -28.16 4.49
C VAL A 65 10.80 -27.32 4.55
N VAL A 66 10.26 -26.95 3.40
CA VAL A 66 9.08 -26.13 3.37
C VAL A 66 7.76 -26.92 3.24
N ASP A 67 7.87 -28.19 2.84
CA ASP A 67 6.68 -29.02 2.67
C ASP A 67 6.97 -30.52 2.73
N LEU A 68 6.25 -31.22 3.61
CA LEU A 68 6.40 -32.66 3.78
C LEU A 68 5.22 -33.44 3.22
N ARG A 69 5.26 -33.73 1.92
CA ARG A 69 4.20 -34.49 1.28
C ARG A 69 4.64 -35.94 1.20
N ASN A 70 3.84 -36.84 1.77
CA ASN A 70 4.13 -38.28 1.79
C ASN A 70 5.18 -38.73 0.78
N SER A 71 6.24 -39.37 1.30
CA SER A 71 7.35 -39.87 0.50
C SER A 71 8.07 -38.80 -0.33
N ILE A 72 7.77 -37.54 -0.03
CA ILE A 72 8.35 -36.39 -0.73
C ILE A 72 8.70 -35.27 0.26
N ALA A 73 9.84 -34.63 0.04
CA ALA A 73 10.30 -33.53 0.90
C ALA A 73 10.75 -32.35 0.03
N LEU A 74 9.97 -31.27 0.04
CA LEU A 74 10.32 -30.10 -0.73
C LEU A 74 11.24 -29.17 0.05
N ILE A 75 12.48 -29.09 -0.39
CA ILE A 75 13.49 -28.27 0.27
C ILE A 75 13.69 -26.91 -0.38
N GLU A 76 13.75 -25.87 0.45
CA GLU A 76 13.95 -24.50 0.01
C GLU A 76 15.45 -24.17 -0.04
N VAL A 77 16.12 -24.67 -1.07
CA VAL A 77 17.56 -24.43 -1.26
C VAL A 77 17.91 -22.95 -1.40
N SER A 78 18.88 -22.47 -0.62
CA SER A 78 19.25 -21.06 -0.70
C SER A 78 20.74 -20.76 -0.89
N SER A 79 21.61 -21.62 -0.37
CA SER A 79 23.05 -21.40 -0.50
C SER A 79 23.83 -22.60 -1.04
N LYS A 80 24.91 -22.32 -1.76
CA LYS A 80 25.77 -23.36 -2.30
C LYS A 80 27.05 -23.34 -1.49
N LYS A 81 27.39 -24.45 -0.85
CA LYS A 81 28.60 -24.47 -0.04
C LYS A 81 29.81 -24.03 -0.86
N GLY A 82 30.65 -23.21 -0.25
CA GLY A 82 31.83 -22.74 -0.95
C GLY A 82 31.72 -21.33 -1.48
N GLU A 83 30.51 -20.77 -1.50
CA GLU A 83 30.31 -19.41 -1.99
C GLU A 83 29.22 -18.70 -1.21
N ASN A 84 29.47 -17.44 -0.85
CA ASN A 84 28.51 -16.65 -0.07
C ASN A 84 27.45 -15.97 -0.92
N ARG A 85 27.79 -15.67 -2.17
CA ARG A 85 26.88 -15.01 -3.10
C ARG A 85 25.63 -15.87 -3.34
N GLY A 86 24.47 -15.24 -3.32
CA GLY A 86 23.25 -16.00 -3.54
C GLY A 86 23.28 -16.63 -4.92
N PRO A 87 23.13 -17.96 -5.02
CA PRO A 87 23.15 -18.66 -6.31
C PRO A 87 22.04 -18.25 -7.27
N SER A 88 22.35 -18.27 -8.57
CA SER A 88 21.41 -17.88 -9.61
C SER A 88 20.17 -18.77 -9.73
N ASN A 89 20.35 -20.08 -9.55
CA ASN A 89 19.25 -21.02 -9.66
C ASN A 89 18.71 -21.51 -8.32
N ARG A 90 18.24 -20.57 -7.50
CA ARG A 90 17.69 -20.91 -6.19
C ARG A 90 16.22 -21.22 -6.38
N GLY A 91 15.69 -22.05 -5.48
CA GLY A 91 14.29 -22.41 -5.55
C GLY A 91 14.03 -23.66 -4.77
N ILE A 92 12.94 -24.36 -5.09
CA ILE A 92 12.60 -25.58 -4.36
C ILE A 92 13.26 -26.81 -4.97
N GLY A 93 13.81 -27.64 -4.11
CA GLY A 93 14.44 -28.87 -4.54
C GLY A 93 13.65 -30.04 -3.99
N ILE A 94 14.01 -31.26 -4.37
CA ILE A 94 13.28 -32.43 -3.90
C ILE A 94 14.17 -33.48 -3.27
N LEU A 95 13.66 -34.07 -2.18
CA LEU A 95 14.37 -35.10 -1.44
C LEU A 95 13.43 -36.30 -1.32
N HIS A 96 13.80 -37.42 -1.92
CA HIS A 96 12.97 -38.61 -1.82
C HIS A 96 13.40 -39.52 -0.68
N VAL A 97 12.45 -40.25 -0.11
CA VAL A 97 12.73 -41.15 1.00
C VAL A 97 13.88 -42.08 0.62
N SER A 98 13.92 -42.44 -0.66
CA SER A 98 14.95 -43.34 -1.19
C SER A 98 16.36 -42.78 -1.11
N ASN A 99 16.47 -41.46 -0.95
CA ASN A 99 17.78 -40.82 -0.86
C ASN A 99 18.05 -40.23 0.53
N VAL A 100 17.04 -40.25 1.39
CA VAL A 100 17.18 -39.73 2.74
C VAL A 100 18.39 -40.38 3.39
N ASP A 101 18.39 -41.71 3.43
CA ASP A 101 19.50 -42.45 4.01
C ASP A 101 19.83 -43.63 3.10
N GLU A 102 21.12 -43.91 2.93
CA GLU A 102 21.55 -45.01 2.07
C GLU A 102 20.97 -46.30 2.66
N GLY A 103 20.55 -46.22 3.91
CA GLY A 103 19.98 -47.38 4.58
C GLY A 103 18.51 -47.56 4.25
N TYR A 104 17.75 -48.03 5.23
CA TYR A 104 16.33 -48.27 5.04
C TYR A 104 15.53 -47.36 5.97
N VAL A 105 14.62 -46.57 5.40
CA VAL A 105 13.81 -45.65 6.16
C VAL A 105 12.39 -45.55 5.61
N LYS A 106 11.41 -45.72 6.49
CA LYS A 106 10.00 -45.65 6.10
C LYS A 106 9.49 -44.24 6.40
N GLU A 107 8.60 -43.74 5.56
CA GLU A 107 8.06 -42.39 5.72
C GLU A 107 9.21 -41.41 5.57
N ILE A 108 8.88 -40.13 5.58
CA ILE A 108 9.91 -39.10 5.44
C ILE A 108 9.88 -38.24 6.69
N SER A 109 8.70 -38.14 7.31
CA SER A 109 8.54 -37.36 8.53
C SER A 109 9.40 -38.00 9.62
N GLU A 110 9.97 -39.14 9.29
CA GLU A 110 10.82 -39.89 10.22
C GLU A 110 12.29 -39.45 10.09
N ALA A 111 12.54 -38.45 9.24
CA ALA A 111 13.90 -37.96 9.04
C ALA A 111 13.96 -36.48 8.70
N VAL A 112 13.04 -36.03 7.86
CA VAL A 112 13.00 -34.63 7.44
C VAL A 112 11.77 -33.96 8.04
N GLY A 113 12.00 -33.01 8.95
CA GLY A 113 10.89 -32.33 9.59
C GLY A 113 10.52 -31.01 8.94
N TYR A 114 9.25 -30.63 9.06
CA TYR A 114 8.77 -29.38 8.50
C TYR A 114 9.49 -28.20 9.13
N LEU A 115 10.01 -27.32 8.27
CA LEU A 115 10.72 -26.12 8.72
C LEU A 115 12.17 -26.38 9.13
N ASP A 116 12.61 -27.63 9.07
CA ASP A 116 13.97 -27.97 9.44
C ASP A 116 14.99 -27.39 8.47
N ILE A 117 16.20 -27.10 8.98
CA ILE A 117 17.27 -26.59 8.14
C ILE A 117 18.09 -27.82 7.78
N LEU A 118 18.26 -28.03 6.48
CA LEU A 118 18.99 -29.18 5.96
C LEU A 118 20.28 -28.85 5.24
N LYS A 119 21.14 -29.85 5.19
CA LYS A 119 22.41 -29.77 4.52
C LYS A 119 22.38 -31.02 3.64
N ALA A 120 22.17 -30.83 2.33
CA ALA A 120 22.10 -31.93 1.40
C ALA A 120 23.06 -31.78 0.21
N ARG A 121 23.28 -32.87 -0.52
CA ARG A 121 24.15 -32.85 -1.69
C ARG A 121 23.30 -33.07 -2.94
N VAL A 122 23.51 -32.23 -3.95
CA VAL A 122 22.76 -32.34 -5.20
C VAL A 122 23.24 -33.55 -6.00
N ILE A 123 22.28 -34.36 -6.43
CA ILE A 123 22.60 -35.55 -7.20
C ILE A 123 21.85 -35.60 -8.53
N GLY A 124 21.08 -34.55 -8.81
CA GLY A 124 20.32 -34.53 -10.05
C GLY A 124 19.75 -33.17 -10.39
N ASP A 125 19.77 -32.82 -11.66
CA ASP A 125 19.23 -31.54 -12.14
C ASP A 125 17.87 -31.26 -11.55
N ASN A 126 17.50 -29.97 -11.49
CA ASN A 126 16.22 -29.53 -10.94
C ASN A 126 16.29 -29.51 -9.42
N LEU A 127 17.52 -29.48 -8.89
CA LEU A 127 17.77 -29.47 -7.46
C LEU A 127 17.30 -30.75 -6.76
N ARG A 128 17.72 -31.89 -7.31
CA ARG A 128 17.38 -33.20 -6.78
C ARG A 128 18.38 -33.42 -5.65
N LEU A 129 17.88 -33.49 -4.42
CA LEU A 129 18.77 -33.66 -3.27
C LEU A 129 18.93 -35.07 -2.73
N SER A 130 20.05 -35.28 -2.03
CA SER A 130 20.37 -36.56 -1.42
C SER A 130 20.98 -36.34 -0.04
N THR A 131 20.50 -37.10 0.94
CA THR A 131 20.99 -37.00 2.30
C THR A 131 21.85 -38.21 2.63
N LYS A 132 21.96 -39.14 1.68
CA LYS A 132 22.75 -40.36 1.83
C LYS A 132 23.85 -40.30 2.88
N GLU A 133 24.98 -39.74 2.48
CA GLU A 133 26.17 -39.62 3.32
C GLU A 133 25.97 -39.01 4.69
N GLU A 134 26.81 -39.42 5.65
CA GLU A 134 26.73 -38.94 7.02
C GLU A 134 27.00 -37.45 7.20
N GLU A 135 27.79 -36.89 6.30
CA GLU A 135 28.12 -35.48 6.37
C GLU A 135 26.89 -34.63 6.06
N MET A 136 25.81 -35.30 5.64
CA MET A 136 24.57 -34.61 5.30
C MET A 136 23.44 -34.87 6.29
N GLY A 137 22.41 -34.04 6.21
CA GLY A 137 21.28 -34.19 7.12
C GLY A 137 20.76 -32.90 7.74
N VAL A 138 19.86 -33.06 8.71
CA VAL A 138 19.26 -31.95 9.42
C VAL A 138 20.32 -31.28 10.26
N LEU A 139 20.34 -29.95 10.25
CA LEU A 139 21.31 -29.19 11.02
C LEU A 139 20.66 -28.50 12.20
N ARG A 140 19.35 -28.31 12.14
CA ARG A 140 18.59 -27.64 13.19
C ARG A 140 17.10 -27.95 13.05
N ALA A 141 16.46 -28.35 14.15
CA ALA A 141 15.02 -28.64 14.13
C ALA A 141 14.32 -28.02 15.33
N LEU A 142 13.01 -27.86 15.23
CA LEU A 142 12.23 -27.26 16.31
C LEU A 142 11.28 -28.29 16.89
N CYS A 143 11.03 -28.23 18.19
CA CYS A 143 10.11 -29.16 18.83
C CYS A 143 8.75 -28.91 18.20
N SER A 144 8.07 -29.98 17.82
CA SER A 144 6.76 -29.85 17.22
C SER A 144 5.74 -29.33 18.23
N ASN A 145 6.06 -29.47 19.51
CA ASN A 145 5.17 -29.00 20.55
C ASN A 145 5.46 -27.55 20.97
N CYS A 146 6.54 -27.35 21.71
CA CYS A 146 6.91 -26.02 22.20
C CYS A 146 7.64 -25.16 21.18
N LYS A 147 8.08 -25.77 20.08
CA LYS A 147 8.79 -25.06 19.03
C LYS A 147 10.19 -24.60 19.46
N THR A 148 10.71 -25.21 20.51
CA THR A 148 12.04 -24.87 21.00
C THR A 148 13.10 -25.61 20.19
N GLU A 149 14.22 -24.94 19.89
CA GLU A 149 15.30 -25.54 19.13
C GLU A 149 15.77 -26.79 19.85
N MET A 150 15.76 -27.92 19.15
CA MET A 150 16.16 -29.15 19.79
C MET A 150 17.66 -29.36 19.82
N VAL A 151 18.12 -29.81 20.97
CA VAL A 151 19.51 -30.09 21.20
C VAL A 151 19.79 -31.54 20.87
N ARG A 152 20.91 -31.80 20.20
CA ARG A 152 21.28 -33.16 19.85
C ARG A 152 21.72 -33.92 21.09
N GLU A 153 21.30 -35.17 21.19
CA GLU A 153 21.66 -36.01 22.31
C GLU A 153 21.68 -37.46 21.85
N GLY A 154 22.88 -37.97 21.57
CA GLY A 154 23.01 -39.32 21.08
C GLY A 154 22.75 -39.31 19.59
N ASP A 155 21.76 -40.09 19.15
CA ASP A 155 21.39 -40.14 17.75
C ASP A 155 19.95 -39.68 17.58
N ILE A 156 19.47 -38.96 18.59
CA ILE A 156 18.12 -38.44 18.60
C ILE A 156 18.11 -36.99 19.05
N LEU A 157 17.11 -36.23 18.59
CA LEU A 157 16.98 -34.85 18.98
C LEU A 157 16.03 -34.76 20.17
N LYS A 158 16.43 -33.97 21.17
CA LYS A 158 15.64 -33.79 22.38
C LYS A 158 15.36 -32.32 22.66
N CYS A 159 14.19 -32.04 23.22
CA CYS A 159 13.82 -30.69 23.56
C CYS A 159 14.19 -30.47 25.03
N PRO A 160 15.00 -29.45 25.30
CA PRO A 160 15.41 -29.17 26.69
C PRO A 160 14.24 -28.66 27.56
N GLU A 161 13.24 -28.08 26.90
CA GLU A 161 12.08 -27.52 27.58
C GLU A 161 10.99 -28.55 27.89
N CYS A 162 10.28 -29.00 26.86
CA CYS A 162 9.21 -29.97 27.05
C CYS A 162 9.68 -31.42 27.03
N GLY A 163 10.97 -31.62 26.78
CA GLY A 163 11.53 -32.96 26.77
C GLY A 163 11.07 -33.87 25.65
N ARG A 164 10.25 -33.39 24.73
CA ARG A 164 9.80 -34.24 23.62
C ARG A 164 11.03 -34.84 22.95
N VAL A 165 10.82 -35.91 22.18
CA VAL A 165 11.94 -36.54 21.50
C VAL A 165 11.54 -37.02 20.12
N GLU A 166 12.26 -36.52 19.12
CA GLU A 166 12.02 -36.86 17.72
C GLU A 166 13.30 -37.42 17.11
N LYS A 167 13.14 -38.28 16.10
CA LYS A 167 14.28 -38.89 15.44
C LYS A 167 14.30 -38.49 13.97
N ARG A 168 15.50 -38.27 13.43
CA ARG A 168 15.66 -37.88 12.03
C ARG A 168 17.09 -37.99 11.52
N LYS A 169 17.25 -37.96 10.20
CA LYS A 169 18.57 -38.07 9.59
C LYS A 169 19.38 -36.85 10.06
N ILE A 170 20.06 -37.00 11.18
CA ILE A 170 20.86 -35.95 11.77
C ILE A 170 22.23 -35.82 11.12
N SER A 171 22.56 -34.62 10.66
CA SER A 171 23.87 -34.38 10.07
C SER A 171 24.87 -34.35 11.21
N THR A 172 26.11 -34.74 10.96
CA THR A 172 27.14 -34.73 12.00
C THR A 172 27.58 -33.31 12.35
N ASP A 173 26.87 -32.33 11.81
CA ASP A 173 27.19 -30.94 12.08
C ASP A 173 25.98 -30.26 12.69
N TYR A 174 25.07 -31.08 13.24
CA TYR A 174 23.86 -30.57 13.87
C TYR A 174 24.26 -29.68 15.04
N GLY A 175 23.82 -28.43 15.02
CA GLY A 175 24.10 -27.52 16.10
C GLY A 175 25.48 -26.88 16.14
N LYS A 176 26.33 -27.18 15.18
CA LYS A 176 27.65 -26.57 15.17
C LYS A 176 27.60 -25.17 14.56
N GLY A 177 26.53 -24.90 13.82
CA GLY A 177 26.42 -23.61 13.16
C GLY A 177 27.38 -23.56 11.99
N GLU A 178 27.68 -24.72 11.45
CA GLU A 178 28.58 -24.83 10.32
C GLU A 178 28.07 -25.94 9.45
N TRP A 179 28.26 -25.80 8.15
CA TRP A 179 27.81 -26.82 7.21
C TRP A 179 28.82 -26.98 6.08
N MET B 1 -9.83 -19.63 48.92
CA MET B 1 -10.15 -19.03 47.59
C MET B 1 -9.38 -19.80 46.52
N ARG B 2 -10.09 -20.30 45.51
CA ARG B 2 -9.46 -21.08 44.46
C ARG B 2 -8.96 -20.19 43.31
N PHE B 3 -9.26 -18.91 43.39
CA PHE B 3 -8.86 -17.95 42.38
C PHE B 3 -7.34 -17.83 42.23
N VAL B 4 -6.88 -17.80 40.99
CA VAL B 4 -5.46 -17.64 40.71
C VAL B 4 -5.29 -16.67 39.54
N MET B 5 -4.17 -15.96 39.52
CA MET B 5 -3.86 -15.04 38.44
C MET B 5 -2.75 -15.70 37.63
N PRO B 6 -2.56 -15.29 36.36
CA PRO B 6 -1.47 -15.91 35.60
C PRO B 6 -0.18 -15.49 36.30
N GLY B 7 0.72 -16.44 36.51
CA GLY B 7 1.96 -16.14 37.19
C GLY B 7 1.99 -16.72 38.60
N ASP B 8 0.82 -16.94 39.20
CA ASP B 8 0.74 -17.51 40.54
C ASP B 8 1.30 -18.93 40.55
N ARG B 9 2.18 -19.23 41.51
CA ARG B 9 2.78 -20.56 41.59
C ARG B 9 1.77 -21.55 42.17
N ILE B 10 1.56 -22.65 41.46
CA ILE B 10 0.63 -23.70 41.86
C ILE B 10 1.31 -24.81 42.66
N GLY B 11 2.53 -25.15 42.27
CA GLY B 11 3.28 -26.18 42.96
C GLY B 11 4.34 -26.76 42.04
N SER B 12 5.20 -27.62 42.58
CA SER B 12 6.26 -28.24 41.79
C SER B 12 5.69 -29.22 40.78
N ALA B 13 6.31 -29.30 39.61
CA ALA B 13 5.85 -30.21 38.56
C ALA B 13 6.01 -31.66 39.00
N GLU B 14 6.43 -31.88 40.24
CA GLU B 14 6.59 -33.24 40.74
C GLU B 14 5.28 -33.67 41.36
N GLU B 15 4.67 -32.78 42.13
CA GLU B 15 3.42 -33.06 42.79
C GLU B 15 2.17 -33.09 41.90
N TYR B 16 2.18 -32.32 40.81
CA TYR B 16 1.02 -32.30 39.93
C TYR B 16 1.33 -32.39 38.43
N VAL B 17 0.35 -32.92 37.69
CA VAL B 17 0.48 -33.05 36.25
C VAL B 17 -0.05 -31.78 35.59
N LYS B 18 0.79 -31.16 34.77
CA LYS B 18 0.40 -29.93 34.08
C LYS B 18 -0.89 -30.14 33.27
N GLY B 19 -1.92 -29.38 33.61
CA GLY B 19 -3.19 -29.47 32.92
C GLY B 19 -3.49 -28.20 32.17
N GLU B 20 -4.73 -28.04 31.71
CA GLU B 20 -5.11 -26.85 30.97
C GLU B 20 -5.03 -25.59 31.82
N GLY B 21 -4.44 -24.54 31.24
CA GLY B 21 -4.31 -23.28 31.94
C GLY B 21 -3.11 -23.22 32.87
N VAL B 22 -2.18 -24.16 32.70
CA VAL B 22 -0.98 -24.23 33.52
C VAL B 22 0.27 -24.44 32.67
N TYR B 23 1.39 -23.88 33.08
CA TYR B 23 2.61 -24.07 32.33
C TYR B 23 3.72 -24.40 33.30
N GLU B 24 4.76 -25.05 32.80
CA GLU B 24 5.87 -25.44 33.64
C GLU B 24 7.12 -24.64 33.32
N GLU B 25 7.95 -24.43 34.34
CA GLU B 25 9.19 -23.69 34.18
C GLU B 25 10.07 -23.88 35.41
N GLY B 26 11.31 -24.32 35.18
CA GLY B 26 12.22 -24.54 36.27
C GLY B 26 11.65 -25.54 37.26
N GLY B 27 10.86 -26.48 36.73
CA GLY B 27 10.26 -27.51 37.56
C GLY B 27 9.15 -26.99 38.47
N GLU B 28 8.56 -25.87 38.10
CA GLU B 28 7.48 -25.27 38.87
C GLU B 28 6.26 -25.08 37.99
N LEU B 29 5.08 -25.35 38.55
CA LEU B 29 3.84 -25.19 37.82
C LEU B 29 3.25 -23.82 38.16
N PHE B 30 2.83 -23.09 37.13
CA PHE B 30 2.28 -21.76 37.31
C PHE B 30 0.95 -21.70 36.58
N ALA B 31 0.15 -20.69 36.91
CA ALA B 31 -1.12 -20.51 36.23
C ALA B 31 -0.80 -19.59 35.05
N ALA B 32 -1.36 -19.91 33.89
CA ALA B 32 -1.14 -19.13 32.68
C ALA B 32 -2.34 -18.26 32.42
N VAL B 33 -3.47 -18.62 33.01
CA VAL B 33 -4.69 -17.85 32.84
C VAL B 33 -5.29 -17.59 34.21
N ALA B 34 -6.20 -16.63 34.28
CA ALA B 34 -6.86 -16.30 35.52
C ALA B 34 -8.12 -17.17 35.62
N GLY B 35 -8.41 -17.69 36.80
CA GLY B 35 -9.59 -18.51 36.97
C GLY B 35 -9.55 -19.37 38.21
N LYS B 36 -10.37 -20.41 38.24
CA LYS B 36 -10.42 -21.30 39.39
C LYS B 36 -9.43 -22.45 39.26
N LEU B 37 -8.58 -22.59 40.26
CA LEU B 37 -7.58 -23.65 40.27
C LEU B 37 -8.22 -24.93 40.80
N ILE B 38 -8.18 -25.99 40.00
CA ILE B 38 -8.76 -27.28 40.37
C ILE B 38 -7.72 -28.37 40.27
N ILE B 39 -7.60 -29.18 41.32
CA ILE B 39 -6.64 -30.28 41.32
C ILE B 39 -7.36 -31.63 41.42
N LYS B 40 -7.77 -32.17 40.27
CA LYS B 40 -8.46 -33.46 40.22
C LYS B 40 -7.51 -34.60 39.79
N ASP B 41 -7.28 -35.52 40.72
CA ASP B 41 -6.40 -36.66 40.46
C ASP B 41 -4.99 -36.23 40.08
N ARG B 42 -4.34 -35.48 40.97
CA ARG B 42 -2.99 -35.01 40.72
C ARG B 42 -2.84 -34.02 39.56
N VAL B 43 -3.87 -33.90 38.72
CA VAL B 43 -3.82 -32.99 37.58
C VAL B 43 -4.33 -31.59 37.91
N ALA B 44 -3.40 -30.63 38.01
CA ALA B 44 -3.78 -29.26 38.31
C ALA B 44 -4.10 -28.48 37.04
N LYS B 45 -5.25 -27.82 37.03
CA LYS B 45 -5.65 -27.00 35.89
C LYS B 45 -6.39 -25.76 36.36
N VAL B 46 -6.55 -24.77 35.48
CA VAL B 46 -7.25 -23.55 35.83
C VAL B 46 -8.45 -23.37 34.90
N GLU B 47 -9.61 -23.08 35.47
CA GLU B 47 -10.82 -22.85 34.68
C GLU B 47 -10.74 -21.38 34.28
N SER B 48 -10.30 -21.13 33.05
CA SER B 48 -10.15 -19.75 32.55
C SER B 48 -11.42 -18.90 32.73
N ILE B 49 -11.23 -17.59 32.94
CA ILE B 49 -12.37 -16.67 33.06
C ILE B 49 -12.88 -16.38 31.66
N SER B 50 -12.08 -16.74 30.67
CA SER B 50 -12.45 -16.55 29.27
C SER B 50 -11.81 -17.68 28.49
N PRO B 51 -12.35 -18.89 28.61
CA PRO B 51 -11.79 -20.03 27.89
C PRO B 51 -11.71 -19.83 26.38
N ILE B 52 -10.65 -20.39 25.79
CA ILE B 52 -10.45 -20.33 24.35
C ILE B 52 -10.70 -21.76 23.87
N PRO B 53 -11.89 -22.01 23.30
CA PRO B 53 -12.24 -23.34 22.81
C PRO B 53 -11.26 -24.02 21.85
N GLU B 54 -11.13 -25.32 22.05
CA GLU B 54 -10.28 -26.15 21.22
C GLU B 54 -11.19 -27.23 20.64
N ILE B 55 -11.42 -27.17 19.34
CA ILE B 55 -12.27 -28.16 18.67
C ILE B 55 -11.65 -29.54 18.79
N VAL B 56 -12.15 -30.32 19.75
CA VAL B 56 -11.64 -31.68 19.95
C VAL B 56 -12.51 -32.73 19.27
N LYS B 57 -12.35 -33.97 19.71
CA LYS B 57 -13.11 -35.09 19.16
C LYS B 57 -14.49 -35.24 19.79
N GLY B 58 -15.52 -35.25 18.95
CA GLY B 58 -16.88 -35.42 19.43
C GLY B 58 -17.73 -34.18 19.58
N ASP B 59 -17.18 -33.02 19.28
CA ASP B 59 -17.96 -31.78 19.40
C ASP B 59 -18.58 -31.35 18.08
N VAL B 60 -19.69 -30.62 18.17
CA VAL B 60 -20.38 -30.14 16.97
C VAL B 60 -19.69 -28.90 16.43
N VAL B 61 -19.45 -28.88 15.13
CA VAL B 61 -18.77 -27.77 14.48
C VAL B 61 -19.64 -27.12 13.42
N LEU B 62 -19.18 -25.99 12.90
CA LEU B 62 -19.91 -25.25 11.88
C LEU B 62 -18.92 -24.75 10.83
N GLY B 63 -19.22 -24.97 9.55
CA GLY B 63 -18.30 -24.53 8.53
C GLY B 63 -18.89 -24.36 7.15
N ARG B 64 -18.09 -23.79 6.25
CA ARG B 64 -18.51 -23.57 4.88
C ARG B 64 -17.57 -24.37 3.97
N VAL B 65 -18.15 -25.12 3.03
CA VAL B 65 -17.37 -25.92 2.10
C VAL B 65 -16.52 -25.04 1.19
N VAL B 66 -15.20 -25.25 1.24
CA VAL B 66 -14.27 -24.46 0.43
C VAL B 66 -14.07 -25.02 -0.97
N ASP B 67 -14.11 -26.34 -1.10
CA ASP B 67 -13.94 -26.99 -2.40
C ASP B 67 -14.33 -28.47 -2.29
N LEU B 68 -15.09 -28.96 -3.26
CA LEU B 68 -15.53 -30.36 -3.25
C LEU B 68 -14.77 -31.25 -4.23
N ARG B 69 -13.83 -32.03 -3.70
CA ARG B 69 -13.08 -32.96 -4.53
C ARG B 69 -14.08 -34.06 -4.81
N ASN B 70 -13.76 -34.96 -5.75
CA ASN B 70 -14.69 -36.03 -6.09
C ASN B 70 -15.16 -36.87 -4.91
N SER B 71 -14.27 -37.20 -3.98
CA SER B 71 -14.65 -38.00 -2.83
C SER B 71 -14.51 -37.21 -1.52
N ILE B 72 -13.39 -36.50 -1.37
CA ILE B 72 -13.15 -35.69 -0.18
C ILE B 72 -13.84 -34.34 -0.30
N ALA B 73 -14.44 -33.89 0.79
CA ALA B 73 -15.14 -32.60 0.82
C ALA B 73 -14.36 -31.67 1.75
N LEU B 74 -13.83 -30.58 1.21
CA LEU B 74 -13.06 -29.63 2.02
C LEU B 74 -13.92 -28.54 2.65
N ILE B 75 -13.96 -28.54 3.98
CA ILE B 75 -14.77 -27.61 4.75
C ILE B 75 -13.94 -26.63 5.58
N GLU B 76 -14.36 -25.37 5.59
CA GLU B 76 -13.67 -24.32 6.35
C GLU B 76 -14.28 -24.16 7.74
N VAL B 77 -13.83 -24.99 8.68
CA VAL B 77 -14.32 -24.94 10.06
C VAL B 77 -14.15 -23.54 10.67
N SER B 78 -15.19 -23.05 11.33
CA SER B 78 -15.15 -21.72 11.92
C SER B 78 -15.51 -21.64 13.41
N SER B 79 -16.57 -22.35 13.81
CA SER B 79 -17.00 -22.32 15.20
C SER B 79 -17.27 -23.67 15.83
N LYS B 80 -17.37 -23.68 17.15
CA LYS B 80 -17.65 -24.88 17.92
C LYS B 80 -18.87 -24.64 18.80
N LYS B 81 -20.02 -25.14 18.37
CA LYS B 81 -21.28 -24.97 19.11
C LYS B 81 -21.08 -24.91 20.61
N GLY B 82 -21.63 -23.89 21.24
CA GLY B 82 -21.51 -23.74 22.68
C GLY B 82 -20.64 -22.58 23.13
N GLU B 83 -19.90 -21.97 22.20
CA GLU B 83 -19.03 -20.84 22.52
C GLU B 83 -18.88 -19.90 21.34
N ASN B 84 -19.00 -18.61 21.61
CA ASN B 84 -18.90 -17.58 20.58
C ASN B 84 -17.46 -17.26 20.20
N ARG B 85 -16.55 -17.47 21.15
CA ARG B 85 -15.13 -17.21 20.95
C ARG B 85 -14.62 -18.13 19.85
N GLY B 86 -14.02 -17.56 18.81
CA GLY B 86 -13.50 -18.39 17.74
C GLY B 86 -12.52 -19.38 18.34
N PRO B 87 -12.63 -20.68 18.04
CA PRO B 87 -11.68 -21.64 18.61
C PRO B 87 -10.24 -21.43 18.13
N SER B 88 -9.30 -22.09 18.80
CA SER B 88 -7.89 -21.96 18.44
C SER B 88 -7.51 -22.76 17.20
N ASN B 89 -7.81 -24.05 17.20
CA ASN B 89 -7.48 -24.93 16.09
C ASN B 89 -8.48 -24.89 14.95
N ARG B 90 -8.67 -23.70 14.38
CA ARG B 90 -9.58 -23.52 13.26
C ARG B 90 -8.81 -23.81 11.99
N GLY B 91 -9.51 -23.81 10.86
CA GLY B 91 -8.85 -24.07 9.60
C GLY B 91 -9.73 -24.77 8.59
N ILE B 92 -9.23 -25.87 8.04
CA ILE B 92 -10.00 -26.63 7.05
C ILE B 92 -10.00 -28.13 7.34
N GLY B 93 -11.18 -28.67 7.59
CA GLY B 93 -11.31 -30.10 7.88
C GLY B 93 -11.66 -30.90 6.64
N ILE B 94 -11.79 -32.22 6.82
CA ILE B 94 -12.11 -33.11 5.70
C ILE B 94 -13.36 -33.95 5.93
N LEU B 95 -14.22 -33.99 4.92
CA LEU B 95 -15.46 -34.76 4.98
C LEU B 95 -15.49 -35.71 3.79
N HIS B 96 -15.47 -37.02 4.07
CA HIS B 96 -15.51 -38.04 3.03
C HIS B 96 -16.95 -38.54 2.82
N VAL B 97 -17.35 -38.67 1.55
CA VAL B 97 -18.70 -39.15 1.23
C VAL B 97 -19.12 -40.35 2.06
N SER B 98 -18.14 -41.14 2.51
CA SER B 98 -18.43 -42.30 3.33
C SER B 98 -19.08 -41.86 4.65
N ASN B 99 -18.80 -40.62 5.04
CA ASN B 99 -19.35 -40.05 6.27
C ASN B 99 -20.39 -38.98 5.96
N VAL B 100 -21.51 -39.39 5.34
CA VAL B 100 -22.56 -38.43 5.01
C VAL B 100 -23.92 -38.76 5.62
N ASP B 101 -24.31 -40.03 5.61
CA ASP B 101 -25.61 -40.40 6.19
C ASP B 101 -25.73 -41.90 6.44
N GLU B 102 -24.59 -42.59 6.46
CA GLU B 102 -24.56 -44.03 6.67
C GLU B 102 -25.14 -44.74 5.45
N GLY B 103 -25.61 -43.94 4.48
CA GLY B 103 -26.16 -44.50 3.26
C GLY B 103 -25.04 -44.64 2.25
N TYR B 104 -25.36 -45.12 1.05
CA TYR B 104 -24.33 -45.29 0.03
C TYR B 104 -24.51 -44.36 -1.16
N VAL B 105 -23.94 -43.17 -1.06
CA VAL B 105 -23.99 -42.18 -2.13
C VAL B 105 -22.60 -42.04 -2.75
N LYS B 106 -22.56 -42.01 -4.07
CA LYS B 106 -21.29 -41.91 -4.79
C LYS B 106 -20.66 -40.54 -4.78
N GLU B 107 -21.21 -39.60 -5.54
CA GLU B 107 -20.66 -38.25 -5.60
C GLU B 107 -20.77 -37.49 -4.27
N ILE B 108 -19.86 -36.55 -4.07
CA ILE B 108 -19.85 -35.74 -2.86
C ILE B 108 -20.41 -34.36 -3.24
N SER B 109 -20.25 -34.01 -4.51
CA SER B 109 -20.72 -32.74 -5.04
C SER B 109 -22.22 -32.54 -4.89
N GLU B 110 -22.97 -33.64 -4.88
CA GLU B 110 -24.41 -33.58 -4.73
C GLU B 110 -24.84 -33.75 -3.28
N ALA B 111 -23.94 -34.28 -2.46
CA ALA B 111 -24.22 -34.47 -1.04
C ALA B 111 -24.07 -33.11 -0.33
N VAL B 112 -22.96 -32.43 -0.63
CA VAL B 112 -22.68 -31.12 -0.05
C VAL B 112 -22.49 -30.18 -1.23
N GLY B 113 -22.33 -28.89 -0.97
CA GLY B 113 -22.16 -27.95 -2.06
C GLY B 113 -21.04 -26.95 -1.85
N TYR B 114 -20.53 -26.39 -2.94
CA TYR B 114 -19.47 -25.40 -2.86
C TYR B 114 -20.03 -24.08 -2.32
N LEU B 115 -19.55 -23.70 -1.13
CA LEU B 115 -19.96 -22.47 -0.44
C LEU B 115 -21.24 -22.68 0.40
N ASP B 116 -21.51 -23.94 0.73
CA ASP B 116 -22.66 -24.30 1.54
C ASP B 116 -22.29 -24.30 3.01
N ILE B 117 -23.10 -23.66 3.84
CA ILE B 117 -22.82 -23.64 5.27
C ILE B 117 -23.21 -25.02 5.81
N LEU B 118 -22.25 -25.67 6.44
CA LEU B 118 -22.43 -27.02 6.96
C LEU B 118 -22.32 -27.10 8.48
N LYS B 119 -23.09 -28.02 9.06
CA LYS B 119 -23.12 -28.25 10.50
C LYS B 119 -22.66 -29.69 10.79
N ALA B 120 -21.35 -29.89 10.91
CA ALA B 120 -20.78 -31.21 11.14
C ALA B 120 -20.40 -31.58 12.57
N ARG B 121 -19.82 -32.77 12.70
CA ARG B 121 -19.37 -33.33 13.98
C ARG B 121 -17.93 -33.84 13.82
N VAL B 122 -17.11 -33.66 14.85
CA VAL B 122 -15.70 -34.08 14.79
C VAL B 122 -15.56 -35.59 15.06
N ILE B 123 -14.78 -36.25 14.21
CA ILE B 123 -14.56 -37.70 14.34
C ILE B 123 -13.26 -38.09 15.06
N GLY B 124 -12.17 -37.39 14.79
CA GLY B 124 -10.92 -37.75 15.43
C GLY B 124 -9.88 -36.66 15.55
N ASP B 125 -9.41 -36.16 14.41
CA ASP B 125 -8.40 -35.11 14.40
C ASP B 125 -8.31 -34.46 13.02
N ASN B 126 -7.44 -33.47 12.88
CA ASN B 126 -7.27 -32.73 11.63
C ASN B 126 -8.64 -32.30 11.12
N LEU B 127 -9.57 -32.21 12.05
CA LEU B 127 -10.94 -31.80 11.75
C LEU B 127 -11.62 -32.80 10.80
N ARG B 128 -11.75 -34.04 11.24
CA ARG B 128 -12.40 -35.07 10.43
C ARG B 128 -13.90 -34.96 10.73
N LEU B 129 -14.66 -34.48 9.75
CA LEU B 129 -16.10 -34.27 9.92
C LEU B 129 -17.02 -35.40 9.46
N SER B 130 -18.21 -35.43 10.04
CA SER B 130 -19.23 -36.43 9.73
C SER B 130 -20.60 -35.73 9.75
N THR B 131 -21.54 -36.22 8.95
CA THR B 131 -22.87 -35.62 8.90
C THR B 131 -23.99 -36.63 8.71
N LYS B 132 -23.76 -37.87 9.13
CA LYS B 132 -24.75 -38.92 8.97
C LYS B 132 -25.89 -38.88 10.00
N GLU B 133 -25.98 -37.76 10.73
CA GLU B 133 -27.05 -37.60 11.72
C GLU B 133 -28.07 -36.59 11.23
N GLU B 134 -29.26 -36.62 11.83
CA GLU B 134 -30.33 -35.70 11.45
C GLU B 134 -29.99 -34.27 11.87
N GLU B 135 -29.46 -34.15 13.08
CA GLU B 135 -29.06 -32.86 13.64
C GLU B 135 -28.02 -32.19 12.75
N MET B 136 -27.18 -33.00 12.09
CA MET B 136 -26.13 -32.49 11.23
C MET B 136 -26.53 -32.38 9.76
N GLY B 137 -25.71 -31.71 8.97
CA GLY B 137 -25.99 -31.54 7.55
C GLY B 137 -25.80 -30.12 7.06
N VAL B 138 -26.34 -29.81 5.88
CA VAL B 138 -26.24 -28.47 5.31
C VAL B 138 -27.22 -27.57 6.07
N LEU B 139 -26.82 -26.32 6.29
CA LEU B 139 -27.68 -25.36 6.99
C LEU B 139 -28.09 -24.21 6.08
N ARG B 140 -27.36 -24.04 4.98
CA ARG B 140 -27.68 -22.97 4.05
C ARG B 140 -27.03 -23.23 2.69
N ALA B 141 -27.84 -23.60 1.72
CA ALA B 141 -27.34 -23.89 0.37
C ALA B 141 -27.67 -22.76 -0.60
N LEU B 142 -26.70 -22.39 -1.43
CA LEU B 142 -26.91 -21.35 -2.41
C LEU B 142 -27.12 -21.97 -3.78
N CYS B 143 -28.11 -21.47 -4.52
CA CYS B 143 -28.39 -21.99 -5.85
C CYS B 143 -27.20 -21.73 -6.74
N SER B 144 -26.93 -22.67 -7.64
CA SER B 144 -25.82 -22.55 -8.55
C SER B 144 -26.21 -21.77 -9.81
N ASN B 145 -27.49 -21.75 -10.11
CA ASN B 145 -27.98 -21.05 -11.30
C ASN B 145 -28.31 -19.58 -11.09
N CYS B 146 -28.96 -19.26 -9.97
CA CYS B 146 -29.32 -17.88 -9.68
C CYS B 146 -28.52 -17.28 -8.51
N LYS B 147 -27.69 -18.11 -7.90
CA LYS B 147 -26.83 -17.69 -6.79
C LYS B 147 -27.56 -17.27 -5.52
N THR B 148 -28.89 -17.31 -5.54
CA THR B 148 -29.67 -16.90 -4.37
C THR B 148 -29.83 -18.06 -3.39
N GLU B 149 -30.14 -17.75 -2.14
CA GLU B 149 -30.33 -18.76 -1.10
C GLU B 149 -31.60 -19.57 -1.39
N MET B 150 -31.56 -20.85 -1.07
CA MET B 150 -32.70 -21.74 -1.31
C MET B 150 -33.47 -22.07 -0.04
N VAL B 151 -34.79 -22.19 -0.18
CA VAL B 151 -35.67 -22.52 0.93
C VAL B 151 -35.90 -24.03 0.93
N ARG B 152 -36.34 -24.57 2.06
CA ARG B 152 -36.59 -26.00 2.14
C ARG B 152 -38.05 -26.29 1.83
N GLU B 153 -38.30 -27.43 1.18
CA GLU B 153 -39.65 -27.86 0.84
C GLU B 153 -39.62 -29.39 0.81
N GLY B 154 -40.01 -30.01 1.92
CA GLY B 154 -39.99 -31.45 2.00
C GLY B 154 -38.56 -31.89 2.30
N ASP B 155 -37.91 -32.50 1.30
CA ASP B 155 -36.53 -32.94 1.45
C ASP B 155 -35.68 -32.33 0.36
N ILE B 156 -36.24 -31.34 -0.32
CA ILE B 156 -35.55 -30.68 -1.40
C ILE B 156 -35.39 -29.20 -1.11
N LEU B 157 -34.34 -28.61 -1.68
CA LEU B 157 -34.09 -27.20 -1.49
C LEU B 157 -34.54 -26.46 -2.76
N LYS B 158 -35.81 -26.08 -2.77
CA LYS B 158 -36.40 -25.38 -3.91
C LYS B 158 -36.11 -23.88 -3.91
N CYS B 159 -35.40 -23.41 -4.93
CA CYS B 159 -35.07 -22.00 -5.06
C CYS B 159 -36.36 -21.20 -5.25
N PRO B 160 -36.53 -20.11 -4.47
CA PRO B 160 -37.72 -19.27 -4.55
C PRO B 160 -37.99 -18.55 -5.88
N GLU B 161 -36.95 -17.99 -6.50
CA GLU B 161 -37.12 -17.25 -7.74
C GLU B 161 -36.91 -18.06 -9.04
N CYS B 162 -35.80 -18.78 -9.15
CA CYS B 162 -35.53 -19.55 -10.36
C CYS B 162 -36.27 -20.89 -10.43
N GLY B 163 -36.72 -21.39 -9.29
CA GLY B 163 -37.46 -22.64 -9.26
C GLY B 163 -36.65 -23.93 -9.23
N ARG B 164 -35.40 -23.86 -9.67
CA ARG B 164 -34.53 -25.03 -9.68
C ARG B 164 -34.49 -25.71 -8.32
N VAL B 165 -34.41 -27.03 -8.31
CA VAL B 165 -34.34 -27.77 -7.07
C VAL B 165 -33.04 -28.55 -6.99
N GLU B 166 -32.50 -28.68 -5.77
CA GLU B 166 -31.26 -29.43 -5.55
C GLU B 166 -31.49 -30.39 -4.39
N LYS B 167 -30.71 -31.47 -4.37
CA LYS B 167 -30.82 -32.47 -3.32
C LYS B 167 -29.46 -32.69 -2.66
N ARG B 168 -29.39 -32.41 -1.36
CA ARG B 168 -28.17 -32.58 -0.60
C ARG B 168 -28.53 -32.84 0.86
N LYS B 169 -27.63 -33.50 1.59
CA LYS B 169 -27.86 -33.80 2.99
C LYS B 169 -28.23 -32.52 3.72
N ILE B 170 -29.47 -32.47 4.21
CA ILE B 170 -29.97 -31.30 4.90
C ILE B 170 -30.08 -31.50 6.40
N SER B 171 -29.70 -30.47 7.14
CA SER B 171 -29.76 -30.49 8.59
C SER B 171 -31.20 -30.20 9.00
N THR B 172 -31.58 -30.67 10.18
CA THR B 172 -32.92 -30.46 10.70
C THR B 172 -33.12 -29.01 11.13
N ASP B 173 -32.02 -28.25 11.15
CA ASP B 173 -32.07 -26.83 11.53
C ASP B 173 -31.89 -25.95 10.28
N TYR B 174 -32.10 -26.54 9.11
CA TYR B 174 -31.95 -25.80 7.87
C TYR B 174 -32.83 -24.56 7.84
N GLY B 175 -32.25 -23.43 7.44
CA GLY B 175 -33.01 -22.20 7.35
C GLY B 175 -33.51 -21.62 8.66
N LYS B 176 -33.22 -22.28 9.77
CA LYS B 176 -33.66 -21.81 11.07
C LYS B 176 -32.83 -20.65 11.60
N GLY B 177 -31.56 -20.59 11.20
CA GLY B 177 -30.68 -19.55 11.67
C GLY B 177 -30.06 -20.01 12.97
N GLU B 178 -30.30 -21.28 13.30
CA GLU B 178 -29.78 -21.88 14.52
C GLU B 178 -29.01 -23.15 14.18
N TRP B 179 -28.22 -23.63 15.15
CA TRP B 179 -27.46 -24.86 14.96
C TRP B 179 -26.99 -25.46 16.27
N MET C 1 -40.79 -1.45 -34.33
CA MET C 1 -39.33 -1.34 -34.06
C MET C 1 -38.94 -2.40 -33.03
N ARG C 2 -37.95 -3.21 -33.38
CA ARG C 2 -37.49 -4.28 -32.50
C ARG C 2 -36.58 -3.78 -31.38
N PHE C 3 -36.08 -2.55 -31.51
CA PHE C 3 -35.20 -1.98 -30.51
C PHE C 3 -35.76 -2.15 -29.10
N VAL C 4 -34.85 -2.33 -28.15
CA VAL C 4 -35.21 -2.55 -26.76
C VAL C 4 -34.12 -2.04 -25.81
N MET C 5 -34.54 -1.37 -24.73
CA MET C 5 -33.64 -0.85 -23.71
C MET C 5 -33.69 -1.81 -22.53
N PRO C 6 -32.62 -1.87 -21.73
CA PRO C 6 -32.65 -2.78 -20.58
C PRO C 6 -33.73 -2.28 -19.62
N GLY C 7 -34.57 -3.19 -19.14
CA GLY C 7 -35.64 -2.78 -18.26
C GLY C 7 -36.99 -2.88 -18.97
N ASP C 8 -36.98 -2.71 -20.30
CA ASP C 8 -38.21 -2.79 -21.09
C ASP C 8 -38.91 -4.15 -20.88
N ARG C 9 -40.22 -4.11 -20.71
CA ARG C 9 -41.01 -5.32 -20.48
C ARG C 9 -41.19 -6.10 -21.79
N ILE C 10 -40.82 -7.38 -21.77
CA ILE C 10 -40.94 -8.22 -22.96
C ILE C 10 -42.21 -9.07 -22.94
N GLY C 11 -42.74 -9.35 -21.75
CA GLY C 11 -43.94 -10.14 -21.66
C GLY C 11 -43.90 -11.06 -20.45
N SER C 12 -44.88 -11.95 -20.36
CA SER C 12 -44.95 -12.89 -19.24
C SER C 12 -43.97 -14.04 -19.42
N ALA C 13 -43.57 -14.63 -18.30
CA ALA C 13 -42.64 -15.75 -18.32
C ALA C 13 -43.32 -17.04 -18.78
N GLU C 14 -44.64 -17.00 -18.87
CA GLU C 14 -45.44 -18.16 -19.30
C GLU C 14 -45.31 -18.45 -20.79
N GLU C 15 -45.68 -17.45 -21.60
CA GLU C 15 -45.64 -17.59 -23.05
C GLU C 15 -44.23 -17.64 -23.63
N TYR C 16 -43.36 -16.74 -23.17
CA TYR C 16 -42.00 -16.69 -23.68
C TYR C 16 -40.99 -17.37 -22.76
N VAL C 17 -39.93 -17.89 -23.36
CA VAL C 17 -38.87 -18.56 -22.61
C VAL C 17 -37.60 -17.73 -22.56
N LYS C 18 -37.16 -17.39 -21.35
CA LYS C 18 -35.97 -16.60 -21.13
C LYS C 18 -34.81 -17.06 -22.02
N GLY C 19 -34.19 -16.09 -22.69
CA GLY C 19 -33.08 -16.39 -23.56
C GLY C 19 -31.98 -15.36 -23.30
N GLU C 20 -30.97 -15.34 -24.17
CA GLU C 20 -29.88 -14.39 -24.01
C GLU C 20 -30.34 -12.93 -24.03
N GLY C 21 -29.87 -12.16 -23.05
CA GLY C 21 -30.24 -10.75 -22.98
C GLY C 21 -31.59 -10.52 -22.33
N VAL C 22 -32.11 -11.54 -21.66
CA VAL C 22 -33.41 -11.47 -20.99
C VAL C 22 -33.34 -12.09 -19.60
N TYR C 23 -34.15 -11.56 -18.68
CA TYR C 23 -34.20 -12.10 -17.33
C TYR C 23 -35.64 -12.08 -16.84
N GLU C 24 -35.90 -12.83 -15.78
CA GLU C 24 -37.24 -12.91 -15.19
C GLU C 24 -37.26 -12.36 -13.79
N GLU C 25 -38.38 -11.71 -13.44
CA GLU C 25 -38.58 -11.14 -12.11
C GLU C 25 -40.07 -10.86 -11.95
N GLY C 26 -40.66 -11.46 -10.92
CA GLY C 26 -42.08 -11.27 -10.68
C GLY C 26 -42.87 -11.86 -11.82
N GLY C 27 -42.38 -12.98 -12.35
CA GLY C 27 -43.04 -13.66 -13.45
C GLY C 27 -43.04 -12.93 -14.78
N GLU C 28 -42.26 -11.87 -14.88
CA GLU C 28 -42.18 -11.08 -16.12
C GLU C 28 -40.79 -11.05 -16.74
N LEU C 29 -40.74 -11.06 -18.07
CA LEU C 29 -39.48 -11.03 -18.80
C LEU C 29 -39.13 -9.62 -19.28
N PHE C 30 -37.92 -9.18 -18.95
CA PHE C 30 -37.42 -7.88 -19.36
C PHE C 30 -36.06 -8.06 -20.05
N ALA C 31 -35.68 -7.07 -20.82
CA ALA C 31 -34.40 -7.10 -21.51
C ALA C 31 -33.35 -6.70 -20.48
N ALA C 32 -32.24 -7.43 -20.49
CA ALA C 32 -31.14 -7.14 -19.57
C ALA C 32 -30.15 -6.26 -20.33
N VAL C 33 -30.32 -6.19 -21.64
CA VAL C 33 -29.43 -5.42 -22.49
C VAL C 33 -30.18 -4.64 -23.56
N ALA C 34 -29.47 -3.72 -24.21
CA ALA C 34 -30.04 -2.92 -25.29
C ALA C 34 -29.74 -3.65 -26.59
N GLY C 35 -30.66 -3.56 -27.54
CA GLY C 35 -30.48 -4.22 -28.82
C GLY C 35 -31.77 -4.67 -29.44
N LYS C 36 -31.67 -5.52 -30.46
CA LYS C 36 -32.83 -6.04 -31.18
C LYS C 36 -33.52 -7.19 -30.44
N LEU C 37 -34.82 -7.07 -30.26
CA LEU C 37 -35.62 -8.09 -29.58
C LEU C 37 -36.08 -9.12 -30.62
N ILE C 38 -35.69 -10.38 -30.43
CA ILE C 38 -36.08 -11.43 -31.34
C ILE C 38 -36.87 -12.49 -30.59
N ILE C 39 -38.14 -12.69 -30.96
CA ILE C 39 -38.98 -13.68 -30.29
C ILE C 39 -39.28 -14.84 -31.23
N LYS C 40 -38.31 -15.75 -31.37
CA LYS C 40 -38.46 -16.90 -32.27
C LYS C 40 -38.61 -18.23 -31.54
N ASP C 41 -39.62 -19.01 -31.95
CA ASP C 41 -39.90 -20.30 -31.35
C ASP C 41 -40.03 -20.26 -29.83
N ARG C 42 -41.00 -19.47 -29.36
CA ARG C 42 -41.26 -19.31 -27.93
C ARG C 42 -40.12 -18.61 -27.19
N VAL C 43 -38.93 -18.62 -27.78
CA VAL C 43 -37.77 -18.01 -27.14
C VAL C 43 -37.55 -16.54 -27.44
N ALA C 44 -37.39 -15.76 -26.39
CA ALA C 44 -37.14 -14.34 -26.50
C ALA C 44 -35.70 -14.08 -26.15
N LYS C 45 -34.98 -13.39 -27.03
CA LYS C 45 -33.59 -13.06 -26.76
C LYS C 45 -33.33 -11.67 -27.30
N VAL C 46 -32.33 -11.01 -26.74
CA VAL C 46 -31.98 -9.66 -27.17
C VAL C 46 -30.57 -9.67 -27.73
N GLU C 47 -30.39 -9.15 -28.94
CA GLU C 47 -29.06 -9.08 -29.52
C GLU C 47 -28.41 -7.84 -28.95
N SER C 48 -27.56 -8.01 -27.95
CA SER C 48 -26.89 -6.89 -27.31
C SER C 48 -26.12 -6.01 -28.32
N ILE C 49 -26.23 -4.69 -28.15
CA ILE C 49 -25.51 -3.77 -29.04
C ILE C 49 -24.03 -3.77 -28.69
N SER C 50 -23.61 -4.82 -27.97
CA SER C 50 -22.22 -5.00 -27.56
C SER C 50 -22.11 -6.30 -26.78
N PRO C 51 -22.31 -7.43 -27.47
CA PRO C 51 -22.21 -8.72 -26.78
C PRO C 51 -20.92 -8.95 -26.03
N ILE C 52 -21.01 -9.79 -25.00
CA ILE C 52 -19.87 -10.17 -24.17
C ILE C 52 -19.58 -11.61 -24.59
N PRO C 53 -18.44 -11.82 -25.26
CA PRO C 53 -18.06 -13.15 -25.73
C PRO C 53 -18.10 -14.25 -24.69
N GLU C 54 -18.21 -15.48 -25.16
CA GLU C 54 -18.24 -16.65 -24.31
C GLU C 54 -17.63 -17.82 -25.08
N ILE C 55 -16.51 -18.31 -24.58
CA ILE C 55 -15.83 -19.43 -25.23
C ILE C 55 -16.71 -20.67 -25.07
N VAL C 56 -17.09 -21.28 -26.19
CA VAL C 56 -17.94 -22.46 -26.16
C VAL C 56 -17.37 -23.60 -26.99
N LYS C 57 -17.76 -24.82 -26.63
CA LYS C 57 -17.31 -26.02 -27.33
C LYS C 57 -17.44 -25.79 -28.83
N GLY C 58 -16.29 -25.71 -29.50
CA GLY C 58 -16.27 -25.50 -30.94
C GLY C 58 -15.63 -24.20 -31.41
N ASP C 59 -15.35 -23.28 -30.49
CA ASP C 59 -14.75 -22.00 -30.87
C ASP C 59 -13.23 -22.02 -31.00
N VAL C 60 -12.71 -21.08 -31.79
CA VAL C 60 -11.26 -20.96 -32.00
C VAL C 60 -10.76 -19.90 -31.01
N VAL C 61 -9.88 -20.32 -30.11
CA VAL C 61 -9.35 -19.40 -29.10
C VAL C 61 -7.83 -19.20 -29.15
N LEU C 62 -7.36 -18.10 -28.55
CA LEU C 62 -5.93 -17.78 -28.52
C LEU C 62 -5.45 -17.92 -27.09
N GLY C 63 -4.50 -18.82 -26.85
CA GLY C 63 -3.99 -19.02 -25.51
C GLY C 63 -2.48 -19.11 -25.39
N ARG C 64 -2.01 -19.17 -24.15
CA ARG C 64 -0.58 -19.28 -23.85
C ARG C 64 -0.37 -20.27 -22.72
N VAL C 65 0.52 -21.24 -22.95
CA VAL C 65 0.82 -22.25 -21.95
C VAL C 65 1.52 -21.63 -20.75
N VAL C 66 0.91 -21.78 -19.58
CA VAL C 66 1.47 -21.23 -18.35
C VAL C 66 2.34 -22.25 -17.61
N ASP C 67 2.07 -23.53 -17.83
CA ASP C 67 2.83 -24.59 -17.18
C ASP C 67 2.62 -25.91 -17.90
N LEU C 68 3.66 -26.75 -17.91
CA LEU C 68 3.60 -28.06 -18.57
C LEU C 68 3.80 -29.17 -17.54
N ARG C 69 3.14 -30.30 -17.76
CA ARG C 69 3.25 -31.44 -16.85
C ARG C 69 3.38 -32.78 -17.59
N ASN C 70 4.35 -32.84 -18.49
CA ASN C 70 4.67 -34.04 -19.29
C ASN C 70 3.50 -34.81 -19.89
N SER C 71 2.35 -34.17 -20.01
CA SER C 71 1.15 -34.81 -20.57
C SER C 71 0.08 -33.74 -20.66
N ILE C 72 -0.41 -33.35 -19.49
CA ILE C 72 -1.43 -32.33 -19.37
C ILE C 72 -0.74 -30.98 -19.46
N ALA C 73 -1.19 -30.13 -20.38
CA ALA C 73 -0.61 -28.81 -20.57
C ALA C 73 -1.63 -27.73 -20.21
N LEU C 74 -1.19 -26.74 -19.43
CA LEU C 74 -2.07 -25.64 -19.02
C LEU C 74 -1.89 -24.45 -19.94
N ILE C 75 -2.96 -24.11 -20.66
CA ILE C 75 -2.93 -22.99 -21.59
C ILE C 75 -3.88 -21.87 -21.14
N GLU C 76 -3.32 -20.69 -20.96
CA GLU C 76 -4.07 -19.52 -20.53
C GLU C 76 -4.88 -18.95 -21.69
N VAL C 77 -6.16 -19.30 -21.74
CA VAL C 77 -7.06 -18.81 -22.79
C VAL C 77 -7.36 -17.34 -22.54
N SER C 78 -7.01 -16.47 -23.48
CA SER C 78 -7.23 -15.04 -23.31
C SER C 78 -8.35 -14.40 -24.13
N SER C 79 -8.50 -14.81 -25.39
CA SER C 79 -9.55 -14.23 -26.23
C SER C 79 -10.11 -15.14 -27.32
N LYS C 80 -11.39 -14.94 -27.62
CA LYS C 80 -12.10 -15.71 -28.64
C LYS C 80 -11.98 -14.99 -29.98
N LYS C 81 -11.73 -15.76 -31.03
CA LYS C 81 -11.61 -15.19 -32.38
C LYS C 81 -12.99 -14.67 -32.76
N GLY C 82 -13.02 -13.59 -33.53
CA GLY C 82 -14.29 -13.03 -33.94
C GLY C 82 -14.66 -11.77 -33.17
N GLU C 83 -14.49 -11.79 -31.85
CA GLU C 83 -14.79 -10.64 -31.01
C GLU C 83 -13.55 -10.08 -30.32
N ASN C 84 -13.43 -8.75 -30.33
CA ASN C 84 -12.29 -8.10 -29.68
C ASN C 84 -12.46 -8.09 -28.17
N ARG C 85 -13.70 -8.04 -27.71
CA ARG C 85 -14.01 -8.03 -26.29
C ARG C 85 -13.51 -9.30 -25.60
N GLY C 86 -12.98 -9.14 -24.39
CA GLY C 86 -12.49 -10.28 -23.65
C GLY C 86 -13.68 -11.08 -23.16
N PRO C 87 -13.66 -12.41 -23.30
CA PRO C 87 -14.79 -13.23 -22.85
C PRO C 87 -15.00 -13.17 -21.34
N SER C 88 -16.16 -13.67 -20.90
CA SER C 88 -16.53 -13.68 -19.49
C SER C 88 -15.98 -14.90 -18.79
N ASN C 89 -15.89 -16.01 -19.53
CA ASN C 89 -15.38 -17.25 -18.98
C ASN C 89 -13.93 -17.50 -19.37
N ARG C 90 -13.09 -16.47 -19.23
CA ARG C 90 -11.67 -16.58 -19.53
C ARG C 90 -11.10 -17.42 -18.40
N GLY C 91 -9.90 -17.96 -18.60
CA GLY C 91 -9.30 -18.76 -17.56
C GLY C 91 -8.29 -19.76 -18.08
N ILE C 92 -8.06 -20.81 -17.31
CA ILE C 92 -7.10 -21.83 -17.69
C ILE C 92 -7.74 -22.98 -18.44
N GLY C 93 -7.14 -23.32 -19.58
CA GLY C 93 -7.64 -24.41 -20.39
C GLY C 93 -6.59 -25.50 -20.48
N ILE C 94 -7.03 -26.75 -20.40
CA ILE C 94 -6.12 -27.88 -20.45
C ILE C 94 -6.09 -28.57 -21.82
N LEU C 95 -4.88 -28.74 -22.35
CA LEU C 95 -4.67 -29.37 -23.64
C LEU C 95 -3.90 -30.68 -23.41
N HIS C 96 -4.55 -31.80 -23.68
CA HIS C 96 -3.92 -33.11 -23.49
C HIS C 96 -3.17 -33.54 -24.74
N VAL C 97 -2.27 -34.52 -24.58
CA VAL C 97 -1.47 -35.04 -25.70
C VAL C 97 -2.33 -35.68 -26.78
N SER C 98 -3.25 -36.55 -26.37
CA SER C 98 -4.13 -37.24 -27.32
C SER C 98 -4.71 -36.28 -28.36
N ASN C 99 -4.95 -35.04 -27.94
CA ASN C 99 -5.49 -34.02 -28.84
C ASN C 99 -4.41 -33.00 -29.16
N VAL C 100 -3.42 -33.40 -29.96
CA VAL C 100 -2.33 -32.51 -30.32
C VAL C 100 -2.00 -32.52 -31.82
N ASP C 101 -1.91 -33.69 -32.43
CA ASP C 101 -1.60 -33.78 -33.86
C ASP C 101 -2.15 -35.05 -34.49
N GLU C 102 -3.09 -35.68 -33.81
CA GLU C 102 -3.69 -36.92 -34.28
C GLU C 102 -2.59 -37.82 -34.81
N GLY C 103 -1.47 -37.77 -34.10
CA GLY C 103 -0.31 -38.58 -34.43
C GLY C 103 0.10 -39.27 -33.16
N TYR C 104 1.34 -39.70 -33.08
CA TYR C 104 1.83 -40.38 -31.88
C TYR C 104 3.07 -39.69 -31.33
N VAL C 105 2.88 -38.80 -30.37
CA VAL C 105 3.99 -38.06 -29.76
C VAL C 105 3.94 -38.16 -28.23
N LYS C 106 5.06 -38.53 -27.63
CA LYS C 106 5.17 -38.66 -26.18
C LYS C 106 5.53 -37.33 -25.53
N GLU C 107 5.66 -37.32 -24.21
CA GLU C 107 5.99 -36.09 -23.51
C GLU C 107 4.96 -35.03 -23.88
N ILE C 108 5.43 -33.95 -24.49
CA ILE C 108 4.58 -32.85 -24.91
C ILE C 108 5.45 -31.76 -25.54
N SER C 109 6.65 -31.61 -25.01
CA SER C 109 7.61 -30.62 -25.47
C SER C 109 7.82 -30.55 -26.97
N GLU C 110 7.58 -31.66 -27.68
CA GLU C 110 7.78 -31.70 -29.12
C GLU C 110 6.73 -30.93 -29.91
N ALA C 111 5.76 -30.34 -29.22
CA ALA C 111 4.71 -29.58 -29.88
C ALA C 111 4.39 -28.27 -29.18
N VAL C 112 4.21 -28.34 -27.86
CA VAL C 112 3.88 -27.16 -27.07
C VAL C 112 5.12 -26.33 -26.71
N GLY C 113 5.36 -26.16 -25.41
CA GLY C 113 6.50 -25.38 -24.96
C GLY C 113 6.14 -24.58 -23.73
N TYR C 114 6.88 -23.51 -23.46
CA TYR C 114 6.61 -22.67 -22.30
C TYR C 114 6.56 -21.19 -22.71
N LEU C 115 5.56 -20.47 -22.20
CA LEU C 115 5.37 -19.06 -22.50
C LEU C 115 5.13 -18.81 -23.98
N ASP C 116 5.05 -19.88 -24.75
CA ASP C 116 4.83 -19.76 -26.19
C ASP C 116 3.36 -19.50 -26.48
N ILE C 117 3.10 -18.54 -27.36
CA ILE C 117 1.74 -18.20 -27.73
C ILE C 117 1.20 -19.29 -28.64
N LEU C 118 0.04 -19.82 -28.28
CA LEU C 118 -0.60 -20.90 -29.02
C LEU C 118 -1.98 -20.52 -29.56
N LYS C 119 -2.50 -21.34 -30.47
CA LYS C 119 -3.81 -21.11 -31.08
C LYS C 119 -4.50 -22.46 -31.30
N ALA C 120 -5.29 -22.90 -30.34
CA ALA C 120 -5.98 -24.19 -30.45
C ALA C 120 -7.49 -24.01 -30.60
N ARG C 121 -8.22 -25.12 -30.47
CA ARG C 121 -9.67 -25.09 -30.57
C ARG C 121 -10.30 -25.57 -29.26
N VAL C 122 -11.58 -25.24 -29.07
CA VAL C 122 -12.29 -25.62 -27.86
C VAL C 122 -13.19 -26.84 -28.07
N ILE C 123 -13.06 -27.82 -27.17
CA ILE C 123 -13.87 -29.03 -27.19
C ILE C 123 -13.92 -29.61 -25.78
N GLY C 124 -14.94 -29.25 -25.02
CA GLY C 124 -15.07 -29.73 -23.66
C GLY C 124 -15.35 -28.59 -22.70
N ASP C 125 -16.44 -28.71 -21.95
CA ASP C 125 -16.85 -27.68 -21.00
C ASP C 125 -15.74 -27.10 -20.12
N ASN C 126 -14.67 -27.84 -19.91
CA ASN C 126 -13.56 -27.37 -19.08
C ASN C 126 -12.49 -26.71 -19.94
N LEU C 127 -12.92 -25.95 -20.95
CA LEU C 127 -12.00 -25.28 -21.87
C LEU C 127 -10.99 -26.29 -22.41
N ARG C 128 -11.41 -27.55 -22.48
CA ARG C 128 -10.55 -28.63 -22.96
C ARG C 128 -10.08 -28.33 -24.38
N LEU C 129 -8.83 -27.90 -24.50
CA LEU C 129 -8.25 -27.57 -25.79
C LEU C 129 -7.86 -28.79 -26.61
N SER C 130 -7.81 -28.60 -27.92
CA SER C 130 -7.46 -29.66 -28.85
C SER C 130 -6.89 -29.02 -30.11
N THR C 131 -5.80 -29.57 -30.62
CA THR C 131 -5.18 -29.05 -31.81
C THR C 131 -5.00 -30.18 -32.81
N LYS C 132 -5.78 -30.18 -33.88
CA LYS C 132 -5.70 -31.22 -34.87
C LYS C 132 -5.55 -30.60 -36.25
N GLU C 133 -6.34 -29.58 -36.51
CA GLU C 133 -6.32 -28.87 -37.79
C GLU C 133 -4.98 -28.18 -37.96
N GLU C 134 -4.52 -28.05 -39.20
CA GLU C 134 -3.23 -27.40 -39.47
C GLU C 134 -3.29 -25.89 -39.22
N GLU C 135 -4.50 -25.35 -39.10
CA GLU C 135 -4.65 -23.92 -38.86
C GLU C 135 -4.23 -23.62 -37.42
N MET C 136 -4.46 -24.58 -36.53
CA MET C 136 -4.10 -24.41 -35.12
C MET C 136 -2.62 -24.65 -34.90
N GLY C 137 -2.18 -24.57 -33.65
CA GLY C 137 -0.78 -24.78 -33.32
C GLY C 137 -0.04 -23.53 -32.88
N VAL C 138 1.15 -23.73 -32.29
CA VAL C 138 1.97 -22.63 -31.81
C VAL C 138 2.05 -21.53 -32.85
N LEU C 139 1.80 -20.29 -32.43
CA LEU C 139 1.81 -19.15 -33.35
C LEU C 139 3.07 -18.29 -33.17
N ARG C 140 3.76 -18.44 -32.05
CA ARG C 140 4.97 -17.67 -31.76
C ARG C 140 5.75 -18.34 -30.62
N ALA C 141 6.93 -18.84 -30.93
CA ALA C 141 7.79 -19.50 -29.95
C ALA C 141 9.11 -18.80 -29.70
N LEU C 142 9.73 -19.09 -28.56
CA LEU C 142 11.01 -18.50 -28.20
C LEU C 142 12.01 -19.58 -27.82
N CYS C 143 13.28 -19.33 -28.09
CA CYS C 143 14.32 -20.30 -27.75
C CYS C 143 14.52 -20.31 -26.23
N SER C 144 15.16 -21.37 -25.75
CA SER C 144 15.42 -21.49 -24.32
C SER C 144 16.78 -20.89 -23.98
N ASN C 145 17.68 -20.86 -24.95
CA ASN C 145 19.02 -20.34 -24.74
C ASN C 145 19.10 -18.81 -24.78
N CYS C 146 18.56 -18.19 -25.82
CA CYS C 146 18.58 -16.74 -25.95
C CYS C 146 17.23 -16.05 -25.75
N LYS C 147 16.18 -16.84 -25.57
CA LYS C 147 14.84 -16.31 -25.36
C LYS C 147 14.41 -15.42 -26.53
N THR C 148 15.24 -15.38 -27.57
CA THR C 148 14.96 -14.56 -28.75
C THR C 148 13.76 -15.09 -29.53
N GLU C 149 13.12 -14.20 -30.28
CA GLU C 149 11.97 -14.53 -31.11
C GLU C 149 12.41 -15.56 -32.16
N MET C 150 11.61 -16.60 -32.37
CA MET C 150 11.96 -17.61 -33.36
C MET C 150 11.27 -17.36 -34.69
N VAL C 151 12.05 -17.40 -35.76
CA VAL C 151 11.54 -17.18 -37.11
C VAL C 151 11.21 -18.53 -37.75
N ARG C 152 10.17 -18.56 -38.58
CA ARG C 152 9.80 -19.81 -39.24
C ARG C 152 10.65 -20.06 -40.47
N GLU C 153 11.26 -21.24 -40.51
CA GLU C 153 12.12 -21.62 -41.63
C GLU C 153 11.66 -22.98 -42.19
N GLY C 154 10.70 -22.93 -43.11
CA GLY C 154 10.19 -24.14 -43.71
C GLY C 154 9.26 -24.94 -42.81
N ASP C 155 9.64 -26.18 -42.53
CA ASP C 155 8.85 -27.06 -41.68
C ASP C 155 9.38 -27.06 -40.24
N ILE C 156 10.21 -26.08 -39.91
CA ILE C 156 10.77 -25.96 -38.58
C ILE C 156 10.89 -24.49 -38.17
N LEU C 157 11.12 -24.25 -36.88
CA LEU C 157 11.27 -22.90 -36.37
C LEU C 157 12.69 -22.70 -35.87
N LYS C 158 13.48 -21.99 -36.67
CA LYS C 158 14.88 -21.74 -36.33
C LYS C 158 15.05 -20.41 -35.61
N CYS C 159 16.22 -20.23 -34.98
CA CYS C 159 16.54 -19.00 -34.27
C CYS C 159 17.61 -18.23 -35.03
N PRO C 160 17.50 -16.90 -35.06
CA PRO C 160 18.48 -16.05 -35.76
C PRO C 160 19.81 -15.90 -35.03
N GLU C 161 19.75 -15.46 -33.77
CA GLU C 161 20.96 -15.25 -32.97
C GLU C 161 21.77 -16.53 -32.73
N CYS C 162 21.31 -17.38 -31.82
CA CYS C 162 22.02 -18.61 -31.48
C CYS C 162 22.10 -19.65 -32.60
N GLY C 163 21.01 -19.82 -33.33
CA GLY C 163 21.01 -20.80 -34.42
C GLY C 163 20.39 -22.14 -34.06
N ARG C 164 20.00 -22.31 -32.81
CA ARG C 164 19.38 -23.54 -32.34
C ARG C 164 18.03 -23.70 -33.03
N VAL C 165 17.89 -24.75 -33.83
CA VAL C 165 16.65 -25.01 -34.55
C VAL C 165 15.65 -25.77 -33.69
N GLU C 166 14.47 -25.20 -33.50
CA GLU C 166 13.43 -25.84 -32.69
C GLU C 166 12.27 -26.32 -33.56
N LYS C 167 11.74 -27.48 -33.21
CA LYS C 167 10.63 -28.09 -33.94
C LYS C 167 9.42 -28.28 -33.03
N ARG C 168 8.23 -28.07 -33.58
CA ARG C 168 6.98 -28.22 -32.85
C ARG C 168 5.80 -27.84 -33.74
N LYS C 169 4.64 -28.44 -33.48
CA LYS C 169 3.43 -28.18 -34.25
C LYS C 169 3.30 -26.71 -34.63
N ILE C 170 3.74 -26.36 -35.83
CA ILE C 170 3.66 -24.98 -36.28
C ILE C 170 2.25 -24.71 -36.83
N SER C 171 1.79 -23.49 -36.65
CA SER C 171 0.48 -23.07 -37.15
C SER C 171 0.76 -22.25 -38.41
N THR C 172 0.10 -22.58 -39.51
CA THR C 172 0.32 -21.86 -40.77
C THR C 172 0.34 -20.35 -40.61
N ASP C 173 -0.23 -19.84 -39.52
CA ASP C 173 -0.26 -18.40 -39.26
C ASP C 173 0.90 -17.92 -38.40
N TYR C 174 1.75 -18.86 -38.00
CA TYR C 174 2.92 -18.56 -37.17
C TYR C 174 3.76 -17.45 -37.77
N GLY C 175 3.97 -16.39 -37.00
CA GLY C 175 4.76 -15.28 -37.47
C GLY C 175 4.00 -14.30 -38.34
N LYS C 176 2.77 -14.64 -38.70
CA LYS C 176 1.94 -13.78 -39.54
C LYS C 176 1.32 -12.61 -38.79
N GLY C 177 1.34 -12.67 -37.47
CA GLY C 177 0.75 -11.59 -36.68
C GLY C 177 -0.76 -11.64 -36.79
N GLU C 178 -1.27 -12.81 -37.14
CA GLU C 178 -2.69 -13.03 -37.30
C GLU C 178 -3.01 -14.44 -36.81
N TRP C 179 -4.29 -14.73 -36.66
CA TRP C 179 -4.72 -16.05 -36.21
C TRP C 179 -6.19 -16.26 -36.50
N GLU D 9 -28.66 37.55 -2.79
CA GLU D 9 -29.18 38.33 -3.96
C GLU D 9 -30.71 38.27 -4.04
N LYS D 10 -31.19 37.25 -4.75
CA LYS D 10 -32.62 36.99 -4.98
C LYS D 10 -32.63 35.83 -5.98
N LEU D 11 -33.13 34.67 -5.56
CA LEU D 11 -33.13 33.49 -6.43
C LEU D 11 -34.27 33.37 -7.43
N ILE D 12 -35.48 33.73 -7.03
CA ILE D 12 -36.63 33.65 -7.92
C ILE D 12 -37.30 35.01 -8.09
N VAL D 13 -37.28 35.55 -9.30
CA VAL D 13 -37.92 36.83 -9.59
C VAL D 13 -38.93 36.67 -10.72
N ASP D 14 -40.21 36.70 -10.35
CA ASP D 14 -41.30 36.55 -11.30
C ASP D 14 -41.37 35.16 -11.93
N GLY D 15 -41.31 34.15 -11.08
CA GLY D 15 -41.38 32.78 -11.56
C GLY D 15 -40.20 32.30 -12.37
N LEU D 16 -39.20 33.15 -12.58
CA LEU D 16 -38.04 32.74 -13.35
C LEU D 16 -36.76 32.78 -12.55
N ARG D 17 -36.06 31.65 -12.53
CA ARG D 17 -34.81 31.53 -11.81
C ARG D 17 -33.80 32.41 -12.52
N LEU D 18 -32.63 32.56 -11.92
CA LEU D 18 -31.58 33.41 -12.48
C LEU D 18 -31.00 33.02 -13.84
N ASP D 19 -31.71 32.20 -14.61
CA ASP D 19 -31.21 31.82 -15.93
C ASP D 19 -32.37 31.68 -16.92
N GLY D 20 -33.58 31.88 -16.41
CA GLY D 20 -34.76 31.79 -17.24
C GLY D 20 -35.55 30.52 -17.11
N ARG D 21 -34.99 29.52 -16.44
CA ARG D 21 -35.70 28.26 -16.29
C ARG D 21 -36.84 28.36 -15.29
N LYS D 22 -37.82 27.48 -15.45
CA LYS D 22 -38.96 27.43 -14.55
C LYS D 22 -38.65 26.43 -13.44
N PHE D 23 -39.40 26.50 -12.35
CA PHE D 23 -39.18 25.61 -11.23
C PHE D 23 -39.03 24.16 -11.67
N ASP D 24 -39.77 23.77 -12.69
CA ASP D 24 -39.72 22.38 -13.15
C ASP D 24 -39.03 22.11 -14.50
N GLU D 25 -38.10 22.98 -14.88
CA GLU D 25 -37.40 22.82 -16.15
C GLU D 25 -35.94 22.40 -16.06
N LEU D 26 -35.59 21.29 -16.71
CA LEU D 26 -34.21 20.81 -16.73
C LEU D 26 -33.31 21.78 -17.47
N ARG D 27 -32.00 21.64 -17.25
CA ARG D 27 -31.02 22.48 -17.92
C ARG D 27 -30.74 21.76 -19.24
N PRO D 28 -30.26 22.48 -20.26
CA PRO D 28 -29.98 21.81 -21.55
C PRO D 28 -29.04 20.62 -21.41
N ILE D 29 -29.54 19.44 -21.79
CA ILE D 29 -28.80 18.19 -21.72
C ILE D 29 -28.30 17.74 -23.09
N LYS D 30 -27.25 16.91 -23.09
CA LYS D 30 -26.69 16.35 -24.31
C LYS D 30 -26.10 15.02 -23.89
N ILE D 31 -26.24 13.99 -24.72
CA ILE D 31 -25.72 12.66 -24.39
C ILE D 31 -25.21 12.01 -25.67
N GLU D 32 -24.04 11.38 -25.58
CA GLU D 32 -23.43 10.74 -26.73
C GLU D 32 -22.81 9.43 -26.25
N ALA D 33 -23.15 8.32 -26.88
CA ALA D 33 -22.59 7.03 -26.49
C ALA D 33 -21.39 6.66 -27.38
N SER D 34 -20.60 5.67 -26.93
CA SER D 34 -19.39 5.21 -27.63
C SER D 34 -18.53 6.38 -28.09
N VAL D 35 -17.88 7.03 -27.14
CA VAL D 35 -17.05 8.18 -27.43
C VAL D 35 -15.57 7.88 -27.23
N LEU D 36 -15.29 6.77 -26.55
CA LEU D 36 -13.92 6.34 -26.28
C LEU D 36 -13.64 5.04 -27.00
N LYS D 37 -12.59 5.03 -27.82
CA LYS D 37 -12.18 3.86 -28.57
C LYS D 37 -11.64 2.77 -27.66
N ARG D 38 -10.81 3.17 -26.70
CA ARG D 38 -10.21 2.23 -25.76
C ARG D 38 -11.08 2.12 -24.52
N ALA D 39 -12.18 1.39 -24.64
CA ALA D 39 -13.11 1.21 -23.52
C ALA D 39 -14.27 0.35 -23.98
N ASP D 40 -14.72 -0.55 -23.12
CA ASP D 40 -15.81 -1.44 -23.45
C ASP D 40 -17.11 -0.65 -23.62
N GLY D 41 -17.24 0.43 -22.86
CA GLY D 41 -18.42 1.26 -22.94
C GLY D 41 -18.06 2.64 -22.48
N SER D 42 -18.66 3.67 -23.08
CA SER D 42 -18.38 5.03 -22.69
C SER D 42 -19.57 5.91 -22.98
N CYS D 43 -19.43 7.20 -22.66
CA CYS D 43 -20.50 8.15 -22.89
C CYS D 43 -20.11 9.55 -22.46
N TYR D 44 -20.34 10.54 -23.32
CA TYR D 44 -20.06 11.93 -22.97
C TYR D 44 -21.44 12.49 -22.66
N LEU D 45 -21.58 13.15 -21.51
CA LEU D 45 -22.86 13.70 -21.07
C LEU D 45 -22.67 15.15 -20.67
N GLU D 46 -23.72 15.93 -20.85
CA GLU D 46 -23.70 17.33 -20.47
C GLU D 46 -25.01 17.64 -19.75
N MET D 47 -24.93 18.45 -18.71
CA MET D 47 -26.10 18.85 -17.95
C MET D 47 -25.83 20.28 -17.52
N GLY D 48 -26.34 21.22 -18.28
CA GLY D 48 -26.08 22.61 -17.95
C GLY D 48 -24.59 22.76 -18.18
N LYS D 49 -23.92 23.53 -17.33
CA LYS D 49 -22.49 23.73 -17.48
C LYS D 49 -21.69 22.46 -17.20
N ASN D 50 -22.31 21.42 -16.66
CA ASN D 50 -21.61 20.18 -16.36
C ASN D 50 -21.19 19.44 -17.62
N LYS D 51 -19.91 19.13 -17.74
CA LYS D 51 -19.40 18.37 -18.88
C LYS D 51 -18.76 17.15 -18.25
N VAL D 52 -19.39 16.00 -18.47
CA VAL D 52 -18.93 14.74 -17.88
C VAL D 52 -18.60 13.65 -18.87
N ILE D 53 -17.75 12.71 -18.47
CA ILE D 53 -17.39 11.62 -19.36
C ILE D 53 -17.23 10.31 -18.58
N ALA D 54 -18.00 9.31 -18.95
CA ALA D 54 -17.93 8.03 -18.27
C ALA D 54 -17.28 6.98 -19.15
N ALA D 55 -16.60 6.05 -18.51
CA ALA D 55 -15.95 4.96 -19.22
C ALA D 55 -16.19 3.71 -18.40
N VAL D 56 -16.43 2.59 -19.08
CA VAL D 56 -16.66 1.35 -18.40
C VAL D 56 -15.74 0.29 -18.95
N PHE D 57 -15.17 -0.51 -18.05
CA PHE D 57 -14.29 -1.57 -18.50
C PHE D 57 -14.88 -2.89 -18.07
N GLY D 58 -15.60 -3.46 -19.03
CA GLY D 58 -16.35 -4.71 -18.95
C GLY D 58 -15.90 -5.80 -18.03
N PRO D 59 -16.75 -6.82 -17.85
CA PRO D 59 -16.47 -7.96 -16.97
C PRO D 59 -15.10 -8.56 -17.21
N ARG D 60 -14.12 -8.04 -16.48
CA ARG D 60 -12.76 -8.52 -16.58
C ARG D 60 -12.33 -9.12 -15.25
N GLU D 61 -11.11 -9.63 -15.20
CA GLU D 61 -10.57 -10.24 -14.00
C GLU D 61 -9.99 -9.22 -13.03
N VAL D 62 -10.46 -9.27 -11.78
CA VAL D 62 -9.95 -8.38 -10.74
C VAL D 62 -8.58 -8.96 -10.37
N HIS D 63 -7.51 -8.27 -10.78
CA HIS D 63 -6.16 -8.76 -10.55
C HIS D 63 -5.72 -9.04 -9.11
N PRO D 64 -5.87 -8.07 -8.19
CA PRO D 64 -5.43 -8.42 -6.82
C PRO D 64 -6.40 -9.46 -6.25
N ARG D 65 -6.08 -10.73 -6.48
CA ARG D 65 -6.88 -11.89 -6.06
C ARG D 65 -7.71 -11.77 -4.78
N HIS D 66 -7.22 -10.99 -3.81
CA HIS D 66 -7.94 -10.83 -2.54
C HIS D 66 -9.27 -10.09 -2.66
N LEU D 67 -9.37 -9.18 -3.61
CA LEU D 67 -10.60 -8.43 -3.83
C LEU D 67 -11.57 -9.16 -4.76
N GLN D 68 -11.36 -10.47 -4.90
CA GLN D 68 -12.20 -11.29 -5.77
C GLN D 68 -13.41 -11.84 -5.02
N ASP D 69 -14.50 -12.12 -5.74
CA ASP D 69 -15.73 -12.65 -5.14
C ASP D 69 -16.14 -13.89 -5.93
N PRO D 70 -16.19 -15.05 -5.26
CA PRO D 70 -16.54 -16.33 -5.89
C PRO D 70 -17.96 -16.52 -6.42
N SER D 71 -18.87 -15.60 -6.13
CA SER D 71 -20.25 -15.75 -6.58
C SER D 71 -20.77 -14.64 -7.50
N LYS D 72 -20.19 -13.46 -7.37
CA LYS D 72 -20.60 -12.29 -8.14
C LYS D 72 -19.42 -11.37 -8.46
N ALA D 73 -19.59 -10.51 -9.46
CA ALA D 73 -18.53 -9.58 -9.85
C ALA D 73 -18.55 -8.43 -8.87
N ILE D 74 -17.41 -7.76 -8.70
CA ILE D 74 -17.39 -6.63 -7.81
C ILE D 74 -17.60 -5.44 -8.71
N ILE D 75 -18.21 -4.40 -8.17
CA ILE D 75 -18.45 -3.20 -8.94
C ILE D 75 -17.62 -2.09 -8.33
N ARG D 76 -16.89 -1.36 -9.16
CA ARG D 76 -16.10 -0.25 -8.65
C ARG D 76 -16.48 1.00 -9.41
N TYR D 77 -16.63 2.10 -8.69
CA TYR D 77 -17.03 3.35 -9.30
C TYR D 77 -16.13 4.48 -8.80
N ARG D 78 -15.45 5.15 -9.72
CA ARG D 78 -14.58 6.24 -9.32
C ARG D 78 -15.00 7.60 -9.88
N TYR D 79 -15.52 8.45 -9.00
CA TYR D 79 -15.96 9.78 -9.39
C TYR D 79 -14.78 10.71 -9.18
N ASN D 80 -14.25 11.29 -10.26
CA ASN D 80 -13.11 12.16 -10.13
C ASN D 80 -13.29 13.51 -10.84
N MET D 81 -12.87 14.60 -10.20
CA MET D 81 -12.99 15.91 -10.82
C MET D 81 -11.62 16.32 -11.35
N ALA D 82 -11.59 16.86 -12.56
CA ALA D 82 -10.33 17.29 -13.13
C ALA D 82 -9.97 18.59 -12.43
N PRO D 83 -8.68 18.89 -12.29
CA PRO D 83 -8.30 20.13 -11.62
C PRO D 83 -8.80 21.41 -12.27
N PHE D 84 -9.29 21.29 -13.51
CA PHE D 84 -9.81 22.47 -14.22
C PHE D 84 -11.34 22.49 -14.32
N SER D 85 -12.00 21.56 -13.63
CA SER D 85 -13.45 21.49 -13.67
C SER D 85 -14.14 22.52 -12.78
N VAL D 86 -13.47 22.96 -11.73
CA VAL D 86 -14.07 23.93 -10.84
C VAL D 86 -13.51 25.34 -11.02
N GLU D 87 -14.15 26.31 -10.37
CA GLU D 87 -13.77 27.72 -10.44
C GLU D 87 -12.35 27.99 -9.95
N GLU D 88 -11.96 27.32 -8.87
CA GLU D 88 -10.62 27.47 -8.29
C GLU D 88 -9.89 26.13 -8.46
N ARG D 89 -8.88 26.10 -9.32
CA ARG D 89 -8.12 24.88 -9.59
C ARG D 89 -8.04 23.97 -8.37
N LYS D 90 -8.61 22.77 -8.50
CA LYS D 90 -8.62 21.81 -7.40
C LYS D 90 -7.52 20.76 -7.50
N ARG D 91 -6.76 20.61 -6.42
CA ARG D 91 -5.68 19.64 -6.35
C ARG D 91 -6.19 18.27 -6.81
N PRO D 92 -5.50 17.66 -7.79
CA PRO D 92 -5.89 16.35 -8.33
C PRO D 92 -5.90 15.23 -7.29
N GLY D 93 -6.77 14.24 -7.51
CA GLY D 93 -6.83 13.12 -6.58
C GLY D 93 -8.08 13.01 -5.73
N PRO D 94 -8.27 11.88 -5.05
CA PRO D 94 -9.41 11.61 -4.17
C PRO D 94 -9.63 12.60 -3.04
N ASP D 95 -10.85 13.09 -2.97
CA ASP D 95 -11.29 14.04 -1.96
C ASP D 95 -12.18 13.20 -1.04
N ARG D 96 -12.54 13.73 0.13
CA ARG D 96 -13.42 12.97 1.02
C ARG D 96 -14.79 12.98 0.36
N ARG D 97 -15.10 14.09 -0.30
CA ARG D 97 -16.37 14.26 -1.02
C ARG D 97 -16.40 13.26 -2.18
N SER D 98 -15.29 13.17 -2.91
CA SER D 98 -15.17 12.25 -4.03
C SER D 98 -15.34 10.81 -3.58
N ILE D 99 -14.66 10.45 -2.49
CA ILE D 99 -14.75 9.11 -1.97
C ILE D 99 -16.21 8.81 -1.67
N GLU D 100 -16.88 9.78 -1.06
CA GLU D 100 -18.29 9.64 -0.70
C GLU D 100 -19.16 9.43 -1.95
N ILE D 101 -19.03 10.33 -2.93
CA ILE D 101 -19.79 10.24 -4.16
C ILE D 101 -19.54 8.93 -4.91
N SER D 102 -18.34 8.39 -4.75
CA SER D 102 -17.98 7.14 -5.43
C SER D 102 -18.58 5.97 -4.73
N LYS D 103 -18.72 6.07 -3.41
CA LYS D 103 -19.29 5.00 -2.62
C LYS D 103 -20.78 4.87 -2.92
N VAL D 104 -21.48 5.99 -2.87
CA VAL D 104 -22.91 5.99 -3.12
C VAL D 104 -23.24 5.73 -4.59
N SER D 105 -22.41 6.25 -5.50
CA SER D 105 -22.61 6.03 -6.93
C SER D 105 -22.47 4.55 -7.28
N LYS D 106 -21.52 3.89 -6.62
CA LYS D 106 -21.28 2.47 -6.83
C LYS D 106 -22.42 1.64 -6.23
N GLU D 107 -23.10 2.21 -5.25
CA GLU D 107 -24.18 1.49 -4.59
C GLU D 107 -25.47 1.51 -5.41
N ALA D 108 -25.63 2.54 -6.24
CA ALA D 108 -26.78 2.65 -7.10
C ALA D 108 -26.73 1.60 -8.21
N PHE D 109 -25.52 1.24 -8.64
CA PHE D 109 -25.39 0.25 -9.71
C PHE D 109 -25.27 -1.16 -9.17
N GLU D 110 -24.91 -1.27 -7.91
CA GLU D 110 -24.75 -2.57 -7.28
C GLU D 110 -26.10 -3.28 -7.22
N ALA D 111 -27.16 -2.50 -7.16
CA ALA D 111 -28.51 -3.05 -7.09
C ALA D 111 -29.07 -3.36 -8.48
N VAL D 112 -28.56 -2.63 -9.46
CA VAL D 112 -28.98 -2.75 -10.84
C VAL D 112 -28.23 -3.77 -11.69
N ILE D 113 -26.91 -3.79 -11.57
CA ILE D 113 -26.10 -4.72 -12.36
C ILE D 113 -26.32 -6.17 -11.91
N MET D 114 -26.39 -7.06 -12.88
CA MET D 114 -26.58 -8.49 -12.60
C MET D 114 -25.19 -9.11 -12.44
N LYS D 115 -24.42 -8.54 -11.55
CA LYS D 115 -23.06 -8.97 -11.26
C LYS D 115 -22.89 -10.47 -10.99
N GLU D 116 -24.00 -11.16 -10.74
CA GLU D 116 -23.94 -12.60 -10.44
C GLU D 116 -23.61 -13.43 -11.69
N LEU D 117 -23.72 -12.82 -12.86
CA LEU D 117 -23.44 -13.51 -14.11
C LEU D 117 -21.94 -13.63 -14.37
N PHE D 118 -21.16 -12.75 -13.74
CA PHE D 118 -19.71 -12.75 -13.91
C PHE D 118 -18.95 -12.90 -12.60
N PRO D 119 -18.90 -14.11 -12.05
CA PRO D 119 -18.19 -14.35 -10.80
C PRO D 119 -16.69 -14.11 -10.99
N ARG D 120 -16.02 -13.77 -9.89
CA ARG D 120 -14.58 -13.54 -9.90
C ARG D 120 -14.15 -12.35 -10.75
N SER D 121 -15.06 -11.81 -11.55
CA SER D 121 -14.73 -10.68 -12.41
C SER D 121 -14.98 -9.32 -11.76
N ALA D 122 -14.75 -8.27 -12.54
CA ALA D 122 -14.92 -6.92 -12.05
C ALA D 122 -15.37 -6.00 -13.19
N ILE D 123 -16.34 -5.16 -12.89
CA ILE D 123 -16.84 -4.20 -13.86
C ILE D 123 -16.51 -2.87 -13.21
N ASP D 124 -15.58 -2.15 -13.81
CA ASP D 124 -15.14 -0.88 -13.24
C ASP D 124 -15.71 0.32 -13.98
N ILE D 125 -16.32 1.23 -13.22
CA ILE D 125 -16.92 2.42 -13.79
C ILE D 125 -16.04 3.61 -13.46
N PHE D 126 -15.69 4.39 -14.47
CA PHE D 126 -14.86 5.58 -14.28
C PHE D 126 -15.57 6.79 -14.83
N VAL D 127 -15.89 7.74 -13.97
CA VAL D 127 -16.54 8.92 -14.48
C VAL D 127 -15.65 10.10 -14.18
N GLU D 128 -15.55 11.02 -15.13
CA GLU D 128 -14.67 12.17 -14.97
C GLU D 128 -15.37 13.47 -15.31
N VAL D 129 -15.46 14.39 -14.36
CA VAL D 129 -16.08 15.67 -14.64
C VAL D 129 -15.01 16.65 -15.09
N LEU D 130 -15.09 17.02 -16.36
CA LEU D 130 -14.15 17.95 -16.97
C LEU D 130 -14.55 19.37 -16.66
N GLN D 131 -15.84 19.59 -16.46
CA GLN D 131 -16.33 20.91 -16.10
C GLN D 131 -17.41 20.71 -15.07
N ALA D 132 -17.27 21.40 -13.95
CA ALA D 132 -18.25 21.24 -12.89
C ALA D 132 -19.20 22.39 -12.66
N ASP D 133 -20.41 22.02 -12.27
CA ASP D 133 -21.44 22.97 -11.91
C ASP D 133 -22.26 22.16 -10.92
N ALA D 134 -23.39 22.68 -10.45
CA ALA D 134 -24.18 21.90 -9.50
C ALA D 134 -24.73 20.65 -10.17
N GLY D 135 -24.82 19.55 -9.42
CA GLY D 135 -25.37 18.33 -9.98
C GLY D 135 -24.45 17.35 -10.68
N SER D 136 -23.15 17.66 -10.80
CA SER D 136 -22.22 16.75 -11.49
C SER D 136 -22.37 15.30 -11.02
N ARG D 137 -22.72 15.13 -9.76
CA ARG D 137 -22.92 13.82 -9.17
C ARG D 137 -23.98 13.05 -9.94
N THR D 138 -25.07 13.74 -10.28
CA THR D 138 -26.17 13.11 -11.02
C THR D 138 -25.83 12.96 -12.50
N ALA D 139 -25.09 13.92 -13.04
CA ALA D 139 -24.67 13.86 -14.43
C ALA D 139 -23.87 12.58 -14.60
N CYS D 140 -22.87 12.39 -13.75
CA CYS D 140 -22.02 11.20 -13.80
C CYS D 140 -22.82 9.90 -13.75
N LEU D 141 -23.85 9.86 -12.94
CA LEU D 141 -24.65 8.65 -12.85
C LEU D 141 -25.39 8.41 -14.17
N ASN D 142 -26.00 9.46 -14.71
CA ASN D 142 -26.68 9.33 -15.99
C ASN D 142 -25.64 8.86 -17.00
N ALA D 143 -24.51 9.57 -17.04
CA ALA D 143 -23.43 9.24 -17.96
C ALA D 143 -22.95 7.79 -17.77
N ALA D 144 -22.80 7.35 -16.53
CA ALA D 144 -22.34 5.99 -16.28
C ALA D 144 -23.35 4.93 -16.73
N SER D 145 -24.64 5.20 -16.54
CA SER D 145 -25.67 4.23 -16.93
C SER D 145 -25.66 4.06 -18.44
N VAL D 146 -25.42 5.14 -19.17
CA VAL D 146 -25.36 5.04 -20.62
C VAL D 146 -24.16 4.16 -20.96
N ALA D 147 -22.99 4.56 -20.46
CA ALA D 147 -21.75 3.82 -20.70
C ALA D 147 -21.90 2.33 -20.35
N LEU D 148 -22.67 2.02 -19.32
CA LEU D 148 -22.89 0.62 -18.96
C LEU D 148 -23.69 -0.12 -20.02
N VAL D 149 -24.71 0.53 -20.59
CA VAL D 149 -25.51 -0.11 -21.63
C VAL D 149 -24.65 -0.24 -22.90
N ASP D 150 -23.92 0.82 -23.21
CA ASP D 150 -23.03 0.82 -24.37
C ASP D 150 -22.04 -0.35 -24.27
N ALA D 151 -21.60 -0.63 -23.05
CA ALA D 151 -20.67 -1.73 -22.77
C ALA D 151 -21.45 -3.04 -22.77
N GLY D 152 -22.77 -2.92 -22.75
CA GLY D 152 -23.61 -4.11 -22.76
C GLY D 152 -23.62 -4.95 -21.50
N VAL D 153 -23.29 -4.39 -20.34
CA VAL D 153 -23.32 -5.22 -19.13
C VAL D 153 -24.77 -5.33 -18.67
N PRO D 154 -25.22 -6.57 -18.41
CA PRO D 154 -26.60 -6.84 -17.96
C PRO D 154 -27.05 -6.03 -16.76
N MET D 155 -28.23 -5.45 -16.87
CA MET D 155 -28.81 -4.62 -15.82
C MET D 155 -30.31 -4.89 -15.72
N LYS D 156 -30.89 -4.56 -14.57
CA LYS D 156 -32.33 -4.76 -14.37
C LYS D 156 -33.06 -3.66 -15.12
N GLY D 157 -32.38 -2.54 -15.33
CA GLY D 157 -32.96 -1.42 -16.01
C GLY D 157 -31.97 -0.27 -16.03
N MET D 158 -32.44 0.94 -16.30
CA MET D 158 -31.55 2.08 -16.34
C MET D 158 -31.50 2.87 -15.04
N ILE D 159 -30.49 3.71 -14.91
CA ILE D 159 -30.33 4.57 -13.75
C ILE D 159 -30.37 5.98 -14.27
N THR D 160 -31.37 6.71 -13.82
CA THR D 160 -31.51 8.10 -14.23
C THR D 160 -31.34 8.90 -12.96
N SER D 161 -30.79 10.09 -13.07
CA SER D 161 -30.54 10.86 -11.88
C SER D 161 -30.73 12.37 -12.01
N VAL D 162 -31.34 12.97 -10.99
CA VAL D 162 -31.56 14.41 -10.95
C VAL D 162 -31.57 14.85 -9.49
N ALA D 163 -31.31 16.14 -9.28
CA ALA D 163 -31.34 16.69 -7.95
C ALA D 163 -32.44 17.73 -7.96
N VAL D 164 -33.10 17.89 -6.81
CA VAL D 164 -34.14 18.87 -6.68
C VAL D 164 -33.63 19.85 -5.65
N GLY D 165 -33.67 21.13 -5.97
CA GLY D 165 -33.22 22.11 -5.01
C GLY D 165 -34.41 22.79 -4.38
N LYS D 166 -34.14 23.91 -3.73
CA LYS D 166 -35.17 24.68 -3.10
C LYS D 166 -34.61 26.08 -2.99
N ALA D 167 -35.24 27.02 -3.70
CA ALA D 167 -34.80 28.40 -3.69
C ALA D 167 -35.97 29.29 -3.28
N ASP D 168 -35.67 30.32 -2.51
CA ASP D 168 -36.71 31.24 -2.05
C ASP D 168 -37.97 30.51 -1.62
N GLY D 169 -37.79 29.37 -0.94
CA GLY D 169 -38.93 28.62 -0.47
C GLY D 169 -39.58 27.74 -1.51
N GLN D 170 -39.18 27.90 -2.77
CA GLN D 170 -39.77 27.10 -3.83
C GLN D 170 -38.89 25.97 -4.36
N LEU D 171 -39.49 24.79 -4.46
CA LEU D 171 -38.80 23.61 -4.98
C LEU D 171 -38.44 23.80 -6.46
N VAL D 172 -37.19 23.49 -6.83
CA VAL D 172 -36.80 23.62 -8.23
C VAL D 172 -36.09 22.37 -8.72
N LEU D 173 -36.26 22.06 -10.00
CA LEU D 173 -35.66 20.88 -10.59
C LEU D 173 -34.29 21.17 -11.15
N ASP D 174 -33.38 20.20 -11.00
CA ASP D 174 -32.02 20.32 -11.53
C ASP D 174 -31.37 21.63 -11.15
N PRO D 175 -31.06 21.84 -9.85
CA PRO D 175 -30.44 23.10 -9.44
C PRO D 175 -29.06 23.44 -10.02
N MET D 176 -28.84 24.73 -10.20
CA MET D 176 -27.57 25.25 -10.74
C MET D 176 -26.69 25.68 -9.56
N LYS D 177 -25.44 26.03 -9.86
CA LYS D 177 -24.51 26.43 -8.81
C LYS D 177 -25.07 27.41 -7.77
N GLU D 178 -25.64 28.51 -8.23
CA GLU D 178 -26.17 29.52 -7.33
C GLU D 178 -27.35 29.11 -6.45
N GLU D 179 -28.18 28.20 -6.95
CA GLU D 179 -29.33 27.74 -6.18
C GLU D 179 -28.85 26.65 -5.23
N ASP D 180 -27.65 26.17 -5.51
CA ASP D 180 -27.04 25.14 -4.70
C ASP D 180 -26.19 25.76 -3.59
N ASN D 181 -25.67 26.95 -3.85
CA ASN D 181 -24.86 27.65 -2.86
C ASN D 181 -25.73 28.56 -2.00
N PHE D 182 -26.78 29.14 -2.58
CA PHE D 182 -27.64 30.04 -1.82
C PHE D 182 -29.06 29.52 -1.57
N GLY D 183 -29.37 28.32 -2.04
CA GLY D 183 -30.68 27.76 -1.82
C GLY D 183 -30.87 27.32 -0.37
N GLU D 184 -31.97 26.65 -0.06
CA GLU D 184 -32.21 26.19 1.30
C GLU D 184 -32.12 24.67 1.40
N ALA D 185 -31.84 24.02 0.28
CA ALA D 185 -31.72 22.58 0.25
C ALA D 185 -31.34 22.06 -1.12
N ASP D 186 -30.76 20.86 -1.15
CA ASP D 186 -30.34 20.22 -2.38
C ASP D 186 -30.54 18.73 -2.17
N MET D 187 -31.25 18.07 -3.08
CA MET D 187 -31.52 16.65 -2.90
C MET D 187 -31.33 15.77 -4.13
N PRO D 188 -30.11 15.24 -4.32
CA PRO D 188 -29.80 14.37 -5.46
C PRO D 188 -30.58 13.07 -5.38
N PHE D 189 -31.11 12.63 -6.52
CA PHE D 189 -31.88 11.40 -6.61
C PHE D 189 -31.37 10.59 -7.78
N ALA D 190 -31.61 9.30 -7.73
CA ALA D 190 -31.28 8.44 -8.85
C ALA D 190 -32.35 7.37 -8.74
N PHE D 191 -33.01 7.08 -9.86
CA PHE D 191 -34.05 6.07 -9.89
C PHE D 191 -33.75 4.95 -10.87
N LEU D 192 -34.38 3.81 -10.63
CA LEU D 192 -34.27 2.68 -11.53
C LEU D 192 -35.48 2.85 -12.46
N ILE D 193 -35.24 2.90 -13.77
CA ILE D 193 -36.35 2.99 -14.72
C ILE D 193 -36.51 1.61 -15.29
N ARG D 194 -37.70 1.05 -15.17
CA ARG D 194 -37.96 -0.29 -15.68
C ARG D 194 -39.30 -0.23 -16.41
N ASN D 195 -39.27 -0.40 -17.72
CA ASN D 195 -40.49 -0.37 -18.51
C ASN D 195 -40.96 1.07 -18.63
N GLY D 196 -40.03 1.95 -18.92
CA GLY D 196 -40.36 3.37 -19.06
C GLY D 196 -41.05 4.01 -17.88
N LYS D 197 -40.82 3.50 -16.67
CA LYS D 197 -41.45 4.07 -15.49
C LYS D 197 -40.62 3.96 -14.21
N ILE D 198 -40.54 5.07 -13.46
CA ILE D 198 -39.81 5.09 -12.19
C ILE D 198 -40.33 3.93 -11.36
N GLU D 199 -39.42 3.11 -10.84
CA GLU D 199 -39.82 1.96 -10.05
C GLU D 199 -39.36 2.10 -8.60
N SER D 200 -38.09 2.41 -8.43
CA SER D 200 -37.53 2.60 -7.09
C SER D 200 -36.39 3.60 -7.10
N ILE D 201 -35.90 3.96 -5.92
CA ILE D 201 -34.82 4.92 -5.82
C ILE D 201 -33.52 4.14 -5.64
N ALA D 202 -32.50 4.55 -6.37
CA ALA D 202 -31.20 3.91 -6.29
C ALA D 202 -30.29 4.78 -5.43
N LEU D 203 -30.44 6.09 -5.57
CA LEU D 203 -29.64 7.04 -4.81
C LEU D 203 -30.46 8.19 -4.25
N LEU D 204 -30.37 8.36 -2.93
CA LEU D 204 -31.09 9.43 -2.27
C LEU D 204 -30.20 10.11 -1.25
N GLN D 205 -30.04 11.41 -1.39
CA GLN D 205 -29.23 12.21 -0.48
C GLN D 205 -29.81 13.61 -0.38
N MET D 206 -29.81 14.21 0.81
CA MET D 206 -30.33 15.56 0.94
C MET D 206 -29.63 16.38 2.01
N ASP D 207 -29.47 17.67 1.73
CA ASP D 207 -28.82 18.58 2.64
C ASP D 207 -29.57 19.90 2.60
N GLY D 208 -29.92 20.40 3.78
CA GLY D 208 -30.63 21.67 3.85
C GLY D 208 -31.73 21.61 4.90
N ARG D 209 -32.83 22.27 4.61
CA ARG D 209 -33.95 22.29 5.51
C ARG D 209 -35.22 22.21 4.69
N MET D 210 -35.98 21.13 4.89
CA MET D 210 -37.22 20.90 4.16
C MET D 210 -38.25 20.28 5.09
N THR D 211 -39.53 20.55 4.82
CA THR D 211 -40.59 19.97 5.64
C THR D 211 -40.93 18.57 5.12
N ARG D 212 -41.58 17.77 5.96
CA ARG D 212 -41.96 16.42 5.56
C ARG D 212 -42.71 16.49 4.21
N ASP D 213 -43.60 17.48 4.07
CA ASP D 213 -44.36 17.67 2.84
C ASP D 213 -43.47 18.00 1.66
N GLU D 214 -42.56 18.96 1.83
CA GLU D 214 -41.64 19.36 0.77
C GLU D 214 -40.78 18.21 0.24
N VAL D 215 -40.42 17.26 1.13
CA VAL D 215 -39.60 16.13 0.72
C VAL D 215 -40.39 15.29 -0.27
N LYS D 216 -41.65 15.04 0.08
CA LYS D 216 -42.54 14.24 -0.75
C LYS D 216 -42.83 14.91 -2.09
N GLN D 217 -43.00 16.23 -2.06
CA GLN D 217 -43.27 16.98 -3.28
C GLN D 217 -42.00 16.96 -4.14
N ALA D 218 -40.84 17.01 -3.48
CA ALA D 218 -39.56 17.00 -4.19
C ALA D 218 -39.31 15.66 -4.89
N ILE D 219 -39.78 14.55 -4.29
CA ILE D 219 -39.62 13.25 -4.92
C ILE D 219 -40.32 13.37 -6.26
N GLU D 220 -41.57 13.81 -6.19
CA GLU D 220 -42.41 13.97 -7.37
C GLU D 220 -41.73 14.84 -8.42
N LEU D 221 -41.26 16.01 -8.03
CA LEU D 221 -40.62 16.89 -8.98
C LEU D 221 -39.48 16.17 -9.68
N ALA D 222 -38.76 15.34 -8.93
CA ALA D 222 -37.61 14.62 -9.48
C ALA D 222 -37.97 13.49 -10.44
N LYS D 223 -39.01 12.73 -10.13
CA LYS D 223 -39.42 11.64 -11.03
C LYS D 223 -39.81 12.21 -12.40
N LYS D 224 -40.41 13.39 -12.41
CA LYS D 224 -40.80 14.03 -13.66
C LYS D 224 -39.55 14.30 -14.47
N GLY D 225 -38.51 14.80 -13.81
CA GLY D 225 -37.27 15.10 -14.48
C GLY D 225 -36.52 13.86 -14.93
N ALA D 226 -36.60 12.79 -14.14
CA ALA D 226 -35.91 11.56 -14.49
C ALA D 226 -36.45 10.98 -15.80
N LEU D 227 -37.78 10.85 -15.89
CA LEU D 227 -38.40 10.34 -17.11
C LEU D 227 -37.95 11.19 -18.27
N GLN D 228 -37.85 12.50 -18.07
CA GLN D 228 -37.41 13.37 -19.16
C GLN D 228 -35.97 13.04 -19.56
N ILE D 229 -35.10 12.86 -18.55
CA ILE D 229 -33.69 12.53 -18.80
C ILE D 229 -33.57 11.12 -19.39
N TYR D 230 -34.31 10.18 -18.81
CA TYR D 230 -34.26 8.82 -19.31
C TYR D 230 -34.55 8.80 -20.82
N GLU D 231 -35.47 9.65 -21.26
CA GLU D 231 -35.78 9.69 -22.69
C GLU D 231 -34.55 10.10 -23.48
N MET D 232 -33.82 11.09 -22.98
CA MET D 232 -32.61 11.52 -23.67
C MET D 232 -31.62 10.35 -23.66
N GLN D 233 -31.69 9.52 -22.61
CA GLN D 233 -30.80 8.36 -22.47
C GLN D 233 -31.11 7.25 -23.49
N ARG D 234 -32.39 7.00 -23.75
CA ARG D 234 -32.78 5.97 -24.72
C ARG D 234 -32.41 6.45 -26.12
N GLU D 235 -32.60 7.75 -26.34
CA GLU D 235 -32.30 8.38 -27.62
C GLU D 235 -30.82 8.14 -27.98
N ALA D 236 -29.95 8.48 -27.04
CA ALA D 236 -28.50 8.33 -27.21
C ALA D 236 -28.07 6.90 -27.51
N ILE D 237 -28.76 5.93 -26.91
CA ILE D 237 -28.42 4.54 -27.15
C ILE D 237 -29.03 4.10 -28.47
N LEU D 238 -30.10 4.77 -28.90
CA LEU D 238 -30.76 4.44 -30.17
C LEU D 238 -29.79 4.78 -31.30
N ARG D 239 -29.21 5.97 -31.22
CA ARG D 239 -28.26 6.38 -32.22
C ARG D 239 -27.12 5.37 -32.27
N ARG D 240 -26.74 4.87 -31.11
CA ARG D 240 -25.68 3.88 -31.00
C ARG D 240 -26.10 2.60 -31.72
N TYR D 241 -27.34 2.19 -31.47
CA TYR D 241 -27.92 1.00 -32.07
C TYR D 241 -27.80 1.10 -33.60
N ILE D 242 -28.03 2.30 -34.13
CA ILE D 242 -27.96 2.55 -35.56
C ILE D 242 -26.52 2.43 -36.05
N GLU D 243 -25.61 3.03 -35.29
CA GLU D 243 -24.20 2.99 -35.64
C GLU D 243 -23.64 1.57 -35.72
N VAL D 244 -23.90 0.73 -34.72
CA VAL D 244 -23.38 -0.64 -34.78
C VAL D 244 -24.17 -1.44 -35.80
N GLY D 245 -25.34 -0.95 -36.18
CA GLY D 245 -26.14 -1.65 -37.16
C GLY D 245 -25.61 -1.33 -38.55
N GLU D 246 -25.72 -0.06 -38.92
CA GLU D 246 -25.25 0.38 -40.23
C GLU D 246 -23.74 0.24 -40.35
N GLU D 247 -23.12 -0.30 -39.30
CA GLU D 247 -21.69 -0.54 -39.27
C GLU D 247 -21.41 -1.95 -39.76
N MET D 248 -22.33 -2.87 -39.45
CA MET D 248 -22.20 -4.25 -39.89
C MET D 248 -22.42 -4.30 -41.39
N ASP D 249 -23.47 -3.61 -41.85
CA ASP D 249 -23.77 -3.55 -43.27
C ASP D 249 -22.68 -2.75 -43.96
N GLU D 250 -21.73 -2.24 -43.16
CA GLU D 250 -20.62 -1.46 -43.69
C GLU D 250 -19.54 -2.36 -44.28
N ILE D 251 -19.17 -3.42 -43.55
CA ILE D 251 -18.16 -4.35 -44.03
C ILE D 251 -18.75 -5.13 -45.18
N THR D 252 -20.05 -5.39 -45.11
CA THR D 252 -20.77 -6.13 -46.15
C THR D 252 -20.93 -5.25 -47.39
N GLU D 253 -20.91 -3.94 -47.19
CA GLU D 253 -21.06 -2.98 -48.28
C GLU D 253 -19.72 -2.62 -48.91
N GLU E 9 27.54 39.71 -15.41
CA GLU E 9 27.88 38.29 -15.07
C GLU E 9 28.11 37.51 -16.36
N LYS E 10 29.27 36.85 -16.43
CA LYS E 10 29.64 36.06 -17.60
C LYS E 10 30.08 34.68 -17.14
N LEU E 11 29.88 33.68 -17.99
CA LEU E 11 30.25 32.32 -17.66
C LEU E 11 31.57 31.95 -18.30
N ILE E 12 31.91 32.60 -19.41
CA ILE E 12 33.15 32.33 -20.11
C ILE E 12 33.98 33.60 -20.25
N VAL E 13 35.09 33.67 -19.50
CA VAL E 13 35.95 34.83 -19.60
C VAL E 13 37.35 34.44 -20.10
N ASP E 14 37.56 34.64 -21.40
CA ASP E 14 38.83 34.34 -22.04
C ASP E 14 39.15 32.85 -22.14
N GLY E 15 38.21 32.09 -22.70
CA GLY E 15 38.40 30.65 -22.86
C GLY E 15 38.25 29.81 -21.60
N LEU E 16 38.40 30.45 -20.44
CA LEU E 16 38.30 29.75 -19.17
C LEU E 16 36.92 29.93 -18.52
N ARG E 17 36.45 28.88 -17.86
CA ARG E 17 35.17 28.92 -17.18
C ARG E 17 35.39 29.33 -15.74
N LEU E 18 34.32 29.75 -15.07
CA LEU E 18 34.39 30.20 -13.67
C LEU E 18 35.33 29.43 -12.73
N ASP E 19 35.47 28.12 -12.93
CA ASP E 19 36.35 27.32 -12.08
C ASP E 19 37.72 27.10 -12.71
N GLY E 20 37.99 27.78 -13.82
CA GLY E 20 39.27 27.66 -14.49
C GLY E 20 39.40 26.58 -15.54
N ARG E 21 38.35 25.79 -15.75
CA ARG E 21 38.41 24.72 -16.73
C ARG E 21 38.23 25.20 -18.16
N LYS E 22 38.66 24.37 -19.11
CA LYS E 22 38.51 24.69 -20.52
C LYS E 22 37.18 24.11 -20.94
N PHE E 23 36.63 24.60 -22.05
CA PHE E 23 35.34 24.14 -22.52
C PHE E 23 35.21 22.62 -22.62
N ASP E 24 36.33 21.93 -22.84
CA ASP E 24 36.30 20.48 -22.99
C ASP E 24 37.00 19.67 -21.87
N GLU E 25 36.92 20.16 -20.64
CA GLU E 25 37.55 19.49 -19.49
C GLU E 25 36.60 18.92 -18.42
N LEU E 26 36.73 17.62 -18.16
CA LEU E 26 35.94 16.99 -17.13
C LEU E 26 36.40 17.60 -15.82
N ARG E 27 35.57 17.56 -14.78
CA ARG E 27 35.97 18.09 -13.48
C ARG E 27 36.78 16.93 -12.89
N PRO E 28 37.50 17.16 -11.79
CA PRO E 28 38.28 16.04 -11.24
C PRO E 28 37.41 14.83 -10.90
N ILE E 29 37.83 13.64 -11.32
CA ILE E 29 37.07 12.41 -11.07
C ILE E 29 37.83 11.38 -10.20
N LYS E 30 37.09 10.64 -9.38
CA LYS E 30 37.69 9.65 -8.50
C LYS E 30 36.74 8.45 -8.42
N ILE E 31 37.25 7.25 -8.68
CA ILE E 31 36.40 6.06 -8.64
C ILE E 31 37.02 4.87 -7.92
N GLU E 32 36.28 4.31 -6.96
CA GLU E 32 36.73 3.17 -6.17
C GLU E 32 35.66 2.08 -6.11
N ALA E 33 36.01 0.86 -6.50
CA ALA E 33 35.08 -0.25 -6.47
C ALA E 33 35.13 -0.99 -5.12
N SER E 34 34.15 -1.86 -4.87
CA SER E 34 34.04 -2.64 -3.63
C SER E 34 34.34 -1.79 -2.42
N VAL E 35 33.44 -0.86 -2.14
CA VAL E 35 33.61 0.06 -1.04
C VAL E 35 32.71 -0.26 0.15
N LEU E 36 31.65 -1.03 -0.11
CA LEU E 36 30.69 -1.44 0.90
C LEU E 36 30.81 -2.95 1.12
N LYS E 37 30.69 -3.41 2.37
CA LYS E 37 30.77 -4.83 2.71
C LYS E 37 29.47 -5.63 2.50
N ARG E 38 28.33 -5.13 2.93
CA ARG E 38 27.09 -5.87 2.74
C ARG E 38 26.44 -5.39 1.45
N ALA E 39 26.94 -5.87 0.32
CA ALA E 39 26.42 -5.49 -0.98
C ALA E 39 27.20 -6.31 -1.97
N ASP E 40 26.54 -6.78 -3.01
CA ASP E 40 27.20 -7.62 -3.99
C ASP E 40 28.23 -6.91 -4.86
N GLY E 41 28.03 -5.61 -5.04
CA GLY E 41 28.93 -4.80 -5.82
C GLY E 41 28.74 -3.39 -5.31
N SER E 42 29.70 -2.51 -5.54
CA SER E 42 29.54 -1.15 -5.07
C SER E 42 30.60 -0.24 -5.64
N CYS E 43 30.37 1.06 -5.50
CA CYS E 43 31.34 2.00 -6.01
C CYS E 43 31.19 3.38 -5.40
N TYR E 44 32.32 4.02 -5.11
CA TYR E 44 32.30 5.37 -4.59
C TYR E 44 32.84 6.18 -5.76
N LEU E 45 32.15 7.24 -6.14
CA LEU E 45 32.53 8.05 -7.29
C LEU E 45 32.47 9.52 -6.92
N GLU E 46 33.31 10.31 -7.56
CA GLU E 46 33.35 11.75 -7.32
C GLU E 46 33.50 12.54 -8.61
N MET E 47 32.48 13.28 -9.00
CA MET E 47 32.57 14.12 -10.19
C MET E 47 32.51 15.56 -9.71
N GLY E 48 33.64 16.26 -9.78
CA GLY E 48 33.63 17.62 -9.28
C GLY E 48 33.17 17.46 -7.85
N LYS E 49 32.39 18.41 -7.33
CA LYS E 49 31.89 18.35 -5.96
C LYS E 49 30.84 17.24 -5.77
N ASN E 50 30.52 16.48 -6.81
CA ASN E 50 29.53 15.43 -6.64
C ASN E 50 30.16 14.22 -5.92
N LYS E 51 29.58 13.84 -4.78
CA LYS E 51 30.04 12.68 -4.02
C LYS E 51 28.88 11.69 -4.07
N VAL E 52 29.13 10.55 -4.69
CA VAL E 52 28.11 9.53 -4.90
C VAL E 52 28.56 8.11 -4.62
N ILE E 53 27.64 7.27 -4.17
CA ILE E 53 27.96 5.87 -3.93
C ILE E 53 26.81 4.99 -4.46
N ALA E 54 27.16 3.88 -5.08
CA ALA E 54 26.16 2.97 -5.62
C ALA E 54 26.31 1.59 -5.01
N ALA E 55 25.20 0.86 -4.95
CA ALA E 55 25.20 -0.48 -4.41
C ALA E 55 24.32 -1.34 -5.30
N VAL E 56 24.77 -2.55 -5.56
CA VAL E 56 24.04 -3.47 -6.40
C VAL E 56 23.79 -4.74 -5.60
N PHE E 57 22.54 -5.18 -5.55
CA PHE E 57 22.26 -6.40 -4.83
C PHE E 57 21.92 -7.45 -5.86
N GLY E 58 23.01 -8.09 -6.32
CA GLY E 58 23.04 -9.15 -7.34
C GLY E 58 21.77 -9.90 -7.57
N PRO E 59 21.73 -10.75 -8.59
CA PRO E 59 20.50 -11.50 -8.88
C PRO E 59 19.91 -12.13 -7.63
N ARG E 60 18.83 -11.54 -7.13
CA ARG E 60 18.14 -11.97 -5.92
C ARG E 60 16.65 -12.20 -6.20
N GLU E 61 15.95 -12.79 -5.24
CA GLU E 61 14.53 -13.07 -5.40
C GLU E 61 13.65 -11.85 -5.16
N VAL E 62 12.81 -11.55 -6.13
CA VAL E 62 11.88 -10.42 -6.01
C VAL E 62 10.71 -10.99 -5.20
N HIS E 63 10.37 -10.31 -4.11
CA HIS E 63 9.31 -10.78 -3.23
C HIS E 63 7.89 -10.69 -3.74
N PRO E 64 7.33 -9.48 -3.92
CA PRO E 64 5.94 -9.47 -4.43
C PRO E 64 5.86 -10.24 -5.76
N ARG E 65 5.42 -11.49 -5.68
CA ARG E 65 5.33 -12.37 -6.84
C ARG E 65 4.73 -11.78 -8.12
N HIS E 66 3.87 -10.76 -8.00
CA HIS E 66 3.28 -10.17 -9.21
C HIS E 66 4.26 -9.33 -10.04
N LEU E 67 5.44 -9.06 -9.47
CA LEU E 67 6.46 -8.30 -10.17
C LEU E 67 7.50 -9.23 -10.79
N GLN E 68 7.39 -10.51 -10.47
CA GLN E 68 8.29 -11.54 -10.97
C GLN E 68 8.06 -11.84 -12.44
N ASP E 69 9.12 -11.80 -13.25
CA ASP E 69 8.99 -12.09 -14.69
C ASP E 69 9.53 -13.50 -14.95
N PRO E 70 8.70 -14.37 -15.52
CA PRO E 70 9.06 -15.76 -15.84
C PRO E 70 10.23 -15.99 -16.80
N SER E 71 10.51 -15.01 -17.67
CA SER E 71 11.58 -15.16 -18.65
C SER E 71 12.86 -14.35 -18.39
N LYS E 72 12.72 -13.16 -17.82
CA LYS E 72 13.89 -12.32 -17.55
C LYS E 72 13.88 -11.59 -16.21
N ALA E 73 15.08 -11.25 -15.72
CA ALA E 73 15.23 -10.55 -14.45
C ALA E 73 14.65 -9.15 -14.55
N ILE E 74 14.22 -8.60 -13.42
CA ILE E 74 13.70 -7.24 -13.44
C ILE E 74 14.79 -6.31 -12.89
N ILE E 75 14.89 -5.11 -13.43
CA ILE E 75 15.91 -4.19 -12.97
C ILE E 75 15.26 -3.04 -12.23
N ARG E 76 15.79 -2.71 -11.07
CA ARG E 76 15.28 -1.59 -10.30
C ARG E 76 16.46 -0.67 -10.07
N TYR E 77 16.21 0.64 -10.14
CA TYR E 77 17.25 1.64 -9.94
C TYR E 77 16.62 2.76 -9.14
N ARG E 78 17.30 3.16 -8.08
CA ARG E 78 16.76 4.20 -7.24
C ARG E 78 17.75 5.33 -7.02
N TYR E 79 17.41 6.51 -7.54
CA TYR E 79 18.26 7.66 -7.36
C TYR E 79 17.67 8.30 -6.13
N ASN E 80 18.50 8.73 -5.20
CA ASN E 80 18.01 9.36 -4.00
C ASN E 80 19.06 10.31 -3.47
N MET E 81 18.65 11.52 -3.10
CA MET E 81 19.57 12.52 -2.59
C MET E 81 19.49 12.66 -1.07
N ALA E 82 20.63 12.71 -0.43
CA ALA E 82 20.70 12.85 1.01
C ALA E 82 20.22 14.23 1.45
N PRO E 83 19.45 14.27 2.53
CA PRO E 83 18.98 15.60 2.96
C PRO E 83 20.07 16.64 3.07
N PHE E 84 21.30 16.19 3.28
CA PHE E 84 22.41 17.11 3.45
C PHE E 84 23.29 17.29 2.22
N SER E 85 22.85 16.82 1.06
CA SER E 85 23.67 16.92 -0.15
C SER E 85 23.49 18.19 -0.97
N VAL E 86 22.45 18.95 -0.64
CA VAL E 86 22.15 20.19 -1.36
C VAL E 86 22.34 21.38 -0.43
N GLU E 87 22.48 22.57 -1.01
CA GLU E 87 22.69 23.77 -0.20
C GLU E 87 21.56 24.01 0.78
N GLU E 88 20.34 23.74 0.34
CA GLU E 88 19.17 23.90 1.18
C GLU E 88 18.69 22.51 1.56
N ARG E 89 18.88 22.15 2.82
CA ARG E 89 18.48 20.85 3.33
C ARG E 89 17.18 20.33 2.73
N LYS E 90 17.30 19.45 1.74
CA LYS E 90 16.15 18.85 1.07
C LYS E 90 15.45 17.92 2.03
N ARG E 91 14.16 17.66 1.79
CA ARG E 91 13.40 16.75 2.65
C ARG E 91 13.47 15.35 2.04
N PRO E 92 13.84 14.35 2.85
CA PRO E 92 13.92 12.97 2.36
C PRO E 92 12.63 12.51 1.70
N GLY E 93 12.71 11.48 0.88
CA GLY E 93 11.52 10.98 0.21
C GLY E 93 11.53 11.24 -1.29
N PRO E 94 11.18 10.23 -2.10
CA PRO E 94 11.15 10.36 -3.56
C PRO E 94 10.61 11.69 -4.07
N ASP E 95 11.34 12.25 -5.02
CA ASP E 95 11.05 13.53 -5.65
C ASP E 95 10.54 13.21 -7.06
N ARG E 96 9.84 14.14 -7.70
CA ARG E 96 9.36 13.88 -9.07
C ARG E 96 10.64 13.74 -9.89
N ARG E 97 11.56 14.68 -9.67
CA ARG E 97 12.84 14.68 -10.35
C ARG E 97 13.53 13.33 -10.08
N SER E 98 13.51 12.91 -8.81
CA SER E 98 14.12 11.64 -8.42
C SER E 98 13.49 10.44 -9.11
N ILE E 99 12.17 10.34 -9.06
CA ILE E 99 11.43 9.24 -9.69
C ILE E 99 11.81 9.16 -11.17
N GLU E 100 11.85 10.33 -11.81
CA GLU E 100 12.20 10.49 -13.22
C GLU E 100 13.62 10.01 -13.49
N ILE E 101 14.56 10.48 -12.66
CA ILE E 101 15.98 10.10 -12.78
C ILE E 101 16.13 8.59 -12.65
N SER E 102 15.35 8.00 -11.75
CA SER E 102 15.45 6.58 -11.52
C SER E 102 14.94 5.78 -12.69
N LYS E 103 13.86 6.26 -13.30
CA LYS E 103 13.25 5.57 -14.44
C LYS E 103 14.17 5.59 -15.65
N VAL E 104 14.65 6.78 -16.00
CA VAL E 104 15.55 6.91 -17.14
C VAL E 104 16.87 6.19 -16.88
N SER E 105 17.31 6.19 -15.61
CA SER E 105 18.55 5.51 -15.26
C SER E 105 18.39 4.00 -15.31
N LYS E 106 17.19 3.52 -14.99
CA LYS E 106 16.88 2.09 -15.02
C LYS E 106 16.85 1.63 -16.47
N GLU E 107 16.32 2.48 -17.33
CA GLU E 107 16.21 2.16 -18.75
C GLU E 107 17.59 2.04 -19.39
N ALA E 108 18.49 2.93 -18.98
CA ALA E 108 19.86 2.91 -19.50
C ALA E 108 20.50 1.56 -19.22
N PHE E 109 20.14 0.95 -18.08
CA PHE E 109 20.71 -0.35 -17.72
C PHE E 109 19.93 -1.56 -18.25
N GLU E 110 18.62 -1.44 -18.42
CA GLU E 110 17.80 -2.53 -18.96
C GLU E 110 18.32 -2.84 -20.37
N ALA E 111 18.88 -1.82 -21.00
CA ALA E 111 19.43 -1.90 -22.35
C ALA E 111 20.79 -2.60 -22.43
N VAL E 112 21.39 -2.87 -21.27
CA VAL E 112 22.70 -3.50 -21.22
C VAL E 112 22.78 -4.78 -20.38
N ILE E 113 22.22 -4.76 -19.18
CA ILE E 113 22.25 -5.95 -18.34
C ILE E 113 21.67 -7.09 -19.17
N MET E 114 22.25 -8.28 -19.06
CA MET E 114 21.74 -9.43 -19.78
C MET E 114 20.71 -10.09 -18.87
N LYS E 115 19.52 -9.49 -18.82
CA LYS E 115 18.45 -9.98 -17.96
C LYS E 115 17.87 -11.37 -18.25
N GLU E 116 17.87 -11.78 -19.51
CA GLU E 116 17.31 -13.09 -19.85
C GLU E 116 18.08 -14.25 -19.22
N LEU E 117 19.15 -13.91 -18.52
CA LEU E 117 19.99 -14.91 -17.88
C LEU E 117 19.53 -15.27 -16.48
N PHE E 118 18.62 -14.46 -15.93
CA PHE E 118 18.11 -14.73 -14.59
C PHE E 118 16.60 -14.52 -14.48
N PRO E 119 15.81 -15.49 -14.96
CA PRO E 119 14.35 -15.36 -14.90
C PRO E 119 13.85 -15.38 -13.45
N ARG E 120 12.83 -14.57 -13.18
CA ARG E 120 12.21 -14.50 -11.85
C ARG E 120 13.07 -13.80 -10.80
N SER E 121 14.23 -13.32 -11.20
CA SER E 121 15.13 -12.66 -10.26
C SER E 121 15.01 -11.16 -10.37
N ALA E 122 15.78 -10.48 -9.53
CA ALA E 122 15.80 -9.04 -9.51
C ALA E 122 17.23 -8.55 -9.27
N ILE E 123 17.61 -7.51 -9.99
CA ILE E 123 18.92 -6.90 -9.85
C ILE E 123 18.56 -5.50 -9.43
N ASP E 124 18.84 -5.18 -8.17
CA ASP E 124 18.51 -3.86 -7.64
C ASP E 124 19.72 -2.96 -7.59
N ILE E 125 19.54 -1.72 -8.03
CA ILE E 125 20.62 -0.76 -8.04
C ILE E 125 20.26 0.47 -7.24
N PHE E 126 20.98 0.72 -6.15
CA PHE E 126 20.70 1.89 -5.32
C PHE E 126 21.86 2.82 -5.50
N VAL E 127 21.56 4.08 -5.70
CA VAL E 127 22.60 5.06 -5.90
C VAL E 127 22.19 6.24 -5.05
N GLU E 128 23.10 6.66 -4.19
CA GLU E 128 22.86 7.74 -3.24
C GLU E 128 23.84 8.86 -3.46
N VAL E 129 23.37 10.10 -3.52
CA VAL E 129 24.29 11.20 -3.70
C VAL E 129 24.45 11.88 -2.34
N LEU E 130 25.67 11.83 -1.82
CA LEU E 130 26.02 12.37 -0.52
C LEU E 130 26.32 13.86 -0.60
N GLN E 131 26.68 14.31 -1.79
CA GLN E 131 26.96 15.72 -2.00
C GLN E 131 26.64 15.99 -3.46
N ALA E 132 25.66 16.84 -3.69
CA ALA E 132 25.27 17.13 -5.04
C ALA E 132 25.77 18.44 -5.58
N ASP E 133 25.96 18.41 -6.89
CA ASP E 133 26.38 19.56 -7.67
C ASP E 133 25.67 19.27 -9.00
N ALA E 134 26.02 19.97 -10.06
CA ALA E 134 25.37 19.68 -11.33
C ALA E 134 25.84 18.30 -11.80
N GLY E 135 25.01 17.63 -12.59
CA GLY E 135 25.36 16.32 -13.13
C GLY E 135 25.40 15.12 -12.21
N SER E 136 24.92 15.26 -10.96
CA SER E 136 24.93 14.15 -10.01
C SER E 136 24.36 12.91 -10.68
N ARG E 137 23.35 13.12 -11.49
CA ARG E 137 22.67 12.07 -12.24
C ARG E 137 23.67 11.32 -13.11
N THR E 138 24.72 12.01 -13.53
CA THR E 138 25.77 11.44 -14.38
C THR E 138 26.77 10.67 -13.54
N ALA E 139 27.13 11.25 -12.40
CA ALA E 139 28.05 10.61 -11.48
C ALA E 139 27.44 9.25 -11.05
N CYS E 140 26.16 9.27 -10.71
CA CYS E 140 25.44 8.08 -10.28
C CYS E 140 25.44 6.96 -11.30
N LEU E 141 25.16 7.27 -12.57
CA LEU E 141 25.16 6.22 -13.57
C LEU E 141 26.55 5.62 -13.73
N ASN E 142 27.56 6.47 -13.64
CA ASN E 142 28.93 5.99 -13.77
C ASN E 142 29.22 5.07 -12.60
N ALA E 143 28.90 5.55 -11.40
CA ALA E 143 29.10 4.78 -10.17
C ALA E 143 28.37 3.45 -10.31
N ALA E 144 27.10 3.54 -10.67
CA ALA E 144 26.30 2.35 -10.83
C ALA E 144 26.94 1.34 -11.75
N SER E 145 27.37 1.80 -12.93
CA SER E 145 27.97 0.90 -13.91
C SER E 145 29.17 0.16 -13.36
N VAL E 146 29.93 0.85 -12.51
CA VAL E 146 31.11 0.26 -11.89
C VAL E 146 30.64 -0.78 -10.90
N ALA E 147 29.66 -0.40 -10.09
CA ALA E 147 29.08 -1.31 -9.09
C ALA E 147 28.58 -2.58 -9.78
N LEU E 148 27.89 -2.43 -10.89
CA LEU E 148 27.40 -3.60 -11.59
C LEU E 148 28.53 -4.52 -12.03
N VAL E 149 29.64 -3.96 -12.51
CA VAL E 149 30.73 -4.81 -12.93
C VAL E 149 31.30 -5.47 -11.68
N ASP E 150 31.44 -4.68 -10.62
CA ASP E 150 31.97 -5.17 -9.36
C ASP E 150 31.13 -6.35 -8.80
N ALA E 151 29.83 -6.30 -9.04
CA ALA E 151 28.93 -7.35 -8.59
C ALA E 151 28.92 -8.52 -9.59
N GLY E 152 29.64 -8.35 -10.69
CA GLY E 152 29.71 -9.38 -11.71
C GLY E 152 28.46 -9.69 -12.51
N VAL E 153 27.55 -8.72 -12.69
CA VAL E 153 26.34 -9.03 -13.46
C VAL E 153 26.59 -8.89 -14.96
N PRO E 154 26.46 -9.99 -15.72
CA PRO E 154 26.66 -10.01 -17.17
C PRO E 154 26.08 -8.78 -17.89
N MET E 155 26.93 -8.09 -18.63
CA MET E 155 26.49 -6.90 -19.36
C MET E 155 27.04 -6.90 -20.77
N LYS E 156 26.35 -6.21 -21.67
CA LYS E 156 26.80 -6.12 -23.05
C LYS E 156 28.13 -5.37 -23.02
N GLY E 157 28.19 -4.36 -22.17
CA GLY E 157 29.40 -3.57 -22.04
C GLY E 157 29.26 -2.59 -20.90
N MET E 158 30.05 -1.53 -20.90
CA MET E 158 29.98 -0.55 -19.83
C MET E 158 29.10 0.63 -20.19
N ILE E 159 28.57 1.27 -19.16
CA ILE E 159 27.72 2.43 -19.31
C ILE E 159 28.53 3.62 -18.84
N THR E 160 28.71 4.62 -19.69
CA THR E 160 29.46 5.79 -19.26
C THR E 160 28.58 6.97 -19.57
N SER E 161 28.52 7.93 -18.65
CA SER E 161 27.66 9.07 -18.84
C SER E 161 28.34 10.39 -18.54
N VAL E 162 27.92 11.43 -19.25
CA VAL E 162 28.43 12.78 -19.06
C VAL E 162 27.40 13.74 -19.61
N ALA E 163 27.42 14.96 -19.11
CA ALA E 163 26.49 16.00 -19.56
C ALA E 163 27.26 17.13 -20.24
N VAL E 164 26.65 17.68 -21.29
CA VAL E 164 27.24 18.81 -22.00
C VAL E 164 26.36 20.01 -21.72
N GLY E 165 26.98 21.14 -21.45
CA GLY E 165 26.22 22.34 -21.19
C GLY E 165 26.51 23.39 -22.25
N LYS E 166 25.92 24.56 -22.07
CA LYS E 166 26.12 25.67 -22.98
C LYS E 166 26.19 26.91 -22.12
N ALA E 167 27.33 27.60 -22.18
CA ALA E 167 27.52 28.82 -21.42
C ALA E 167 27.98 29.92 -22.36
N ASP E 168 27.33 31.07 -22.27
CA ASP E 168 27.66 32.22 -23.11
C ASP E 168 27.86 31.81 -24.57
N GLY E 169 26.92 31.02 -25.08
CA GLY E 169 26.98 30.57 -26.46
C GLY E 169 27.93 29.42 -26.77
N GLN E 170 28.79 29.11 -25.80
CA GLN E 170 29.77 28.05 -25.98
C GLN E 170 29.39 26.75 -25.26
N LEU E 171 29.61 25.62 -25.93
CA LEU E 171 29.34 24.32 -25.35
C LEU E 171 30.43 24.02 -24.31
N VAL E 172 30.09 23.34 -23.22
CA VAL E 172 31.08 23.00 -22.19
C VAL E 172 30.87 21.58 -21.71
N LEU E 173 31.96 20.88 -21.44
CA LEU E 173 31.87 19.50 -20.96
C LEU E 173 31.68 19.44 -19.45
N ASP E 174 30.86 18.51 -18.98
CA ASP E 174 30.64 18.33 -17.54
C ASP E 174 30.38 19.67 -16.82
N PRO E 175 29.28 20.36 -17.14
CA PRO E 175 29.01 21.64 -16.47
C PRO E 175 28.86 21.60 -14.95
N MET E 176 29.17 22.72 -14.31
CA MET E 176 29.08 22.85 -12.87
C MET E 176 27.74 23.52 -12.51
N LYS E 177 27.47 23.65 -11.22
CA LYS E 177 26.23 24.25 -10.74
C LYS E 177 25.97 25.64 -11.36
N GLU E 178 26.93 26.54 -11.24
CA GLU E 178 26.79 27.88 -11.78
C GLU E 178 26.38 27.86 -13.26
N GLU E 179 27.08 27.07 -14.07
CA GLU E 179 26.77 26.98 -15.49
C GLU E 179 25.38 26.42 -15.74
N ASP E 180 25.02 25.40 -14.97
CA ASP E 180 23.71 24.77 -15.11
C ASP E 180 22.58 25.73 -14.74
N ASN E 181 22.85 26.61 -13.78
CA ASN E 181 21.84 27.58 -13.33
C ASN E 181 21.77 28.87 -14.15
N PHE E 182 22.77 29.13 -14.99
CA PHE E 182 22.74 30.35 -15.78
C PHE E 182 23.14 30.16 -17.24
N GLY E 183 23.34 28.91 -17.63
CA GLY E 183 23.71 28.61 -19.00
C GLY E 183 22.48 28.55 -19.88
N GLU E 184 22.66 28.28 -21.17
CA GLU E 184 21.55 28.23 -22.09
C GLU E 184 21.02 26.82 -22.34
N ALA E 185 21.75 25.82 -21.86
CA ALA E 185 21.34 24.44 -22.06
C ALA E 185 22.05 23.48 -21.11
N ASP E 186 21.49 22.29 -20.99
CA ASP E 186 22.03 21.24 -20.12
C ASP E 186 21.63 19.92 -20.81
N MET E 187 22.59 19.06 -21.11
CA MET E 187 22.27 17.82 -21.80
C MET E 187 23.06 16.57 -21.38
N PRO E 188 22.50 15.74 -20.49
CA PRO E 188 23.19 14.53 -20.04
C PRO E 188 23.04 13.33 -20.98
N PHE E 189 24.12 12.59 -21.14
CA PHE E 189 24.15 11.38 -21.99
C PHE E 189 24.69 10.18 -21.22
N ALA E 190 24.68 9.04 -21.89
CA ALA E 190 25.22 7.81 -21.35
C ALA E 190 25.39 6.91 -22.56
N PHE E 191 26.54 6.26 -22.68
CA PHE E 191 26.77 5.40 -23.83
C PHE E 191 27.10 4.00 -23.40
N LEU E 192 26.84 3.07 -24.32
CA LEU E 192 27.18 1.68 -24.11
C LEU E 192 28.59 1.68 -24.67
N ILE E 193 29.52 1.06 -23.97
CA ILE E 193 30.87 1.04 -24.48
C ILE E 193 31.37 -0.37 -24.67
N ARG E 194 31.47 -0.77 -25.93
CA ARG E 194 31.97 -2.09 -26.28
C ARG E 194 33.25 -1.86 -27.05
N ASN E 195 34.14 -2.84 -27.00
CA ASN E 195 35.41 -2.76 -27.70
C ASN E 195 36.07 -1.39 -27.56
N GLY E 196 36.34 -1.01 -26.32
CA GLY E 196 36.99 0.26 -26.04
C GLY E 196 36.45 1.50 -26.74
N LYS E 197 35.34 1.36 -27.46
CA LYS E 197 34.77 2.50 -28.17
C LYS E 197 33.30 2.73 -27.86
N ILE E 198 32.86 3.97 -28.04
CA ILE E 198 31.49 4.33 -27.82
C ILE E 198 30.64 3.76 -28.95
N GLU E 199 29.67 2.92 -28.60
CA GLU E 199 28.81 2.30 -29.60
C GLU E 199 27.45 2.95 -29.83
N SER E 200 26.70 3.14 -28.75
CA SER E 200 25.36 3.71 -28.87
C SER E 200 24.99 4.60 -27.70
N ILE E 201 23.79 5.18 -27.80
CA ILE E 201 23.30 6.07 -26.75
C ILE E 201 22.37 5.29 -25.83
N ALA E 202 22.72 5.28 -24.55
CA ALA E 202 21.95 4.59 -23.53
C ALA E 202 21.01 5.55 -22.82
N LEU E 203 21.44 6.80 -22.66
CA LEU E 203 20.61 7.80 -22.01
C LEU E 203 20.75 9.18 -22.66
N LEU E 204 19.61 9.79 -23.01
CA LEU E 204 19.65 11.10 -23.65
C LEU E 204 18.53 12.01 -23.16
N GLN E 205 18.89 13.21 -22.72
CA GLN E 205 17.94 14.22 -22.24
C GLN E 205 18.49 15.63 -22.47
N MET E 206 17.65 16.58 -22.90
CA MET E 206 18.12 17.94 -23.10
C MET E 206 17.13 19.01 -22.61
N ASP E 207 17.67 20.11 -22.11
CA ASP E 207 16.87 21.22 -21.62
C ASP E 207 17.60 22.50 -22.02
N GLY E 208 16.85 23.51 -22.41
CA GLY E 208 17.45 24.77 -22.81
C GLY E 208 17.04 25.20 -24.19
N ARG E 209 18.01 25.57 -25.02
CA ARG E 209 17.74 26.02 -26.37
C ARG E 209 18.99 25.83 -27.22
N MET E 210 18.94 24.86 -28.12
CA MET E 210 20.07 24.57 -28.98
C MET E 210 19.68 24.42 -30.45
N THR E 211 20.61 24.75 -31.33
CA THR E 211 20.39 24.63 -32.76
C THR E 211 20.62 23.18 -33.19
N ARG E 212 20.19 22.85 -34.39
CA ARG E 212 20.37 21.51 -34.91
C ARG E 212 21.85 21.10 -34.94
N ASP E 213 22.73 22.05 -35.25
CA ASP E 213 24.16 21.75 -35.30
C ASP E 213 24.70 21.54 -33.88
N GLU E 214 24.49 22.52 -33.01
CA GLU E 214 24.94 22.44 -31.62
C GLU E 214 24.64 21.09 -30.98
N VAL E 215 23.42 20.61 -31.16
CA VAL E 215 23.01 19.32 -30.62
C VAL E 215 23.99 18.26 -31.10
N LYS E 216 24.15 18.16 -32.42
CA LYS E 216 25.06 17.19 -33.00
C LYS E 216 26.49 17.41 -32.55
N GLN E 217 26.85 18.67 -32.29
CA GLN E 217 28.19 19.02 -31.82
C GLN E 217 28.33 18.71 -30.35
N ALA E 218 27.20 18.46 -29.70
CA ALA E 218 27.19 18.14 -28.28
C ALA E 218 27.50 16.67 -28.07
N ILE E 219 27.04 15.82 -28.98
CA ILE E 219 27.30 14.39 -28.85
C ILE E 219 28.81 14.15 -28.93
N GLU E 220 29.47 14.90 -29.81
CA GLU E 220 30.90 14.74 -29.99
C GLU E 220 31.66 15.18 -28.74
N LEU E 221 31.26 16.30 -28.17
CA LEU E 221 31.89 16.80 -26.98
C LEU E 221 31.59 15.86 -25.81
N ALA E 222 30.50 15.10 -25.92
CA ALA E 222 30.12 14.17 -24.85
C ALA E 222 30.86 12.87 -24.97
N LYS E 223 30.98 12.35 -26.19
CA LYS E 223 31.68 11.10 -26.37
C LYS E 223 33.17 11.26 -26.04
N LYS E 224 33.67 12.47 -26.20
CA LYS E 224 35.08 12.72 -25.93
C LYS E 224 35.35 12.58 -24.43
N GLY E 225 34.49 13.20 -23.63
CA GLY E 225 34.64 13.13 -22.18
C GLY E 225 34.29 11.75 -21.66
N ALA E 226 33.33 11.09 -22.30
CA ALA E 226 32.90 9.76 -21.87
C ALA E 226 34.04 8.78 -21.92
N LEU E 227 34.81 8.80 -23.00
CA LEU E 227 35.95 7.88 -23.16
C LEU E 227 36.94 8.08 -22.01
N GLN E 228 37.14 9.34 -21.64
CA GLN E 228 38.03 9.66 -20.55
C GLN E 228 37.47 9.08 -19.25
N ILE E 229 36.17 9.31 -19.02
CA ILE E 229 35.48 8.79 -17.83
C ILE E 229 35.59 7.26 -17.85
N TYR E 230 35.37 6.67 -19.02
CA TYR E 230 35.43 5.23 -19.18
C TYR E 230 36.78 4.62 -18.81
N GLU E 231 37.86 5.33 -19.13
CA GLU E 231 39.18 4.82 -18.82
C GLU E 231 39.35 4.81 -17.32
N MET E 232 38.76 5.80 -16.66
CA MET E 232 38.83 5.87 -15.21
C MET E 232 38.03 4.71 -14.61
N GLN E 233 36.85 4.43 -15.17
CA GLN E 233 36.03 3.33 -14.68
C GLN E 233 36.80 2.02 -14.81
N ARG E 234 37.46 1.85 -15.94
CA ARG E 234 38.22 0.64 -16.20
C ARG E 234 39.39 0.47 -15.22
N GLU E 235 40.02 1.57 -14.82
CA GLU E 235 41.13 1.46 -13.88
C GLU E 235 40.61 1.09 -12.50
N ALA E 236 39.39 1.52 -12.19
CA ALA E 236 38.80 1.21 -10.90
C ALA E 236 38.49 -0.28 -10.79
N ILE E 237 38.08 -0.91 -11.88
CA ILE E 237 37.79 -2.33 -11.86
C ILE E 237 39.08 -3.15 -11.95
N LEU E 238 40.10 -2.58 -12.58
CA LEU E 238 41.38 -3.28 -12.71
C LEU E 238 42.01 -3.37 -11.32
N ARG E 239 41.93 -2.30 -10.56
CA ARG E 239 42.48 -2.31 -9.21
C ARG E 239 41.75 -3.35 -8.38
N ARG E 240 40.43 -3.41 -8.54
CA ARG E 240 39.62 -4.38 -7.82
C ARG E 240 40.08 -5.80 -8.20
N TYR E 241 40.37 -5.99 -9.48
CA TYR E 241 40.85 -7.26 -10.03
C TYR E 241 42.16 -7.66 -9.34
N ILE E 242 42.98 -6.68 -9.00
CA ILE E 242 44.24 -6.97 -8.33
C ILE E 242 43.91 -7.39 -6.92
N GLU E 243 43.00 -6.65 -6.30
CA GLU E 243 42.58 -6.90 -4.94
C GLU E 243 41.92 -8.25 -4.72
N VAL E 244 41.04 -8.69 -5.62
CA VAL E 244 40.44 -10.01 -5.41
C VAL E 244 41.53 -11.04 -5.72
N GLY E 245 42.47 -10.66 -6.58
CA GLY E 245 43.53 -11.55 -6.96
C GLY E 245 44.61 -11.77 -5.92
N GLU E 246 45.05 -10.70 -5.26
CA GLU E 246 46.08 -10.84 -4.25
C GLU E 246 45.44 -11.23 -2.92
N GLU E 247 44.10 -11.23 -2.91
CA GLU E 247 43.34 -11.60 -1.71
C GLU E 247 43.23 -13.12 -1.65
N MET E 248 43.28 -13.75 -2.82
CA MET E 248 43.21 -15.20 -2.92
C MET E 248 44.58 -15.71 -2.52
N ASP E 249 45.61 -15.12 -3.13
CA ASP E 249 47.00 -15.48 -2.87
C ASP E 249 47.37 -15.10 -1.45
N GLU E 250 46.39 -14.61 -0.69
CA GLU E 250 46.60 -14.21 0.70
C GLU E 250 46.25 -15.39 1.60
N ILE E 251 45.11 -16.02 1.31
CA ILE E 251 44.65 -17.17 2.09
C ILE E 251 45.69 -18.28 2.07
N THR E 252 46.36 -18.44 0.93
CA THR E 252 47.38 -19.47 0.76
C THR E 252 48.72 -19.03 1.34
N GLU E 253 48.97 -17.72 1.32
CA GLU E 253 50.21 -17.16 1.85
C GLU E 253 50.28 -17.35 3.36
N GLU F 9 8.84 28.92 40.88
CA GLU F 9 8.19 27.62 40.58
C GLU F 9 9.03 26.45 41.08
N LYS F 10 8.59 25.83 42.17
CA LYS F 10 9.29 24.69 42.74
C LYS F 10 8.36 23.48 42.73
N LEU F 11 8.91 22.31 42.39
CA LEU F 11 8.11 21.10 42.32
C LEU F 11 7.90 20.39 43.65
N ILE F 12 8.88 20.46 44.55
CA ILE F 12 8.77 19.83 45.85
C ILE F 12 8.88 20.89 46.93
N VAL F 13 7.85 21.03 47.76
CA VAL F 13 7.86 22.02 48.84
C VAL F 13 7.44 21.37 50.15
N ASP F 14 8.42 21.12 51.02
CA ASP F 14 8.16 20.49 52.30
C ASP F 14 7.84 19.02 52.13
N GLY F 15 8.60 18.36 51.27
CA GLY F 15 8.39 16.95 51.02
C GLY F 15 7.13 16.60 50.27
N LEU F 16 6.39 17.61 49.83
CA LEU F 16 5.15 17.38 49.08
C LEU F 16 5.19 17.91 47.65
N ARG F 17 4.51 17.20 46.76
CA ARG F 17 4.44 17.59 45.36
C ARG F 17 3.19 18.41 45.11
N LEU F 18 3.24 19.27 44.09
CA LEU F 18 2.12 20.15 43.74
C LEU F 18 0.70 19.61 43.89
N ASP F 19 0.53 18.30 43.92
CA ASP F 19 -0.79 17.73 44.07
C ASP F 19 -1.00 17.15 45.47
N GLY F 20 0.03 17.25 46.30
CA GLY F 20 -0.05 16.75 47.66
C GLY F 20 0.52 15.36 47.94
N ARG F 21 1.01 14.66 46.92
CA ARG F 21 1.54 13.34 47.21
C ARG F 21 3.02 13.35 47.56
N LYS F 22 3.41 12.31 48.29
CA LYS F 22 4.79 12.16 48.70
C LYS F 22 5.57 11.59 47.52
N PHE F 23 6.90 11.52 47.66
CA PHE F 23 7.73 11.02 46.57
C PHE F 23 7.36 9.61 46.10
N ASP F 24 7.00 8.73 47.04
CA ASP F 24 6.67 7.35 46.69
C ASP F 24 5.19 7.01 46.65
N GLU F 25 4.38 7.96 46.21
CA GLU F 25 2.94 7.78 46.17
C GLU F 25 2.31 7.83 44.76
N LEU F 26 1.53 6.81 44.43
CA LEU F 26 0.87 6.73 43.14
C LEU F 26 -0.30 7.68 43.02
N ARG F 27 -0.61 8.08 41.79
CA ARG F 27 -1.77 8.92 41.55
C ARG F 27 -2.96 7.97 41.70
N PRO F 28 -4.16 8.51 41.96
CA PRO F 28 -5.30 7.59 42.10
C PRO F 28 -5.55 6.78 40.82
N ILE F 29 -5.75 5.49 40.99
CA ILE F 29 -5.96 4.55 39.90
C ILE F 29 -7.33 3.84 39.95
N LYS F 30 -7.94 3.64 38.78
CA LYS F 30 -9.24 2.98 38.72
C LYS F 30 -9.18 1.95 37.58
N ILE F 31 -9.46 0.68 37.87
CA ILE F 31 -9.42 -0.36 36.85
C ILE F 31 -10.69 -1.21 36.72
N GLU F 32 -11.23 -1.30 35.51
CA GLU F 32 -12.42 -2.12 35.24
C GLU F 32 -12.22 -3.05 34.03
N ALA F 33 -12.40 -4.35 34.24
CA ALA F 33 -12.27 -5.31 33.14
C ALA F 33 -13.62 -5.45 32.42
N SER F 34 -13.63 -6.19 31.30
CA SER F 34 -14.84 -6.42 30.50
C SER F 34 -15.79 -5.25 30.44
N VAL F 35 -15.41 -4.23 29.69
CA VAL F 35 -16.25 -3.06 29.55
C VAL F 35 -16.73 -2.93 28.12
N LEU F 36 -16.18 -3.75 27.24
CA LEU F 36 -16.56 -3.75 25.82
C LEU F 36 -17.24 -5.08 25.52
N LYS F 37 -18.27 -5.03 24.68
CA LYS F 37 -19.00 -6.22 24.31
C LYS F 37 -18.37 -6.91 23.12
N ARG F 38 -17.98 -6.10 22.12
CA ARG F 38 -17.38 -6.62 20.90
C ARG F 38 -15.87 -6.71 20.93
N ALA F 39 -15.35 -7.40 21.94
CA ALA F 39 -13.91 -7.58 22.06
C ALA F 39 -13.69 -8.82 22.91
N ASP F 40 -12.63 -9.56 22.63
CA ASP F 40 -12.39 -10.77 23.38
C ASP F 40 -12.02 -10.44 24.82
N GLY F 41 -11.26 -9.36 24.98
CA GLY F 41 -10.86 -8.95 26.31
C GLY F 41 -10.76 -7.44 26.33
N SER F 42 -10.95 -6.83 27.48
CA SER F 42 -10.83 -5.38 27.55
C SER F 42 -10.74 -4.86 28.98
N CYS F 43 -10.41 -3.58 29.10
CA CYS F 43 -10.30 -2.98 30.40
C CYS F 43 -10.23 -1.48 30.25
N TYR F 44 -10.92 -0.79 31.16
CA TYR F 44 -10.91 0.67 31.20
C TYR F 44 -9.94 0.99 32.33
N LEU F 45 -9.15 2.05 32.16
CA LEU F 45 -8.16 2.38 33.18
C LEU F 45 -7.97 3.88 33.33
N GLU F 46 -7.90 4.31 34.59
CA GLU F 46 -7.66 5.69 34.95
C GLU F 46 -6.41 5.74 35.84
N MET F 47 -5.42 6.51 35.41
CA MET F 47 -4.19 6.66 36.16
C MET F 47 -4.00 8.17 36.30
N GLY F 48 -4.38 8.71 37.44
CA GLY F 48 -4.28 10.14 37.61
C GLY F 48 -5.35 10.69 36.69
N LYS F 49 -4.96 11.57 35.77
CA LYS F 49 -5.93 12.13 34.85
C LYS F 49 -5.97 11.35 33.53
N ASN F 50 -5.24 10.25 33.44
CA ASN F 50 -5.21 9.43 32.24
C ASN F 50 -6.46 8.57 32.17
N LYS F 51 -7.21 8.70 31.10
CA LYS F 51 -8.39 7.87 30.90
C LYS F 51 -7.99 7.05 29.67
N VAL F 52 -7.81 5.76 29.88
CA VAL F 52 -7.36 4.86 28.83
C VAL F 52 -8.27 3.64 28.69
N ILE F 53 -8.45 3.18 27.45
CA ILE F 53 -9.31 2.03 27.22
C ILE F 53 -8.54 1.00 26.38
N ALA F 54 -8.49 -0.25 26.86
CA ALA F 54 -7.76 -1.31 26.15
C ALA F 54 -8.70 -2.40 25.60
N ALA F 55 -8.39 -2.87 24.39
CA ALA F 55 -9.18 -3.89 23.75
C ALA F 55 -8.25 -4.94 23.16
N VAL F 56 -8.59 -6.20 23.37
CA VAL F 56 -7.81 -7.33 22.88
C VAL F 56 -8.68 -8.23 22.00
N PHE F 57 -8.19 -8.62 20.84
CA PHE F 57 -9.00 -9.51 20.01
C PHE F 57 -8.32 -10.87 19.91
N GLY F 58 -8.69 -11.73 20.87
CA GLY F 58 -8.20 -13.10 21.05
C GLY F 58 -7.54 -13.73 19.87
N PRO F 59 -6.80 -14.82 20.06
CA PRO F 59 -6.16 -15.41 18.89
C PRO F 59 -7.11 -15.60 17.70
N ARG F 60 -6.92 -14.76 16.69
CA ARG F 60 -7.72 -14.78 15.46
C ARG F 60 -6.76 -15.06 14.30
N GLU F 61 -7.30 -15.31 13.11
CA GLU F 61 -6.45 -15.57 11.95
C GLU F 61 -5.86 -14.28 11.39
N VAL F 62 -4.56 -14.30 11.14
CA VAL F 62 -3.89 -13.14 10.56
C VAL F 62 -4.22 -13.16 9.07
N HIS F 63 -4.73 -12.04 8.56
CA HIS F 63 -5.14 -11.98 7.17
C HIS F 63 -4.04 -11.85 6.13
N PRO F 64 -3.14 -10.86 6.24
CA PRO F 64 -2.11 -10.82 5.19
C PRO F 64 -1.15 -12.01 5.36
N ARG F 65 -1.32 -13.03 4.52
CA ARG F 65 -0.52 -14.26 4.57
C ARG F 65 0.97 -14.11 4.90
N HIS F 66 1.59 -13.02 4.46
CA HIS F 66 3.02 -12.83 4.72
C HIS F 66 3.36 -12.51 6.17
N LEU F 67 2.35 -12.15 6.95
CA LEU F 67 2.53 -11.85 8.36
C LEU F 67 2.24 -13.08 9.23
N GLN F 68 1.98 -14.20 8.57
CA GLN F 68 1.66 -15.44 9.27
C GLN F 68 2.92 -16.23 9.64
N ASP F 69 3.17 -16.34 10.95
CA ASP F 69 4.33 -17.07 11.46
C ASP F 69 3.90 -18.53 11.66
N PRO F 70 4.48 -19.45 10.89
CA PRO F 70 4.12 -20.87 11.01
C PRO F 70 4.27 -21.50 12.39
N SER F 71 5.16 -20.96 13.22
CA SER F 71 5.39 -21.54 14.53
C SER F 71 4.83 -20.81 15.75
N LYS F 72 4.38 -19.56 15.59
CA LYS F 72 3.85 -18.83 16.73
C LYS F 72 2.91 -17.70 16.36
N ALA F 73 2.10 -17.27 17.33
CA ALA F 73 1.17 -16.18 17.11
C ALA F 73 2.02 -14.92 16.94
N ILE F 74 1.46 -13.91 16.28
CA ILE F 74 2.19 -12.66 16.12
C ILE F 74 1.46 -11.67 17.01
N ILE F 75 2.20 -10.78 17.63
CA ILE F 75 1.59 -9.76 18.47
C ILE F 75 1.67 -8.42 17.80
N ARG F 76 0.55 -7.70 17.83
CA ARG F 76 0.49 -6.37 17.28
C ARG F 76 -0.09 -5.55 18.40
N TYR F 77 0.41 -4.33 18.55
CA TYR F 77 -0.05 -3.45 19.61
C TYR F 77 -0.16 -2.06 19.03
N ARG F 78 -1.30 -1.42 19.20
CA ARG F 78 -1.42 -0.07 18.70
C ARG F 78 -1.80 0.91 19.78
N TYR F 79 -0.89 1.81 20.07
CA TYR F 79 -1.14 2.85 21.05
C TYR F 79 -1.61 4.01 20.21
N ASN F 80 -2.70 4.63 20.58
CA ASN F 80 -3.20 5.77 19.83
C ASN F 80 -3.84 6.80 20.73
N MET F 81 -3.68 8.07 20.39
CA MET F 81 -4.24 9.16 21.17
C MET F 81 -5.43 9.79 20.44
N ALA F 82 -6.55 9.90 21.13
CA ALA F 82 -7.74 10.51 20.56
C ALA F 82 -7.43 11.99 20.31
N PRO F 83 -7.96 12.55 19.22
CA PRO F 83 -7.69 13.96 18.94
C PRO F 83 -7.97 14.85 20.13
N PHE F 84 -9.01 14.51 20.90
CA PHE F 84 -9.41 15.30 22.05
C PHE F 84 -8.73 14.97 23.35
N SER F 85 -7.82 14.00 23.36
CA SER F 85 -7.15 13.62 24.60
C SER F 85 -6.09 14.61 25.12
N VAL F 86 -5.59 15.50 24.27
CA VAL F 86 -4.59 16.45 24.73
C VAL F 86 -5.09 17.89 24.84
N GLU F 87 -4.24 18.79 25.34
CA GLU F 87 -4.59 20.20 25.53
C GLU F 87 -4.92 20.90 24.21
N GLU F 88 -4.13 20.60 23.18
CA GLU F 88 -4.37 21.17 21.86
C GLU F 88 -4.77 20.02 20.95
N ARG F 89 -5.99 20.09 20.41
CA ARG F 89 -6.51 19.07 19.53
C ARG F 89 -5.41 18.46 18.67
N LYS F 90 -5.15 17.17 18.88
CA LYS F 90 -4.10 16.46 18.18
C LYS F 90 -4.59 15.86 16.88
N ARG F 91 -3.81 16.01 15.82
CA ARG F 91 -4.19 15.46 14.53
C ARG F 91 -4.25 13.94 14.66
N PRO F 92 -5.41 13.34 14.37
CA PRO F 92 -5.57 11.88 14.48
C PRO F 92 -4.62 11.16 13.54
N GLY F 93 -4.34 9.90 13.87
CA GLY F 93 -3.45 9.13 13.03
C GLY F 93 -2.09 9.03 13.69
N PRO F 94 -1.32 7.97 13.36
CA PRO F 94 0.01 7.74 13.92
C PRO F 94 1.02 8.84 13.67
N ASP F 95 1.92 8.99 14.64
CA ASP F 95 3.01 9.95 14.57
C ASP F 95 4.22 9.16 15.05
N ARG F 96 5.40 9.76 14.98
CA ARG F 96 6.63 9.05 15.39
C ARG F 96 6.61 8.56 16.83
N ARG F 97 6.06 9.39 17.72
CA ARG F 97 5.97 9.02 19.11
C ARG F 97 5.06 7.82 19.36
N SER F 98 3.94 7.74 18.65
CA SER F 98 2.99 6.62 18.82
C SER F 98 3.49 5.31 18.25
N ILE F 99 4.10 5.38 17.08
CA ILE F 99 4.63 4.19 16.45
C ILE F 99 5.63 3.58 17.43
N GLU F 100 6.51 4.44 17.95
CA GLU F 100 7.54 4.08 18.91
C GLU F 100 6.93 3.40 20.14
N ILE F 101 5.99 4.09 20.77
CA ILE F 101 5.33 3.56 21.96
C ILE F 101 4.70 2.22 21.64
N SER F 102 4.15 2.10 20.45
CA SER F 102 3.51 0.88 20.04
C SER F 102 4.51 -0.26 19.92
N LYS F 103 5.71 0.07 19.45
CA LYS F 103 6.76 -0.92 19.30
C LYS F 103 7.27 -1.48 20.64
N VAL F 104 7.71 -0.61 21.57
CA VAL F 104 8.19 -1.11 22.87
C VAL F 104 7.07 -1.83 23.58
N SER F 105 5.85 -1.34 23.41
CA SER F 105 4.69 -1.97 24.04
C SER F 105 4.47 -3.36 23.43
N LYS F 106 4.56 -3.45 22.12
CA LYS F 106 4.40 -4.73 21.47
C LYS F 106 5.42 -5.67 22.12
N GLU F 107 6.67 -5.22 22.17
CA GLU F 107 7.79 -6.00 22.72
C GLU F 107 7.68 -6.40 24.19
N ALA F 108 6.97 -5.62 25.00
CA ALA F 108 6.80 -5.96 26.40
C ALA F 108 5.92 -7.19 26.55
N PHE F 109 5.00 -7.39 25.60
CA PHE F 109 4.11 -8.54 25.69
C PHE F 109 4.62 -9.76 24.95
N GLU F 110 5.55 -9.52 24.03
CA GLU F 110 6.14 -10.60 23.24
C GLU F 110 6.92 -11.57 24.10
N ALA F 111 7.32 -11.12 25.29
CA ALA F 111 8.09 -11.96 26.20
C ALA F 111 7.23 -12.65 27.25
N VAL F 112 6.02 -12.12 27.45
CA VAL F 112 5.09 -12.64 28.45
C VAL F 112 3.97 -13.51 27.85
N ILE F 113 3.46 -13.11 26.68
CA ILE F 113 2.40 -13.89 26.03
C ILE F 113 2.97 -15.19 25.52
N MET F 114 2.23 -16.28 25.72
CA MET F 114 2.67 -17.58 25.27
C MET F 114 2.23 -17.80 23.83
N LYS F 115 2.94 -17.13 22.92
CA LYS F 115 2.61 -17.19 21.51
C LYS F 115 2.75 -18.54 20.78
N GLU F 116 3.62 -19.42 21.27
CA GLU F 116 3.79 -20.71 20.60
C GLU F 116 2.53 -21.58 20.57
N LEU F 117 1.54 -21.23 21.40
CA LEU F 117 0.31 -22.00 21.47
C LEU F 117 -0.71 -21.69 20.39
N PHE F 118 -0.47 -20.64 19.62
CA PHE F 118 -1.41 -20.24 18.58
C PHE F 118 -0.70 -19.89 17.26
N PRO F 119 -0.13 -20.89 16.58
CA PRO F 119 0.59 -20.74 15.30
C PRO F 119 -0.29 -20.13 14.20
N ARG F 120 0.31 -19.30 13.35
CA ARG F 120 -0.41 -18.67 12.25
C ARG F 120 -1.53 -17.78 12.76
N SER F 121 -1.44 -17.37 14.02
CA SER F 121 -2.46 -16.51 14.61
C SER F 121 -2.02 -15.09 14.87
N ALA F 122 -2.95 -14.30 15.36
CA ALA F 122 -2.69 -12.91 15.68
C ALA F 122 -3.42 -12.57 16.97
N ILE F 123 -2.74 -11.86 17.84
CA ILE F 123 -3.31 -11.43 19.10
C ILE F 123 -3.09 -9.93 19.00
N ASP F 124 -4.13 -9.22 18.60
CA ASP F 124 -4.07 -7.78 18.42
C ASP F 124 -4.55 -7.01 19.62
N ILE F 125 -3.67 -6.14 20.11
CA ILE F 125 -3.95 -5.32 21.27
C ILE F 125 -4.16 -3.89 20.85
N PHE F 126 -5.32 -3.32 21.17
CA PHE F 126 -5.57 -1.93 20.82
C PHE F 126 -5.74 -1.12 22.08
N VAL F 127 -5.00 -0.03 22.19
CA VAL F 127 -5.12 0.81 23.37
C VAL F 127 -5.31 2.26 22.97
N GLU F 128 -6.40 2.85 23.44
CA GLU F 128 -6.73 4.23 23.11
C GLU F 128 -6.72 5.11 24.33
N VAL F 129 -6.13 6.29 24.21
CA VAL F 129 -6.12 7.17 25.36
C VAL F 129 -7.15 8.24 25.07
N LEU F 130 -8.17 8.29 25.92
CA LEU F 130 -9.26 9.25 25.77
C LEU F 130 -8.87 10.59 26.42
N GLN F 131 -8.08 10.54 27.48
CA GLN F 131 -7.60 11.76 28.12
C GLN F 131 -6.19 11.45 28.53
N ALA F 132 -5.27 12.34 28.20
CA ALA F 132 -3.90 12.09 28.53
C ALA F 132 -3.28 13.01 29.55
N ASP F 133 -2.31 12.46 30.25
CA ASP F 133 -1.53 13.19 31.23
C ASP F 133 -0.19 12.50 31.08
N ALA F 134 0.75 12.80 31.94
CA ALA F 134 2.03 12.11 31.85
C ALA F 134 1.73 10.66 32.24
N GLY F 135 2.45 9.71 31.63
CA GLY F 135 2.27 8.30 31.96
C GLY F 135 1.28 7.48 31.16
N SER F 136 0.59 8.12 30.21
CA SER F 136 -0.40 7.41 29.39
C SER F 136 0.14 6.09 28.87
N ARG F 137 1.40 6.11 28.48
CA ARG F 137 2.09 4.94 27.97
C ARG F 137 2.05 3.86 29.04
N THR F 138 2.30 4.27 30.27
CA THR F 138 2.30 3.38 31.42
C THR F 138 0.89 2.84 31.68
N ALA F 139 -0.09 3.75 31.68
CA ALA F 139 -1.49 3.41 31.89
C ALA F 139 -2.03 2.38 30.88
N CYS F 140 -1.65 2.55 29.61
CA CYS F 140 -2.09 1.64 28.55
C CYS F 140 -1.56 0.24 28.75
N LEU F 141 -0.33 0.14 29.24
CA LEU F 141 0.28 -1.14 29.48
C LEU F 141 -0.46 -1.91 30.57
N ASN F 142 -0.83 -1.19 31.63
CA ASN F 142 -1.54 -1.82 32.72
C ASN F 142 -2.94 -2.20 32.26
N ALA F 143 -3.48 -1.37 31.37
CA ALA F 143 -4.80 -1.61 30.83
C ALA F 143 -4.72 -2.82 29.90
N ALA F 144 -3.73 -2.80 29.00
CA ALA F 144 -3.57 -3.89 28.04
C ALA F 144 -3.38 -5.21 28.74
N SER F 145 -2.60 -5.20 29.81
CA SER F 145 -2.33 -6.43 30.56
C SER F 145 -3.61 -7.01 31.19
N VAL F 146 -4.46 -6.13 31.70
CA VAL F 146 -5.71 -6.58 32.29
C VAL F 146 -6.58 -7.10 31.16
N ALA F 147 -6.64 -6.36 30.07
CA ALA F 147 -7.42 -6.75 28.91
C ALA F 147 -7.03 -8.14 28.42
N LEU F 148 -5.73 -8.44 28.44
CA LEU F 148 -5.27 -9.74 28.00
C LEU F 148 -5.70 -10.88 28.92
N VAL F 149 -5.85 -10.62 30.21
CA VAL F 149 -6.26 -11.66 31.12
C VAL F 149 -7.76 -11.82 30.99
N ASP F 150 -8.43 -10.70 30.78
CA ASP F 150 -9.88 -10.71 30.60
C ASP F 150 -10.17 -11.58 29.36
N ALA F 151 -9.28 -11.52 28.38
CA ALA F 151 -9.44 -12.29 27.15
C ALA F 151 -8.97 -13.73 27.32
N GLY F 152 -8.45 -14.03 28.50
CA GLY F 152 -7.97 -15.38 28.77
C GLY F 152 -6.82 -15.88 27.92
N VAL F 153 -6.00 -14.97 27.37
CA VAL F 153 -4.88 -15.42 26.57
C VAL F 153 -3.72 -15.77 27.53
N PRO F 154 -3.17 -16.98 27.40
CA PRO F 154 -2.07 -17.49 28.24
C PRO F 154 -0.84 -16.60 28.30
N MET F 155 -0.33 -16.40 29.50
CA MET F 155 0.83 -15.57 29.72
C MET F 155 1.62 -16.10 30.90
N LYS F 156 2.93 -15.85 30.91
CA LYS F 156 3.78 -16.29 31.99
C LYS F 156 3.38 -15.57 33.29
N GLY F 157 2.70 -14.43 33.16
CA GLY F 157 2.30 -13.68 34.34
C GLY F 157 1.81 -12.30 33.93
N MET F 158 1.58 -11.41 34.89
CA MET F 158 1.12 -10.05 34.60
C MET F 158 2.21 -9.08 34.20
N ILE F 159 1.80 -7.98 33.57
CA ILE F 159 2.71 -6.93 33.19
C ILE F 159 2.17 -5.67 33.85
N THR F 160 2.97 -5.10 34.74
CA THR F 160 2.59 -3.88 35.44
C THR F 160 3.63 -2.81 35.11
N SER F 161 3.16 -1.61 34.82
CA SER F 161 4.02 -0.51 34.42
C SER F 161 3.79 0.76 35.23
N VAL F 162 4.87 1.49 35.51
CA VAL F 162 4.84 2.76 36.23
C VAL F 162 6.09 3.47 35.76
N ALA F 163 6.08 4.78 35.82
CA ALA F 163 7.25 5.54 35.44
C ALA F 163 7.80 6.23 36.69
N VAL F 164 9.08 6.55 36.67
CA VAL F 164 9.67 7.26 37.78
C VAL F 164 10.23 8.53 37.18
N GLY F 165 10.07 9.63 37.89
CA GLY F 165 10.60 10.89 37.43
C GLY F 165 11.57 11.45 38.44
N LYS F 166 12.13 12.61 38.12
CA LYS F 166 13.06 13.28 39.00
C LYS F 166 12.64 14.74 39.04
N ALA F 167 12.38 15.25 40.24
CA ALA F 167 11.95 16.63 40.43
C ALA F 167 12.75 17.29 41.55
N ASP F 168 13.26 18.49 41.26
CA ASP F 168 14.07 19.23 42.21
C ASP F 168 15.12 18.34 42.90
N GLY F 169 15.64 17.38 42.14
CA GLY F 169 16.66 16.49 42.66
C GLY F 169 16.17 15.21 43.32
N GLN F 170 14.86 15.07 43.49
CA GLN F 170 14.32 13.88 44.12
C GLN F 170 13.54 12.99 43.16
N LEU F 171 13.75 11.68 43.27
CA LEU F 171 13.04 10.72 42.42
C LEU F 171 11.61 10.63 42.93
N VAL F 172 10.65 10.78 42.02
CA VAL F 172 9.24 10.69 42.40
C VAL F 172 8.55 9.58 41.62
N LEU F 173 7.62 8.91 42.29
CA LEU F 173 6.88 7.82 41.68
C LEU F 173 5.70 8.35 40.87
N ASP F 174 5.42 7.73 39.73
CA ASP F 174 4.28 8.12 38.89
C ASP F 174 4.22 9.62 38.61
N PRO F 175 5.22 10.18 37.92
CA PRO F 175 5.16 11.61 37.65
C PRO F 175 3.93 12.14 36.95
N MET F 176 3.58 13.39 37.27
CA MET F 176 2.44 14.08 36.71
C MET F 176 2.93 14.98 35.57
N LYS F 177 1.98 15.60 34.86
CA LYS F 177 2.30 16.47 33.74
C LYS F 177 3.34 17.56 34.01
N GLU F 178 3.23 18.27 35.12
CA GLU F 178 4.19 19.34 35.41
C GLU F 178 5.56 18.76 35.72
N GLU F 179 5.59 17.59 36.33
CA GLU F 179 6.84 16.93 36.68
C GLU F 179 7.60 16.38 35.48
N ASP F 180 6.88 15.84 34.50
CA ASP F 180 7.55 15.33 33.30
C ASP F 180 8.11 16.47 32.46
N ASN F 181 7.31 17.52 32.29
CA ASN F 181 7.70 18.67 31.49
C ASN F 181 8.77 19.56 32.15
N PHE F 182 8.70 19.75 33.46
CA PHE F 182 9.68 20.61 34.15
C PHE F 182 10.65 19.88 35.06
N GLY F 183 10.59 18.55 35.08
CA GLY F 183 11.49 17.79 35.93
C GLY F 183 12.83 17.59 35.27
N GLU F 184 13.64 16.70 35.85
CA GLU F 184 14.96 16.42 35.30
C GLU F 184 15.07 15.06 34.64
N ALA F 185 14.04 14.22 34.80
CA ALA F 185 14.08 12.89 34.19
C ALA F 185 12.75 12.18 34.24
N ASP F 186 12.48 11.39 33.21
CA ASP F 186 11.27 10.62 33.12
C ASP F 186 11.72 9.22 32.77
N MET F 187 11.27 8.23 33.53
CA MET F 187 11.68 6.87 33.29
C MET F 187 10.55 5.84 33.40
N PRO F 188 9.90 5.52 32.27
CA PRO F 188 8.82 4.53 32.23
C PRO F 188 9.37 3.12 32.40
N PHE F 189 8.69 2.33 33.23
CA PHE F 189 9.08 0.94 33.50
C PHE F 189 7.87 0.03 33.32
N ALA F 190 8.18 -1.26 33.22
CA ALA F 190 7.17 -2.31 33.14
C ALA F 190 7.89 -3.58 33.56
N PHE F 191 7.25 -4.35 34.43
CA PHE F 191 7.87 -5.59 34.88
C PHE F 191 6.94 -6.74 34.63
N LEU F 192 7.51 -7.94 34.70
CA LEU F 192 6.74 -9.17 34.60
C LEU F 192 6.57 -9.55 36.08
N ILE F 193 5.36 -9.94 36.46
CA ILE F 193 5.09 -10.32 37.82
C ILE F 193 4.64 -11.77 37.89
N ARG F 194 5.33 -12.54 38.71
CA ARG F 194 5.03 -13.95 38.89
C ARG F 194 5.08 -14.25 40.38
N ASN F 195 4.07 -14.98 40.86
CA ASN F 195 4.03 -15.37 42.26
C ASN F 195 4.05 -14.12 43.15
N GLY F 196 3.34 -13.09 42.71
CA GLY F 196 3.28 -11.87 43.48
C GLY F 196 4.60 -11.12 43.60
N LYS F 197 5.61 -11.53 42.83
CA LYS F 197 6.91 -10.87 42.88
C LYS F 197 7.40 -10.32 41.55
N ILE F 198 8.17 -9.24 41.61
CA ILE F 198 8.76 -8.63 40.42
C ILE F 198 9.81 -9.62 39.93
N GLU F 199 9.62 -10.18 38.74
CA GLU F 199 10.58 -11.14 38.23
C GLU F 199 11.60 -10.51 37.31
N SER F 200 11.13 -9.81 36.28
CA SER F 200 12.04 -9.20 35.34
C SER F 200 11.50 -7.92 34.73
N ILE F 201 12.35 -7.23 33.98
CA ILE F 201 12.00 -5.97 33.33
C ILE F 201 11.50 -6.25 31.92
N ALA F 202 10.25 -5.85 31.65
CA ALA F 202 9.63 -6.06 30.35
C ALA F 202 9.74 -4.81 29.50
N LEU F 203 9.84 -3.67 30.17
CA LEU F 203 9.99 -2.43 29.44
C LEU F 203 10.80 -1.41 30.22
N LEU F 204 11.78 -0.82 29.52
CA LEU F 204 12.63 0.17 30.13
C LEU F 204 13.03 1.27 29.17
N GLN F 205 12.82 2.51 29.59
CA GLN F 205 13.17 3.69 28.82
C GLN F 205 13.44 4.84 29.77
N MET F 206 14.29 5.77 29.36
CA MET F 206 14.55 6.93 30.18
C MET F 206 15.07 8.08 29.37
N ASP F 207 14.71 9.28 29.80
CA ASP F 207 15.14 10.51 29.17
C ASP F 207 15.40 11.44 30.32
N GLY F 208 16.46 12.23 30.22
CA GLY F 208 16.76 13.17 31.28
C GLY F 208 18.21 13.09 31.68
N ARG F 209 18.46 13.34 32.95
CA ARG F 209 19.83 13.29 33.44
C ARG F 209 19.79 12.72 34.85
N MET F 210 20.31 11.51 34.98
CA MET F 210 20.34 10.81 36.26
C MET F 210 21.72 10.25 36.57
N THR F 211 22.03 10.11 37.85
CA THR F 211 23.31 9.54 38.23
C THR F 211 23.12 8.03 38.25
N ARG F 212 24.20 7.31 38.04
CA ARG F 212 24.16 5.86 38.06
C ARG F 212 23.44 5.40 39.32
N ASP F 213 23.73 6.05 40.44
CA ASP F 213 23.10 5.69 41.70
C ASP F 213 21.59 5.94 41.69
N GLU F 214 21.17 6.99 41.02
CA GLU F 214 19.75 7.31 40.96
C GLU F 214 19.00 6.34 40.04
N VAL F 215 19.70 5.76 39.06
CA VAL F 215 19.07 4.81 38.14
C VAL F 215 18.72 3.55 38.91
N LYS F 216 19.64 3.09 39.75
CA LYS F 216 19.42 1.89 40.53
C LYS F 216 18.36 2.09 41.59
N GLN F 217 18.32 3.29 42.16
CA GLN F 217 17.33 3.60 43.16
C GLN F 217 15.97 3.75 42.49
N ALA F 218 15.98 4.24 41.25
CA ALA F 218 14.73 4.42 40.49
C ALA F 218 14.08 3.07 40.24
N ILE F 219 14.88 2.05 39.95
CA ILE F 219 14.38 0.70 39.72
C ILE F 219 13.66 0.26 40.99
N GLU F 220 14.18 0.68 42.14
CA GLU F 220 13.61 0.31 43.42
C GLU F 220 12.28 0.99 43.71
N LEU F 221 12.12 2.25 43.29
CA LEU F 221 10.89 2.97 43.54
C LEU F 221 9.78 2.45 42.65
N ALA F 222 10.13 2.15 41.40
CA ALA F 222 9.19 1.65 40.40
C ALA F 222 8.67 0.28 40.82
N LYS F 223 9.54 -0.55 41.38
CA LYS F 223 9.10 -1.85 41.82
C LYS F 223 8.08 -1.72 42.93
N LYS F 224 8.32 -0.80 43.87
CA LYS F 224 7.39 -0.62 44.96
C LYS F 224 6.05 -0.16 44.40
N GLY F 225 6.11 0.66 43.37
CA GLY F 225 4.91 1.18 42.76
C GLY F 225 4.19 0.12 41.95
N ALA F 226 4.94 -0.57 41.12
CA ALA F 226 4.35 -1.59 40.29
C ALA F 226 3.61 -2.65 41.14
N LEU F 227 4.21 -3.12 42.23
CA LEU F 227 3.53 -4.10 43.08
C LEU F 227 2.19 -3.56 43.55
N GLN F 228 2.15 -2.27 43.90
CA GLN F 228 0.92 -1.66 44.33
C GLN F 228 -0.10 -1.71 43.17
N ILE F 229 0.35 -1.37 41.96
CA ILE F 229 -0.53 -1.41 40.79
C ILE F 229 -0.94 -2.86 40.48
N TYR F 230 0.01 -3.79 40.57
CA TYR F 230 -0.32 -5.19 40.31
C TYR F 230 -1.52 -5.62 41.16
N GLU F 231 -1.53 -5.23 42.43
CA GLU F 231 -2.63 -5.57 43.32
C GLU F 231 -3.96 -5.04 42.79
N MET F 232 -3.93 -3.83 42.26
CA MET F 232 -5.13 -3.25 41.71
C MET F 232 -5.58 -4.04 40.47
N GLN F 233 -4.62 -4.52 39.68
CA GLN F 233 -4.94 -5.30 38.49
C GLN F 233 -5.63 -6.61 38.90
N ARG F 234 -4.99 -7.33 39.81
CA ARG F 234 -5.51 -8.59 40.34
C ARG F 234 -6.94 -8.39 40.83
N GLU F 235 -7.18 -7.26 41.48
CA GLU F 235 -8.50 -6.92 42.02
C GLU F 235 -9.54 -6.76 40.90
N ALA F 236 -9.18 -6.07 39.83
CA ALA F 236 -10.10 -5.86 38.72
C ALA F 236 -10.47 -7.21 38.09
N ILE F 237 -9.51 -8.11 38.02
CA ILE F 237 -9.79 -9.42 37.46
C ILE F 237 -10.58 -10.25 38.47
N LEU F 238 -10.33 -10.04 39.76
CA LEU F 238 -11.04 -10.78 40.79
C LEU F 238 -12.53 -10.49 40.64
N ARG F 239 -12.86 -9.21 40.50
CA ARG F 239 -14.24 -8.80 40.35
C ARG F 239 -14.89 -9.41 39.12
N ARG F 240 -14.13 -9.45 38.03
CA ARG F 240 -14.59 -10.00 36.76
C ARG F 240 -14.91 -11.48 36.92
N TYR F 241 -14.12 -12.13 37.77
CA TYR F 241 -14.27 -13.53 38.11
C TYR F 241 -15.55 -13.71 38.94
N ILE F 242 -15.85 -12.73 39.79
CA ILE F 242 -17.03 -12.78 40.62
C ILE F 242 -18.29 -12.47 39.82
N GLU F 243 -18.17 -11.68 38.76
CA GLU F 243 -19.31 -11.30 37.95
C GLU F 243 -19.70 -12.40 36.96
N VAL F 244 -18.71 -13.10 36.41
CA VAL F 244 -19.00 -14.19 35.47
C VAL F 244 -19.48 -15.39 36.28
N GLY F 245 -19.09 -15.42 37.55
CA GLY F 245 -19.50 -16.51 38.41
C GLY F 245 -20.96 -16.35 38.74
N GLU F 246 -21.34 -15.16 39.19
CA GLU F 246 -22.72 -14.89 39.55
C GLU F 246 -23.56 -14.72 38.29
N GLU F 247 -22.93 -14.95 37.13
CA GLU F 247 -23.61 -14.87 35.85
C GLU F 247 -24.02 -16.29 35.49
N MET F 248 -23.06 -17.21 35.64
CA MET F 248 -23.32 -18.63 35.36
C MET F 248 -24.40 -19.12 36.30
N ASP F 249 -24.47 -18.52 37.50
CA ASP F 249 -25.47 -18.88 38.50
C ASP F 249 -26.76 -18.13 38.21
N GLU F 250 -26.67 -17.12 37.34
CA GLU F 250 -27.82 -16.31 36.96
C GLU F 250 -28.70 -17.11 36.00
N ILE F 251 -28.09 -17.60 34.91
CA ILE F 251 -28.80 -18.39 33.91
C ILE F 251 -29.47 -19.59 34.59
N THR F 252 -28.79 -20.13 35.60
CA THR F 252 -29.30 -21.28 36.35
C THR F 252 -30.30 -20.79 37.40
N GLU F 253 -30.37 -19.47 37.59
CA GLU F 253 -31.29 -18.90 38.55
C GLU F 253 -32.62 -18.56 37.89
N MET G 1 -13.78 -13.20 5.57
CA MET G 1 -14.38 -14.39 4.88
C MET G 1 -14.64 -15.57 5.82
N PRO G 2 -13.75 -15.80 6.80
CA PRO G 2 -13.98 -16.93 7.72
C PRO G 2 -15.00 -16.57 8.81
N GLU G 3 -15.21 -15.26 8.99
CA GLU G 3 -16.15 -14.75 9.97
C GLU G 3 -17.56 -14.87 9.40
N ASP G 4 -17.67 -14.71 8.09
CA ASP G 4 -18.94 -14.79 7.36
C ASP G 4 -19.81 -16.01 7.68
N ILE G 5 -19.20 -17.15 8.03
CA ILE G 5 -20.00 -18.33 8.31
C ILE G 5 -20.96 -18.12 9.48
N LEU G 6 -20.45 -17.56 10.58
CA LEU G 6 -21.28 -17.30 11.74
C LEU G 6 -22.33 -16.22 11.46
N VAL G 7 -21.92 -15.21 10.70
CA VAL G 7 -22.79 -14.11 10.34
C VAL G 7 -23.95 -14.58 9.46
N ASP G 8 -23.63 -15.36 8.43
CA ASP G 8 -24.63 -15.87 7.52
C ASP G 8 -25.73 -16.66 8.22
N ILE G 9 -25.38 -17.40 9.26
CA ILE G 9 -26.36 -18.15 10.01
C ILE G 9 -27.18 -17.18 10.85
N LYS G 10 -26.53 -16.11 11.31
CA LYS G 10 -27.20 -15.08 12.09
C LYS G 10 -28.16 -14.34 11.16
N ARG G 11 -27.80 -14.23 9.90
CA ARG G 11 -28.64 -13.57 8.92
C ARG G 11 -29.93 -14.37 8.68
N ASP G 12 -29.79 -15.69 8.62
CA ASP G 12 -30.96 -16.55 8.41
C ASP G 12 -31.92 -16.39 9.56
N TYR G 13 -31.39 -16.19 10.76
CA TYR G 13 -32.20 -16.05 11.97
C TYR G 13 -32.98 -14.72 11.97
N VAL G 14 -32.29 -13.62 11.71
CA VAL G 14 -32.96 -12.33 11.68
C VAL G 14 -34.05 -12.34 10.60
N LEU G 15 -33.84 -13.09 9.54
CA LEU G 15 -34.82 -13.15 8.46
C LEU G 15 -35.95 -14.11 8.85
N SER G 16 -35.59 -15.19 9.52
CA SER G 16 -36.58 -16.16 9.96
C SER G 16 -37.59 -15.49 10.85
N LYS G 17 -37.13 -14.53 11.66
CA LYS G 17 -37.99 -13.79 12.56
C LYS G 17 -38.74 -12.68 11.82
N LEU G 18 -38.09 -12.07 10.82
CA LEU G 18 -38.72 -11.00 10.06
C LEU G 18 -39.96 -11.52 9.33
N ARG G 19 -39.91 -12.77 8.92
CA ARG G 19 -41.04 -13.39 8.24
C ARG G 19 -42.21 -13.54 9.19
N ASP G 20 -41.92 -13.68 10.48
CA ASP G 20 -42.94 -13.82 11.50
C ASP G 20 -43.17 -12.49 12.20
N ASN G 21 -42.85 -11.41 11.50
CA ASN G 21 -43.04 -10.04 12.00
C ASN G 21 -42.39 -9.70 13.36
N GLU G 22 -41.14 -10.11 13.55
CA GLU G 22 -40.44 -9.84 14.80
C GLU G 22 -38.95 -9.54 14.65
N ARG G 23 -38.39 -8.97 15.71
CA ARG G 23 -36.97 -8.66 15.74
C ARG G 23 -36.37 -9.61 16.77
N ILE G 24 -35.05 -9.76 16.72
CA ILE G 24 -34.28 -10.63 17.62
C ILE G 24 -34.56 -10.41 19.11
N ASP G 25 -34.51 -9.15 19.55
CA ASP G 25 -34.70 -8.81 20.95
C ASP G 25 -36.11 -8.44 21.37
N GLY G 26 -37.05 -8.45 20.43
CA GLY G 26 -38.42 -8.12 20.81
C GLY G 26 -38.86 -6.67 20.63
N ARG G 27 -38.00 -5.83 20.08
CA ARG G 27 -38.35 -4.44 19.87
C ARG G 27 -39.40 -4.30 18.76
N GLY G 28 -39.96 -3.11 18.65
CA GLY G 28 -40.93 -2.83 17.61
C GLY G 28 -40.09 -2.29 16.47
N PHE G 29 -40.64 -2.25 15.27
CA PHE G 29 -39.87 -1.78 14.13
C PHE G 29 -39.48 -0.31 14.12
N ASP G 30 -39.95 0.44 15.11
CA ASP G 30 -39.63 1.86 15.18
C ASP G 30 -39.10 2.23 16.55
N GLU G 31 -38.68 1.22 17.30
CA GLU G 31 -38.16 1.35 18.65
C GLU G 31 -36.63 1.34 18.81
N PHE G 32 -36.07 2.39 19.40
CA PHE G 32 -34.63 2.43 19.65
C PHE G 32 -34.35 1.58 20.90
N ARG G 33 -33.09 1.20 21.09
CA ARG G 33 -32.71 0.45 22.29
C ARG G 33 -32.51 1.56 23.33
N LYS G 34 -32.28 1.19 24.58
CA LYS G 34 -32.08 2.20 25.62
C LYS G 34 -30.95 3.17 25.25
N VAL G 35 -31.18 4.46 25.42
CA VAL G 35 -30.20 5.49 25.11
C VAL G 35 -29.69 6.11 26.40
N GLU G 36 -28.37 6.25 26.52
CA GLU G 36 -27.79 6.85 27.70
C GLU G 36 -26.76 7.92 27.29
N ILE G 37 -27.01 9.17 27.66
CA ILE G 37 -26.11 10.26 27.31
C ILE G 37 -25.32 10.73 28.55
N ILE G 38 -23.99 10.69 28.46
CA ILE G 38 -23.16 11.11 29.57
C ILE G 38 -22.20 12.20 29.13
N PRO G 39 -22.45 13.47 29.51
CA PRO G 39 -21.56 14.57 29.13
C PRO G 39 -20.39 14.78 30.12
N ASN G 40 -19.44 15.64 29.73
CA ASN G 40 -18.27 15.96 30.56
C ASN G 40 -17.49 14.71 31.01
N VAL G 41 -17.29 13.80 30.07
CA VAL G 41 -16.57 12.57 30.34
C VAL G 41 -15.08 12.76 30.07
N ILE G 42 -14.74 13.85 29.40
CA ILE G 42 -13.35 14.17 29.10
C ILE G 42 -13.09 15.61 29.52
N GLU G 43 -12.69 15.80 30.78
CA GLU G 43 -12.45 17.14 31.31
C GLU G 43 -11.53 18.04 30.48
N LYS G 44 -10.37 17.53 30.06
CA LYS G 44 -9.42 18.32 29.26
C LYS G 44 -10.02 18.82 27.96
N ALA G 45 -11.18 18.29 27.59
CA ALA G 45 -11.85 18.70 26.38
C ALA G 45 -12.78 19.89 26.67
N GLU G 46 -12.95 20.77 25.69
CA GLU G 46 -13.84 21.92 25.84
C GLU G 46 -15.29 21.43 25.95
N GLY G 47 -15.53 20.23 25.43
CA GLY G 47 -16.85 19.64 25.48
C GLY G 47 -16.73 18.16 25.19
N SER G 48 -17.65 17.36 25.74
CA SER G 48 -17.56 15.94 25.48
C SER G 48 -18.81 15.21 25.88
N ALA G 49 -18.97 14.00 25.34
CA ALA G 49 -20.15 13.20 25.66
C ALA G 49 -19.96 11.75 25.28
N LEU G 50 -20.47 10.87 26.12
CA LEU G 50 -20.41 9.44 25.88
C LEU G 50 -21.85 9.02 25.68
N VAL G 51 -22.14 8.32 24.59
CA VAL G 51 -23.49 7.89 24.36
C VAL G 51 -23.53 6.39 24.24
N LYS G 52 -24.54 5.82 24.88
CA LYS G 52 -24.75 4.39 24.84
C LYS G 52 -26.10 4.18 24.17
N LEU G 53 -26.09 3.34 23.15
CA LEU G 53 -27.28 2.99 22.38
C LEU G 53 -27.23 1.49 22.43
N GLY G 54 -28.00 0.91 23.34
CA GLY G 54 -27.95 -0.54 23.51
C GLY G 54 -26.55 -0.78 24.04
N ASP G 55 -25.84 -1.76 23.46
CA ASP G 55 -24.46 -2.05 23.87
C ASP G 55 -23.47 -1.23 23.05
N THR G 56 -23.97 -0.47 22.08
CA THR G 56 -23.13 0.37 21.24
C THR G 56 -22.63 1.58 22.02
N GLN G 57 -21.32 1.81 21.98
CA GLN G 57 -20.72 2.93 22.70
C GLN G 57 -19.87 3.80 21.81
N VAL G 58 -19.96 5.10 22.00
CA VAL G 58 -19.20 6.07 21.22
C VAL G 58 -18.96 7.31 22.07
N VAL G 59 -17.83 7.98 21.86
CA VAL G 59 -17.53 9.18 22.63
C VAL G 59 -17.11 10.25 21.68
N VAL G 60 -17.62 11.45 21.90
CA VAL G 60 -17.27 12.57 21.06
C VAL G 60 -16.62 13.63 21.93
N GLY G 61 -15.57 14.23 21.39
CA GLY G 61 -14.88 15.26 22.14
C GLY G 61 -14.83 16.47 21.25
N VAL G 62 -14.86 17.64 21.86
CA VAL G 62 -14.82 18.88 21.09
C VAL G 62 -13.64 19.71 21.57
N LYS G 63 -12.92 20.29 20.62
CA LYS G 63 -11.78 21.13 20.93
C LYS G 63 -11.93 22.43 20.15
N MET G 64 -11.70 23.55 20.82
CA MET G 64 -11.82 24.83 20.16
C MET G 64 -10.54 25.62 20.23
N GLN G 65 -10.15 26.19 19.10
CA GLN G 65 -8.95 27.00 19.02
C GLN G 65 -9.18 27.98 17.86
N PRO G 66 -8.61 29.18 17.95
CA PRO G 66 -8.79 30.16 16.87
C PRO G 66 -7.89 29.97 15.67
N GLY G 67 -8.12 30.76 14.62
CA GLY G 67 -7.27 30.65 13.46
C GLY G 67 -7.79 30.94 12.06
N GLU G 68 -7.92 29.86 11.31
CA GLU G 68 -8.34 29.88 9.92
C GLU G 68 -9.81 30.10 9.54
N PRO G 69 -10.12 31.29 9.01
CA PRO G 69 -11.51 31.54 8.60
C PRO G 69 -11.48 31.20 7.11
N TYR G 70 -12.48 30.47 6.63
CA TYR G 70 -12.49 30.13 5.21
C TYR G 70 -12.49 31.39 4.34
N PRO G 71 -11.76 31.36 3.20
CA PRO G 71 -11.71 32.51 2.30
C PRO G 71 -13.08 32.99 1.85
N ASP G 72 -13.99 32.05 1.59
CA ASP G 72 -15.34 32.41 1.14
C ASP G 72 -16.23 32.89 2.27
N THR G 73 -15.87 32.59 3.51
CA THR G 73 -16.67 32.99 4.65
C THR G 73 -15.89 33.69 5.77
N PRO G 74 -15.05 34.66 5.40
CA PRO G 74 -14.24 35.39 6.39
C PRO G 74 -15.08 36.22 7.36
N ASP G 75 -15.93 35.56 8.12
CA ASP G 75 -16.79 36.22 9.09
C ASP G 75 -17.72 35.16 9.64
N ARG G 76 -17.37 33.92 9.34
CA ARG G 76 -18.15 32.76 9.77
C ARG G 76 -17.23 31.74 10.45
N GLY G 77 -17.64 31.28 11.62
CA GLY G 77 -16.87 30.30 12.37
C GLY G 77 -16.62 29.03 11.58
N VAL G 78 -15.91 28.08 12.19
CA VAL G 78 -15.59 26.83 11.52
C VAL G 78 -15.81 25.58 12.35
N ILE G 79 -16.43 24.57 11.73
CA ILE G 79 -16.70 23.31 12.41
C ILE G 79 -16.20 22.16 11.56
N ILE G 80 -15.31 21.36 12.13
CA ILE G 80 -14.75 20.21 11.45
C ILE G 80 -15.13 18.97 12.22
N VAL G 81 -15.63 17.97 11.51
CA VAL G 81 -16.02 16.74 12.17
C VAL G 81 -15.24 15.55 11.63
N ASN G 82 -14.72 14.73 12.54
CA ASN G 82 -13.97 13.56 12.15
C ASN G 82 -14.37 12.38 13.01
N ALA G 83 -14.14 11.20 12.49
CA ALA G 83 -14.49 10.00 13.22
C ALA G 83 -13.39 8.98 13.08
N GLU G 84 -13.25 8.16 14.11
CA GLU G 84 -12.29 7.09 14.13
C GLU G 84 -13.08 5.87 14.53
N LEU G 85 -13.03 4.84 13.69
CA LEU G 85 -13.73 3.58 13.96
C LEU G 85 -12.66 2.50 14.05
N VAL G 86 -11.85 2.58 15.10
CA VAL G 86 -10.76 1.61 15.29
C VAL G 86 -11.30 0.18 15.31
N PRO G 98 -14.41 0.57 6.53
CA PRO G 98 -13.07 1.03 6.94
C PRO G 98 -12.92 2.56 6.98
N ASP G 99 -12.18 3.11 6.03
CA ASP G 99 -11.95 4.55 5.96
C ASP G 99 -13.18 5.20 5.31
N GLU G 100 -13.59 4.62 4.20
CA GLU G 100 -14.74 5.06 3.44
C GLU G 100 -15.98 5.16 4.32
N ASN G 101 -16.13 4.22 5.26
CA ASN G 101 -17.26 4.21 6.18
C ASN G 101 -17.10 5.29 7.23
N SER G 102 -15.93 5.31 7.86
CA SER G 102 -15.62 6.30 8.88
C SER G 102 -15.84 7.71 8.31
N ILE G 103 -15.55 7.87 7.02
CA ILE G 103 -15.72 9.14 6.33
C ILE G 103 -17.21 9.45 6.15
N GLU G 104 -17.98 8.46 5.72
CA GLU G 104 -19.40 8.68 5.53
C GLU G 104 -20.06 9.00 6.85
N LEU G 105 -19.62 8.34 7.92
CA LEU G 105 -20.16 8.58 9.24
C LEU G 105 -19.90 10.01 9.70
N ALA G 106 -18.68 10.49 9.52
CA ALA G 106 -18.37 11.84 9.92
C ALA G 106 -19.18 12.84 9.10
N ARG G 107 -19.24 12.64 7.79
CA ARG G 107 -19.99 13.56 6.93
C ARG G 107 -21.46 13.70 7.29
N VAL G 108 -22.12 12.59 7.62
CA VAL G 108 -23.53 12.62 7.97
C VAL G 108 -23.73 13.45 9.24
N VAL G 109 -23.02 13.09 10.30
CA VAL G 109 -23.08 13.79 11.58
C VAL G 109 -22.85 15.27 11.33
N ASP G 110 -21.87 15.57 10.51
CA ASP G 110 -21.56 16.96 10.18
C ASP G 110 -22.72 17.65 9.45
N ARG G 111 -23.24 17.00 8.42
CA ARG G 111 -24.33 17.56 7.64
C ARG G 111 -25.51 17.93 8.53
N GLY G 112 -25.88 17.02 9.43
CA GLY G 112 -26.98 17.29 10.32
C GLY G 112 -26.74 18.47 11.24
N ILE G 113 -25.48 18.72 11.60
CA ILE G 113 -25.16 19.83 12.48
C ILE G 113 -25.09 21.09 11.63
N ARG G 114 -24.50 20.96 10.44
CA ARG G 114 -24.35 22.07 9.52
C ARG G 114 -25.69 22.61 8.98
N GLU G 115 -26.51 21.72 8.43
CA GLU G 115 -27.80 22.11 7.87
C GLU G 115 -28.87 22.55 8.86
N SER G 116 -28.73 22.17 10.13
CA SER G 116 -29.69 22.58 11.15
C SER G 116 -29.16 23.86 11.82
N GLU G 117 -27.94 24.23 11.48
CA GLU G 117 -27.31 25.42 12.03
C GLU G 117 -27.31 25.38 13.55
N ALA G 118 -27.11 24.20 14.11
CA ALA G 118 -27.08 23.98 15.55
C ALA G 118 -26.14 24.93 16.27
N VAL G 119 -25.12 25.38 15.57
CA VAL G 119 -24.13 26.27 16.15
C VAL G 119 -23.97 27.51 15.31
N ASP G 120 -24.38 28.65 15.87
CA ASP G 120 -24.27 29.91 15.18
C ASP G 120 -22.80 30.22 14.86
N LEU G 121 -22.40 29.93 13.63
CA LEU G 121 -21.02 30.15 13.20
C LEU G 121 -20.68 31.63 13.08
N SER G 122 -21.68 32.48 13.03
CA SER G 122 -21.42 33.91 12.93
C SER G 122 -20.99 34.47 14.28
N LYS G 123 -21.39 33.81 15.36
CA LYS G 123 -21.04 34.26 16.70
C LYS G 123 -19.63 33.87 17.13
N LEU G 124 -19.02 32.96 16.40
CA LEU G 124 -17.68 32.50 16.73
C LEU G 124 -16.61 33.29 16.00
N VAL G 125 -16.93 34.54 15.66
CA VAL G 125 -15.98 35.40 14.97
C VAL G 125 -15.13 36.13 16.00
N ILE G 126 -13.90 36.44 15.64
CA ILE G 126 -12.99 37.14 16.54
C ILE G 126 -12.35 38.35 15.87
N GLU G 127 -12.00 38.19 14.60
CA GLU G 127 -11.35 39.24 13.84
C GLU G 127 -11.68 39.08 12.35
N GLU G 128 -12.79 39.69 11.92
CA GLU G 128 -13.24 39.63 10.52
C GLU G 128 -12.19 39.11 9.54
N GLY G 129 -12.22 37.82 9.24
CA GLY G 129 -11.29 37.26 8.27
C GLY G 129 -9.81 37.13 8.66
N GLU G 130 -9.52 37.16 9.95
CA GLU G 130 -8.15 37.03 10.43
C GLU G 130 -8.09 35.88 11.44
N LYS G 131 -8.93 35.98 12.47
CA LYS G 131 -9.02 34.97 13.52
C LYS G 131 -10.50 34.63 13.78
N VAL G 132 -10.80 33.34 13.81
CA VAL G 132 -12.17 32.88 14.04
C VAL G 132 -12.11 31.53 14.77
N TRP G 133 -13.00 31.35 15.74
CA TRP G 133 -13.04 30.09 16.48
C TRP G 133 -13.20 28.92 15.54
N ILE G 134 -12.47 27.85 15.82
CA ILE G 134 -12.52 26.65 15.01
C ILE G 134 -12.88 25.45 15.89
N VAL G 135 -14.09 24.94 15.71
CA VAL G 135 -14.57 23.81 16.51
C VAL G 135 -14.27 22.44 15.92
N PHE G 136 -13.44 21.66 16.62
CA PHE G 136 -13.11 20.31 16.16
C PHE G 136 -14.03 19.32 16.86
N VAL G 137 -14.73 18.52 16.08
CA VAL G 137 -15.61 17.52 16.66
C VAL G 137 -15.01 16.17 16.30
N ASP G 138 -14.54 15.45 17.30
CA ASP G 138 -13.94 14.15 17.03
C ASP G 138 -14.73 13.03 17.65
N ILE G 139 -15.14 12.11 16.79
CA ILE G 139 -15.92 10.95 17.16
C ILE G 139 -15.02 9.75 17.35
N HIS G 140 -15.15 9.08 18.49
CA HIS G 140 -14.35 7.92 18.76
C HIS G 140 -15.27 6.75 19.12
N ALA G 141 -15.31 5.73 18.29
CA ALA G 141 -16.16 4.57 18.55
C ALA G 141 -15.48 3.67 19.58
N LEU G 142 -16.21 3.23 20.60
CA LEU G 142 -15.65 2.35 21.63
C LEU G 142 -16.14 0.91 21.45
N ASP G 143 -17.45 0.72 21.34
CA ASP G 143 -18.00 -0.61 21.16
C ASP G 143 -19.00 -0.58 20.02
N ASP G 144 -18.68 -1.24 18.91
CA ASP G 144 -19.60 -1.24 17.78
C ASP G 144 -20.62 -2.36 17.87
N ASP G 145 -21.83 -2.04 18.32
CA ASP G 145 -22.88 -3.05 18.40
C ASP G 145 -24.04 -2.69 17.48
N GLY G 146 -23.75 -1.86 16.48
CA GLY G 146 -24.75 -1.45 15.52
C GLY G 146 -25.15 0.01 15.61
N ASN G 147 -25.35 0.62 14.45
CA ASN G 147 -25.80 2.00 14.36
C ASN G 147 -24.94 3.02 15.10
N LEU G 148 -23.62 2.96 14.86
CA LEU G 148 -22.69 3.91 15.47
C LEU G 148 -23.04 5.30 14.98
N LEU G 149 -23.71 5.35 13.82
CA LEU G 149 -24.11 6.62 13.24
C LEU G 149 -25.05 7.46 14.11
N ASP G 150 -26.12 6.85 14.60
CA ASP G 150 -27.06 7.56 15.45
C ASP G 150 -26.44 7.89 16.80
N ALA G 151 -25.72 6.92 17.35
CA ALA G 151 -25.06 7.13 18.61
C ALA G 151 -24.10 8.32 18.48
N SER G 152 -23.29 8.34 17.42
CA SER G 152 -22.35 9.44 17.23
C SER G 152 -23.04 10.77 17.02
N ALA G 153 -24.22 10.74 16.41
CA ALA G 153 -24.98 11.97 16.15
C ALA G 153 -25.53 12.51 17.47
N LEU G 154 -26.02 11.60 18.31
CA LEU G 154 -26.54 11.96 19.62
C LEU G 154 -25.39 12.47 20.49
N ALA G 155 -24.24 11.80 20.40
CA ALA G 155 -23.08 12.19 21.19
C ALA G 155 -22.48 13.51 20.72
N ALA G 156 -22.44 13.75 19.42
CA ALA G 156 -21.86 15.00 18.94
C ALA G 156 -22.69 16.23 19.35
N ILE G 157 -24.01 16.19 19.16
CA ILE G 157 -24.85 17.32 19.54
C ILE G 157 -24.83 17.47 21.08
N ALA G 158 -24.87 16.35 21.78
CA ALA G 158 -24.81 16.36 23.24
C ALA G 158 -23.50 16.98 23.69
N ALA G 159 -22.42 16.65 22.99
CA ALA G 159 -21.10 17.19 23.32
C ALA G 159 -21.04 18.69 23.06
N LEU G 160 -21.54 19.14 21.92
CA LEU G 160 -21.53 20.57 21.61
C LEU G 160 -22.40 21.36 22.60
N MET G 161 -23.52 20.77 23.01
CA MET G 161 -24.40 21.43 23.96
C MET G 161 -23.72 21.59 25.31
N ASN G 162 -22.77 20.72 25.61
CA ASN G 162 -22.03 20.80 26.86
C ASN G 162 -20.61 21.29 26.64
N THR G 163 -20.43 22.18 25.67
CA THR G 163 -19.11 22.71 25.34
C THR G 163 -18.86 24.10 25.89
N LYS G 164 -17.63 24.34 26.32
CA LYS G 164 -17.23 25.60 26.91
C LYS G 164 -16.13 26.26 26.09
N VAL G 165 -16.44 27.41 25.50
CA VAL G 165 -15.45 28.10 24.68
C VAL G 165 -14.25 28.48 25.54
N PRO G 166 -13.03 28.16 25.08
CA PRO G 166 -11.79 28.44 25.78
C PRO G 166 -11.25 29.85 25.52
N ALA G 167 -12.04 30.86 25.87
CA ALA G 167 -11.63 32.25 25.67
C ALA G 167 -10.43 32.63 26.54
N GLU G 168 -10.59 32.49 27.85
CA GLU G 168 -9.55 32.82 28.82
C GLU G 168 -8.20 32.24 28.44
N ARG G 169 -8.17 30.93 28.25
CA ARG G 169 -6.95 30.23 27.86
C ARG G 169 -6.18 30.97 26.77
N PHE G 170 -6.86 31.83 26.02
CA PHE G 170 -6.21 32.55 24.94
C PHE G 170 -6.00 34.05 25.19
N ASP G 171 -7.07 34.84 25.15
CA ASP G 171 -6.94 36.28 25.37
C ASP G 171 -8.25 36.95 25.01
N LEU G 172 -9.27 36.14 24.77
CA LEU G 172 -10.56 36.69 24.38
C LEU G 172 -11.52 36.88 25.54
N GLY G 173 -10.98 36.94 26.76
CA GLY G 173 -11.80 37.17 27.93
C GLY G 173 -12.54 35.99 28.54
N GLU G 174 -13.49 36.30 29.43
CA GLU G 174 -14.31 35.30 30.10
C GLU G 174 -14.71 34.16 29.18
N ASP G 175 -14.85 32.97 29.77
CA ASP G 175 -15.25 31.80 29.00
C ASP G 175 -16.78 31.75 29.00
N TYR G 176 -17.36 31.24 27.92
CA TYR G 176 -18.82 31.13 27.81
C TYR G 176 -19.21 29.82 27.13
N LEU G 177 -20.39 29.33 27.46
CA LEU G 177 -20.89 28.11 26.87
C LEU G 177 -21.08 28.35 25.38
N LEU G 178 -20.90 27.29 24.60
CA LEU G 178 -21.07 27.41 23.16
C LEU G 178 -22.55 27.65 22.84
N PRO G 179 -22.84 28.74 22.13
CA PRO G 179 -24.23 29.04 21.77
C PRO G 179 -24.79 28.02 20.78
N VAL G 180 -25.65 27.15 21.28
CA VAL G 180 -26.28 26.10 20.48
C VAL G 180 -27.77 26.40 20.31
N ARG G 181 -28.23 26.48 19.06
CA ARG G 181 -29.63 26.80 18.82
C ARG G 181 -30.54 25.71 18.26
N ASP G 182 -30.00 24.55 17.93
CA ASP G 182 -30.88 23.51 17.42
C ASP G 182 -30.49 22.14 17.94
N LEU G 183 -31.34 21.15 17.71
CA LEU G 183 -31.06 19.82 18.20
C LEU G 183 -31.20 18.77 17.10
N PRO G 184 -30.16 18.60 16.28
CA PRO G 184 -30.13 17.63 15.18
C PRO G 184 -30.11 16.23 15.73
N VAL G 185 -30.99 15.39 15.22
CA VAL G 185 -31.05 13.99 15.64
C VAL G 185 -31.30 13.20 14.38
N SER G 186 -30.73 12.01 14.29
CA SER G 186 -30.92 11.21 13.10
C SER G 186 -31.32 9.80 13.40
N VAL G 187 -32.26 9.32 12.62
CA VAL G 187 -32.76 7.98 12.75
C VAL G 187 -32.24 7.19 11.56
N THR G 188 -31.57 6.10 11.85
CA THR G 188 -31.01 5.25 10.82
C THR G 188 -31.80 3.96 10.91
N SER G 189 -32.27 3.51 9.76
CA SER G 189 -33.04 2.29 9.70
C SER G 189 -32.41 1.36 8.70
N LEU G 190 -32.48 0.08 9.03
CA LEU G 190 -31.98 -1.00 8.22
C LEU G 190 -33.16 -1.38 7.34
N ILE G 191 -33.02 -1.27 6.01
CA ILE G 191 -34.09 -1.67 5.10
C ILE G 191 -33.83 -3.09 4.61
N VAL G 192 -34.82 -3.95 4.73
CA VAL G 192 -34.69 -5.33 4.29
C VAL G 192 -35.90 -5.68 3.46
N GLY G 193 -35.75 -5.63 2.14
CA GLY G 193 -36.86 -5.95 1.26
C GLY G 193 -37.79 -4.75 1.31
N ASN G 194 -39.03 -4.98 1.74
CA ASN G 194 -39.99 -3.88 1.83
C ASN G 194 -40.30 -3.56 3.29
N LYS G 195 -39.48 -4.11 4.19
CA LYS G 195 -39.60 -3.92 5.62
C LYS G 195 -38.46 -3.02 6.11
N TYR G 196 -38.69 -2.27 7.19
CA TYR G 196 -37.66 -1.43 7.75
C TYR G 196 -37.50 -1.79 9.23
N LEU G 197 -36.29 -1.59 9.75
CA LEU G 197 -35.98 -1.84 11.15
C LEU G 197 -35.20 -0.64 11.66
N VAL G 198 -35.84 0.15 12.53
CA VAL G 198 -35.18 1.33 13.08
C VAL G 198 -34.14 0.89 14.11
N ASP G 199 -33.03 1.63 14.15
CA ASP G 199 -31.93 1.37 15.06
C ASP G 199 -31.47 -0.09 15.01
N PRO G 200 -30.93 -0.52 13.87
CA PRO G 200 -30.46 -1.90 13.75
C PRO G 200 -29.28 -2.23 14.68
N SER G 201 -29.30 -3.40 15.27
CA SER G 201 -28.21 -3.83 16.14
C SER G 201 -27.13 -4.47 15.24
N ARG G 202 -25.93 -4.70 15.77
CA ARG G 202 -24.88 -5.33 14.98
C ARG G 202 -25.39 -6.65 14.43
N GLU G 203 -26.13 -7.40 15.25
CA GLU G 203 -26.66 -8.70 14.83
C GLU G 203 -27.58 -8.58 13.64
N GLU G 204 -28.49 -7.61 13.70
CA GLU G 204 -29.42 -7.41 12.61
C GLU G 204 -28.73 -7.02 11.32
N MET G 205 -27.59 -6.34 11.44
CA MET G 205 -26.83 -5.90 10.29
C MET G 205 -26.27 -7.06 9.49
N SER G 206 -26.28 -8.24 10.08
CA SER G 206 -25.76 -9.41 9.41
C SER G 206 -26.55 -9.70 8.13
N VAL G 207 -27.66 -9.00 7.96
CA VAL G 207 -28.50 -9.18 6.78
C VAL G 207 -27.93 -8.48 5.56
N GLY G 208 -27.26 -7.35 5.81
CA GLY G 208 -26.64 -6.58 4.74
C GLY G 208 -26.48 -5.18 5.25
N ASP G 209 -25.77 -4.32 4.52
CA ASP G 209 -25.60 -2.94 4.97
C ASP G 209 -26.44 -1.99 4.16
N THR G 210 -27.74 -2.27 4.16
CA THR G 210 -28.72 -1.50 3.44
C THR G 210 -29.51 -0.66 4.42
N THR G 211 -29.22 0.63 4.49
CA THR G 211 -29.90 1.48 5.44
C THR G 211 -30.33 2.84 4.88
N LEU G 212 -31.21 3.49 5.63
CA LEU G 212 -31.70 4.81 5.26
C LEU G 212 -31.50 5.64 6.52
N THR G 213 -31.09 6.89 6.37
CA THR G 213 -30.86 7.74 7.51
C THR G 213 -31.49 9.10 7.29
N ILE G 214 -32.37 9.48 8.21
CA ILE G 214 -33.05 10.77 8.14
C ILE G 214 -32.70 11.58 9.39
N THR G 215 -32.34 12.84 9.18
CA THR G 215 -31.98 13.72 10.28
C THR G 215 -32.93 14.91 10.37
N THR G 216 -33.51 15.08 11.56
CA THR G 216 -34.47 16.13 11.83
C THR G 216 -33.99 17.20 12.81
N ASP G 217 -34.53 18.41 12.69
CA ASP G 217 -34.18 19.50 13.59
C ASP G 217 -35.31 19.70 14.62
N LYS G 218 -35.18 20.73 15.46
CA LYS G 218 -36.20 21.04 16.49
C LYS G 218 -37.63 20.92 15.98
N ASP G 219 -37.92 21.70 14.94
CA ASP G 219 -39.23 21.78 14.33
C ASP G 219 -39.65 20.62 13.46
N ASP G 220 -38.89 19.54 13.46
CA ASP G 220 -39.23 18.37 12.65
C ASP G 220 -39.01 18.48 11.15
N ASN G 221 -38.20 19.47 10.74
CA ASN G 221 -37.84 19.66 9.34
C ASN G 221 -36.77 18.65 9.03
N VAL G 222 -36.80 18.02 7.86
CA VAL G 222 -35.75 17.07 7.53
C VAL G 222 -34.55 17.96 7.20
N VAL G 223 -33.42 17.66 7.83
CA VAL G 223 -32.23 18.47 7.67
C VAL G 223 -31.16 17.75 6.86
N ALA G 224 -31.28 16.42 6.81
CA ALA G 224 -30.31 15.61 6.08
C ALA G 224 -30.81 14.20 5.92
N MET G 225 -30.57 13.62 4.76
CA MET G 225 -30.98 12.25 4.50
C MET G 225 -29.86 11.56 3.76
N GLN G 226 -29.71 10.26 3.99
CA GLN G 226 -28.66 9.49 3.35
C GLN G 226 -29.07 8.05 3.24
N LYS G 227 -29.14 7.56 2.01
CA LYS G 227 -29.48 6.17 1.77
C LYS G 227 -28.16 5.47 1.43
N SER G 228 -27.86 4.34 2.09
CA SER G 228 -26.59 3.62 1.88
C SER G 228 -26.70 2.12 1.68
N GLY G 229 -25.86 1.60 0.77
CA GLY G 229 -25.88 0.18 0.53
C GLY G 229 -26.34 -0.17 -0.88
N GLY G 230 -26.06 -1.39 -1.29
CA GLY G 230 -26.47 -1.82 -2.61
C GLY G 230 -27.84 -2.41 -2.61
N TYR G 231 -28.83 -1.54 -2.51
CA TYR G 231 -30.21 -1.97 -2.49
C TYR G 231 -31.09 -0.96 -3.18
N LEU G 232 -32.29 -1.38 -3.58
CA LEU G 232 -33.23 -0.47 -4.22
C LEU G 232 -34.23 -0.07 -3.16
N LEU G 233 -34.45 1.22 -2.99
CA LEU G 233 -35.40 1.68 -1.99
C LEU G 233 -36.79 1.89 -2.58
N ASP G 234 -37.74 1.11 -2.09
CA ASP G 234 -39.12 1.19 -2.52
C ASP G 234 -39.66 2.54 -2.07
N GLU G 235 -40.15 3.36 -2.99
CA GLU G 235 -40.68 4.68 -2.62
C GLU G 235 -41.83 4.63 -1.62
N LYS G 236 -42.61 3.55 -1.66
CA LYS G 236 -43.73 3.38 -0.74
C LYS G 236 -43.20 3.36 0.69
N LEU G 237 -42.23 2.47 0.93
CA LEU G 237 -41.61 2.30 2.22
C LEU G 237 -40.89 3.56 2.67
N PHE G 238 -40.28 4.26 1.72
CA PHE G 238 -39.58 5.48 2.06
C PHE G 238 -40.51 6.50 2.70
N ASP G 239 -41.73 6.58 2.17
CA ASP G 239 -42.73 7.53 2.68
C ASP G 239 -43.16 7.18 4.09
N GLU G 240 -43.38 5.89 4.33
CA GLU G 240 -43.78 5.42 5.64
C GLU G 240 -42.63 5.67 6.62
N LEU G 241 -41.42 5.35 6.18
CA LEU G 241 -40.23 5.51 7.01
C LEU G 241 -39.88 6.97 7.24
N LEU G 242 -40.23 7.84 6.30
CA LEU G 242 -39.96 9.25 6.46
C LEU G 242 -40.76 9.77 7.68
N ASP G 243 -42.01 9.32 7.77
CA ASP G 243 -42.91 9.72 8.85
C ASP G 243 -42.46 9.14 10.19
N VAL G 244 -42.35 7.81 10.25
CA VAL G 244 -41.91 7.16 11.46
C VAL G 244 -40.61 7.75 11.98
N SER G 245 -39.70 8.09 11.06
CA SER G 245 -38.40 8.65 11.44
C SER G 245 -38.45 10.01 12.10
N ILE G 246 -39.25 10.90 11.55
CA ILE G 246 -39.39 12.24 12.14
C ILE G 246 -39.95 12.05 13.55
N ASN G 247 -40.87 11.10 13.68
CA ASN G 247 -41.46 10.81 14.97
C ASN G 247 -40.34 10.35 15.90
N CYS G 248 -39.68 9.26 15.53
CA CYS G 248 -38.58 8.69 16.31
C CYS G 248 -37.52 9.71 16.76
N ALA G 249 -37.21 10.66 15.88
CA ALA G 249 -36.21 11.66 16.22
C ALA G 249 -36.74 12.60 17.29
N ARG G 250 -38.04 12.84 17.27
CA ARG G 250 -38.69 13.74 18.22
C ARG G 250 -38.66 13.13 19.62
N LYS G 251 -38.99 11.85 19.71
CA LYS G 251 -38.97 11.14 20.98
C LYS G 251 -37.56 11.05 21.55
N LEU G 252 -36.55 10.94 20.69
CA LEU G 252 -35.17 10.86 21.14
C LEU G 252 -34.73 12.23 21.61
N ARG G 253 -35.34 13.25 21.01
CA ARG G 253 -34.99 14.62 21.32
C ARG G 253 -35.43 15.00 22.73
N GLU G 254 -36.47 14.34 23.25
CA GLU G 254 -36.91 14.66 24.60
C GLU G 254 -36.07 13.90 25.64
N LYS G 255 -35.02 13.22 25.16
CA LYS G 255 -34.13 12.51 26.06
C LYS G 255 -33.06 13.50 26.52
N PHE G 256 -33.02 14.66 25.85
CA PHE G 256 -32.07 15.72 26.16
C PHE G 256 -32.69 16.67 27.18
N LYS G 257 -34.01 16.60 27.30
CA LYS G 257 -34.74 17.46 28.23
C LYS G 257 -34.42 17.06 29.65
N GLU G 258 -34.64 15.78 29.98
CA GLU G 258 -34.37 15.29 31.33
C GLU G 258 -33.15 14.36 31.36
N MET H 1 -0.41 -9.86 -17.67
CA MET H 1 0.01 -11.16 -18.28
C MET H 1 -1.01 -11.72 -19.28
N PRO H 2 -2.32 -11.58 -19.00
CA PRO H 2 -3.34 -12.09 -19.92
C PRO H 2 -3.55 -11.20 -21.15
N GLU H 3 -3.20 -9.93 -21.02
CA GLU H 3 -3.34 -8.98 -22.12
C GLU H 3 -2.11 -9.02 -23.03
N ASP H 4 -1.01 -9.50 -22.48
CA ASP H 4 0.26 -9.60 -23.21
C ASP H 4 0.19 -10.53 -24.41
N ILE H 5 -0.73 -11.50 -24.36
CA ILE H 5 -0.86 -12.45 -25.45
C ILE H 5 -1.29 -11.75 -26.74
N LEU H 6 -2.37 -10.98 -26.69
CA LEU H 6 -2.83 -10.26 -27.88
C LEU H 6 -1.83 -9.21 -28.31
N VAL H 7 -1.11 -8.63 -27.35
CA VAL H 7 -0.11 -7.60 -27.65
C VAL H 7 1.12 -8.19 -28.33
N ASP H 8 1.48 -9.42 -27.97
CA ASP H 8 2.64 -10.06 -28.58
C ASP H 8 2.31 -10.44 -30.02
N ILE H 9 1.10 -10.94 -30.24
CA ILE H 9 0.70 -11.32 -31.59
C ILE H 9 0.63 -10.07 -32.44
N LYS H 10 0.03 -9.03 -31.89
CA LYS H 10 -0.08 -7.76 -32.58
C LYS H 10 1.34 -7.27 -32.91
N ARG H 11 2.29 -7.61 -32.05
CA ARG H 11 3.68 -7.22 -32.23
C ARG H 11 4.29 -7.94 -33.43
N ASP H 12 3.98 -9.23 -33.57
CA ASP H 12 4.45 -10.05 -34.69
C ASP H 12 3.98 -9.44 -36.00
N TYR H 13 2.81 -8.83 -35.94
CA TYR H 13 2.22 -8.20 -37.11
C TYR H 13 2.97 -6.92 -37.45
N VAL H 14 3.22 -6.10 -36.43
CA VAL H 14 3.90 -4.81 -36.61
C VAL H 14 5.30 -4.99 -37.19
N LEU H 15 6.03 -5.96 -36.65
CA LEU H 15 7.38 -6.23 -37.12
C LEU H 15 7.37 -6.76 -38.56
N SER H 16 6.41 -7.61 -38.88
CA SER H 16 6.29 -8.16 -40.23
C SER H 16 6.15 -7.06 -41.28
N LYS H 17 5.30 -6.07 -41.02
CA LYS H 17 5.08 -4.97 -41.95
C LYS H 17 6.29 -4.03 -41.97
N LEU H 18 7.03 -4.00 -40.87
CA LEU H 18 8.22 -3.15 -40.73
C LEU H 18 9.33 -3.73 -41.59
N ARG H 19 9.33 -5.07 -41.70
CA ARG H 19 10.32 -5.77 -42.51
C ARG H 19 10.17 -5.32 -43.94
N ASP H 20 8.92 -5.23 -44.40
CA ASP H 20 8.63 -4.81 -45.75
C ASP H 20 8.55 -3.28 -45.78
N ASN H 21 9.09 -2.66 -44.74
CA ASN H 21 9.08 -1.22 -44.62
C ASN H 21 7.69 -0.63 -44.85
N GLU H 22 6.74 -1.06 -44.03
CA GLU H 22 5.37 -0.59 -44.10
C GLU H 22 4.81 -0.50 -42.68
N ARG H 23 4.00 0.51 -42.42
CA ARG H 23 3.39 0.66 -41.11
C ARG H 23 1.99 0.05 -41.17
N ILE H 24 1.54 -0.49 -40.04
CA ILE H 24 0.22 -1.12 -40.00
C ILE H 24 -0.86 -0.43 -40.84
N ASP H 25 -0.94 0.90 -40.76
CA ASP H 25 -1.96 1.62 -41.51
C ASP H 25 -1.50 2.31 -42.80
N GLY H 26 -0.30 1.98 -43.26
CA GLY H 26 0.19 2.56 -44.50
C GLY H 26 0.85 3.93 -44.37
N ARG H 27 0.64 4.58 -43.24
CA ARG H 27 1.23 5.90 -43.02
C ARG H 27 2.71 5.87 -43.37
N GLY H 28 3.27 7.07 -43.56
CA GLY H 28 4.69 7.19 -43.87
C GLY H 28 5.43 7.31 -42.56
N PHE H 29 6.64 6.77 -42.50
CA PHE H 29 7.42 6.80 -41.29
C PHE H 29 7.62 8.14 -40.63
N ASP H 30 7.31 9.24 -41.32
CA ASP H 30 7.47 10.56 -40.71
C ASP H 30 6.18 11.38 -40.77
N GLU H 31 5.04 10.68 -40.74
CA GLU H 31 3.73 11.32 -40.82
C GLU H 31 2.79 11.11 -39.63
N PHE H 32 2.38 12.20 -39.00
CA PHE H 32 1.45 12.13 -37.87
C PHE H 32 0.05 11.78 -38.41
N ARG H 33 -0.84 11.35 -37.52
CA ARG H 33 -2.20 11.02 -37.93
C ARG H 33 -3.00 12.33 -37.99
N LYS H 34 -4.30 12.23 -38.23
CA LYS H 34 -5.11 13.45 -38.28
C LYS H 34 -4.98 14.19 -36.95
N VAL H 35 -4.66 15.47 -37.01
CA VAL H 35 -4.50 16.28 -35.80
C VAL H 35 -5.61 17.31 -35.72
N GLU H 36 -6.37 17.26 -34.65
CA GLU H 36 -7.48 18.18 -34.46
C GLU H 36 -7.28 18.97 -33.17
N ILE H 37 -7.41 20.30 -33.25
CA ILE H 37 -7.23 21.16 -32.08
C ILE H 37 -8.49 22.02 -31.88
N ILE H 38 -9.07 21.96 -30.69
CA ILE H 38 -10.26 22.74 -30.39
C ILE H 38 -10.09 23.55 -29.11
N PRO H 39 -10.05 24.87 -29.24
CA PRO H 39 -9.89 25.68 -28.02
C PRO H 39 -11.24 25.93 -27.31
N ASN H 40 -11.17 26.46 -26.10
CA ASN H 40 -12.37 26.78 -25.33
C ASN H 40 -13.37 25.63 -25.15
N VAL H 41 -12.88 24.42 -24.93
CA VAL H 41 -13.76 23.27 -24.70
C VAL H 41 -14.29 23.31 -23.28
N ILE H 42 -13.47 23.78 -22.34
CA ILE H 42 -13.89 23.92 -20.96
C ILE H 42 -14.03 25.43 -20.68
N GLU H 43 -15.24 25.89 -20.40
CA GLU H 43 -15.46 27.32 -20.19
C GLU H 43 -15.00 28.00 -18.92
N LYS H 44 -15.46 27.53 -17.77
CA LYS H 44 -15.08 28.17 -16.51
C LYS H 44 -13.58 28.37 -16.31
N ALA H 45 -12.80 27.73 -17.17
CA ALA H 45 -11.35 27.85 -17.07
C ALA H 45 -10.85 29.07 -17.85
N GLU H 46 -9.72 29.63 -17.44
CA GLU H 46 -9.18 30.80 -18.12
C GLU H 46 -8.50 30.40 -19.44
N GLY H 47 -8.35 29.09 -19.65
CA GLY H 47 -7.73 28.60 -20.87
C GLY H 47 -7.98 27.11 -21.02
N SER H 48 -8.24 26.63 -22.23
CA SER H 48 -8.50 25.21 -22.43
C SER H 48 -8.37 24.78 -23.86
N ALA H 49 -8.17 23.49 -24.07
CA ALA H 49 -8.06 22.96 -25.41
C ALA H 49 -8.14 21.44 -25.37
N LEU H 50 -8.55 20.86 -26.48
CA LEU H 50 -8.68 19.42 -26.61
C LEU H 50 -7.95 19.05 -27.89
N VAL H 51 -7.23 17.94 -27.88
CA VAL H 51 -6.53 17.53 -29.06
C VAL H 51 -6.83 16.07 -29.40
N LYS H 52 -7.03 15.82 -30.68
CA LYS H 52 -7.27 14.48 -31.15
C LYS H 52 -6.07 14.26 -32.04
N LEU H 53 -5.46 13.11 -31.91
CA LEU H 53 -4.31 12.74 -32.70
C LEU H 53 -4.69 11.33 -33.04
N GLY H 54 -5.21 11.13 -34.25
CA GLY H 54 -5.68 9.81 -34.62
C GLY H 54 -6.86 9.58 -33.67
N ASP H 55 -6.89 8.42 -33.03
CA ASP H 55 -7.96 8.13 -32.08
C ASP H 55 -7.55 8.55 -30.66
N THR H 56 -6.38 9.16 -30.54
CA THR H 56 -5.90 9.61 -29.25
C THR H 56 -6.54 10.94 -28.87
N GLN H 57 -7.03 11.03 -27.63
CA GLN H 57 -7.68 12.24 -27.16
C GLN H 57 -7.12 12.77 -25.86
N VAL H 58 -6.95 14.08 -25.79
CA VAL H 58 -6.40 14.74 -24.61
C VAL H 58 -7.06 16.10 -24.43
N VAL H 59 -7.30 16.49 -23.19
CA VAL H 59 -7.87 17.81 -22.90
C VAL H 59 -6.93 18.44 -21.89
N VAL H 60 -6.71 19.74 -22.02
CA VAL H 60 -5.82 20.44 -21.11
C VAL H 60 -6.50 21.67 -20.57
N GLY H 61 -6.46 21.81 -19.25
CA GLY H 61 -7.07 22.97 -18.65
C GLY H 61 -6.03 23.90 -18.05
N VAL H 62 -6.24 25.19 -18.21
CA VAL H 62 -5.31 26.16 -17.66
C VAL H 62 -6.04 27.00 -16.62
N LYS H 63 -5.54 26.97 -15.38
CA LYS H 63 -6.14 27.77 -14.32
C LYS H 63 -5.14 28.83 -13.90
N MET H 64 -5.63 29.91 -13.31
CA MET H 64 -4.76 30.98 -12.87
C MET H 64 -5.27 31.71 -11.64
N GLN H 65 -4.35 32.07 -10.76
CA GLN H 65 -4.70 32.77 -9.53
C GLN H 65 -3.45 33.38 -8.95
N PRO H 66 -3.57 34.53 -8.28
CA PRO H 66 -2.38 35.15 -7.71
C PRO H 66 -1.77 34.24 -6.64
N GLY H 67 -0.45 34.32 -6.46
CA GLY H 67 0.21 33.50 -5.47
C GLY H 67 1.62 33.96 -5.19
N GLU H 68 2.30 33.26 -4.28
CA GLU H 68 3.66 33.61 -3.91
C GLU H 68 4.64 32.81 -4.75
N PRO H 69 5.59 33.50 -5.42
CA PRO H 69 6.61 32.88 -6.27
C PRO H 69 7.68 32.11 -5.49
N TYR H 70 8.61 31.53 -6.23
CA TYR H 70 9.70 30.78 -5.64
C TYR H 70 10.71 31.74 -5.00
N PRO H 71 11.07 31.52 -3.72
CA PRO H 71 12.03 32.39 -3.03
C PRO H 71 13.30 32.63 -3.84
N ASP H 72 13.62 31.69 -4.72
CA ASP H 72 14.82 31.79 -5.55
C ASP H 72 14.66 32.88 -6.60
N THR H 73 13.50 32.92 -7.24
CA THR H 73 13.22 33.91 -8.28
C THR H 73 12.09 34.85 -7.81
N PRO H 74 12.45 35.86 -7.01
CA PRO H 74 11.51 36.84 -6.45
C PRO H 74 10.70 37.61 -7.49
N ASP H 75 11.22 37.70 -8.71
CA ASP H 75 10.54 38.43 -9.77
C ASP H 75 10.20 37.59 -10.99
N ARG H 76 9.19 36.75 -10.87
CA ARG H 76 8.75 35.93 -12.00
C ARG H 76 7.52 35.09 -11.70
N GLY H 77 6.73 34.85 -12.75
CA GLY H 77 5.52 34.07 -12.63
C GLY H 77 5.81 32.61 -12.39
N VAL H 78 4.79 31.83 -12.08
CA VAL H 78 4.97 30.41 -11.81
C VAL H 78 4.09 29.53 -12.70
N ILE H 79 4.70 28.52 -13.32
CA ILE H 79 3.96 27.57 -14.15
C ILE H 79 4.16 26.14 -13.70
N ILE H 80 3.08 25.52 -13.24
CA ILE H 80 3.10 24.15 -12.77
C ILE H 80 2.36 23.31 -13.79
N VAL H 81 2.90 22.16 -14.16
CA VAL H 81 2.26 21.29 -15.12
C VAL H 81 2.03 19.87 -14.59
N ASN H 82 0.78 19.43 -14.60
CA ASN H 82 0.44 18.10 -14.14
C ASN H 82 -0.32 17.31 -15.19
N ALA H 83 -0.41 16.01 -14.97
CA ALA H 83 -1.11 15.14 -15.88
C ALA H 83 -1.72 13.98 -15.13
N GLU H 84 -2.90 13.56 -15.56
CA GLU H 84 -3.57 12.42 -14.95
C GLU H 84 -3.87 11.51 -16.12
N LEU H 85 -3.29 10.31 -16.09
CA LEU H 85 -3.52 9.33 -17.15
C LEU H 85 -4.44 8.23 -16.62
N VAL H 86 -5.64 8.66 -16.21
CA VAL H 86 -6.66 7.77 -15.67
C VAL H 86 -6.84 6.51 -16.52
N PRO H 98 2.30 3.96 -15.05
CA PRO H 98 1.27 4.55 -14.18
C PRO H 98 1.62 5.97 -13.72
N ASP H 99 2.01 6.10 -12.46
CA ASP H 99 2.38 7.39 -11.88
C ASP H 99 3.74 7.79 -12.44
N GLU H 100 4.58 6.78 -12.64
CA GLU H 100 5.91 6.99 -13.19
C GLU H 100 5.80 7.65 -14.55
N ASN H 101 4.98 7.09 -15.43
CA ASN H 101 4.78 7.63 -16.77
C ASN H 101 4.06 8.97 -16.77
N SER H 102 3.11 9.13 -15.86
CA SER H 102 2.36 10.37 -15.77
C SER H 102 3.21 11.55 -15.33
N ILE H 103 4.28 11.26 -14.61
CA ILE H 103 5.18 12.33 -14.18
C ILE H 103 6.07 12.73 -15.34
N GLU H 104 6.56 11.74 -16.07
CA GLU H 104 7.44 11.98 -17.20
C GLU H 104 6.74 12.79 -18.30
N LEU H 105 5.49 12.44 -18.59
CA LEU H 105 4.73 13.14 -19.61
C LEU H 105 4.53 14.59 -19.20
N ALA H 106 4.19 14.82 -17.95
CA ALA H 106 4.00 16.19 -17.49
C ALA H 106 5.30 16.97 -17.56
N ARG H 107 6.39 16.37 -17.08
CA ARG H 107 7.67 17.04 -17.10
C ARG H 107 8.11 17.39 -18.51
N VAL H 108 7.92 16.49 -19.46
CA VAL H 108 8.31 16.81 -20.84
C VAL H 108 7.54 18.03 -21.33
N VAL H 109 6.21 17.90 -21.41
CA VAL H 109 5.38 19.01 -21.86
C VAL H 109 5.87 20.24 -21.15
N ASP H 110 6.06 20.12 -19.84
CA ASP H 110 6.53 21.23 -19.01
C ASP H 110 7.78 21.87 -19.56
N ARG H 111 8.83 21.06 -19.73
CA ARG H 111 10.11 21.52 -20.23
C ARG H 111 10.01 22.28 -21.55
N GLY H 112 9.16 21.79 -22.45
CA GLY H 112 8.98 22.46 -23.74
C GLY H 112 8.48 23.87 -23.53
N ILE H 113 7.49 24.01 -22.63
CA ILE H 113 6.91 25.31 -22.32
C ILE H 113 7.93 26.22 -21.63
N ARG H 114 8.62 25.68 -20.63
CA ARG H 114 9.60 26.47 -19.89
C ARG H 114 10.87 26.84 -20.67
N GLU H 115 11.49 25.85 -21.32
CA GLU H 115 12.72 26.12 -22.06
C GLU H 115 12.55 26.95 -23.32
N SER H 116 11.40 26.86 -23.98
CA SER H 116 11.16 27.65 -25.18
C SER H 116 10.76 29.07 -24.78
N GLU H 117 10.46 29.25 -23.49
CA GLU H 117 10.04 30.53 -22.93
C GLU H 117 8.79 31.04 -23.62
N ALA H 118 7.88 30.12 -23.92
CA ALA H 118 6.62 30.45 -24.57
C ALA H 118 5.77 31.38 -23.71
N VAL H 119 6.09 31.47 -22.43
CA VAL H 119 5.34 32.35 -21.54
C VAL H 119 6.30 33.27 -20.79
N ASP H 120 6.20 34.57 -21.05
CA ASP H 120 7.05 35.56 -20.42
C ASP H 120 6.71 35.69 -18.93
N LEU H 121 7.28 34.81 -18.11
CA LEU H 121 7.01 34.80 -16.69
C LEU H 121 7.22 36.15 -16.01
N SER H 122 7.95 37.05 -16.64
CA SER H 122 8.18 38.37 -16.05
C SER H 122 6.94 39.26 -16.14
N LYS H 123 6.02 38.90 -17.05
CA LYS H 123 4.78 39.65 -17.25
C LYS H 123 3.66 39.23 -16.30
N LEU H 124 3.89 38.16 -15.56
CA LEU H 124 2.89 37.65 -14.63
C LEU H 124 3.17 38.02 -13.18
N VAL H 125 3.84 39.14 -12.97
CA VAL H 125 4.15 39.59 -11.62
C VAL H 125 3.14 40.63 -11.17
N ILE H 126 2.73 40.52 -9.91
CA ILE H 126 1.76 41.44 -9.34
C ILE H 126 2.47 42.39 -8.39
N GLU H 127 2.82 41.89 -7.20
CA GLU H 127 3.52 42.69 -6.21
C GLU H 127 4.92 42.09 -6.03
N GLU H 128 5.84 42.48 -6.91
CA GLU H 128 7.22 41.99 -6.91
C GLU H 128 7.68 41.41 -5.56
N GLY H 129 7.95 40.11 -5.55
CA GLY H 129 8.40 39.46 -4.33
C GLY H 129 7.28 38.91 -3.46
N GLU H 130 6.06 39.38 -3.70
CA GLU H 130 4.91 38.94 -2.93
C GLU H 130 3.91 38.13 -3.77
N LYS H 131 3.07 38.82 -4.54
CA LYS H 131 2.10 38.14 -5.39
C LYS H 131 2.61 37.98 -6.81
N VAL H 132 2.13 36.93 -7.46
CA VAL H 132 2.53 36.61 -8.83
C VAL H 132 1.54 35.59 -9.40
N TRP H 133 1.33 35.63 -10.72
CA TRP H 133 0.41 34.71 -11.36
C TRP H 133 0.94 33.28 -11.40
N ILE H 134 0.21 32.36 -10.80
CA ILE H 134 0.59 30.96 -10.79
C ILE H 134 -0.27 30.23 -11.83
N VAL H 135 0.36 29.80 -12.92
CA VAL H 135 -0.32 29.12 -14.01
C VAL H 135 -0.36 27.58 -13.90
N PHE H 136 -1.52 27.04 -13.56
CA PHE H 136 -1.63 25.58 -13.46
C PHE H 136 -2.03 25.03 -14.82
N VAL H 137 -1.34 23.98 -15.24
CA VAL H 137 -1.62 23.35 -16.51
C VAL H 137 -1.85 21.87 -16.27
N ASP H 138 -3.11 21.46 -16.24
CA ASP H 138 -3.40 20.05 -16.03
C ASP H 138 -3.81 19.31 -17.29
N ILE H 139 -3.14 18.18 -17.50
CA ILE H 139 -3.37 17.33 -18.66
C ILE H 139 -4.25 16.16 -18.26
N HIS H 140 -5.39 16.03 -18.92
CA HIS H 140 -6.30 14.93 -18.64
C HIS H 140 -6.52 14.05 -19.87
N ALA H 141 -5.92 12.87 -19.85
CA ALA H 141 -6.03 11.93 -20.94
C ALA H 141 -7.45 11.40 -21.00
N LEU H 142 -8.04 11.44 -22.20
CA LEU H 142 -9.39 10.95 -22.38
C LEU H 142 -9.37 9.61 -23.09
N ASP H 143 -8.49 9.48 -24.06
CA ASP H 143 -8.39 8.22 -24.79
C ASP H 143 -6.96 8.00 -25.20
N ASP H 144 -6.38 6.91 -24.72
CA ASP H 144 -5.01 6.58 -25.02
C ASP H 144 -4.88 5.61 -26.19
N ASP H 145 -4.54 6.15 -27.35
CA ASP H 145 -4.33 5.34 -28.55
C ASP H 145 -2.89 5.57 -29.02
N GLY H 146 -2.01 5.84 -28.07
CA GLY H 146 -0.62 6.06 -28.41
C GLY H 146 -0.21 7.50 -28.55
N ASN H 147 0.97 7.79 -28.06
CA ASN H 147 1.54 9.13 -28.14
C ASN H 147 0.70 10.23 -27.48
N LEU H 148 0.35 10.02 -26.21
CA LEU H 148 -0.42 11.00 -25.48
C LEU H 148 0.45 12.24 -25.28
N LEU H 149 1.77 12.03 -25.38
CA LEU H 149 2.74 13.12 -25.20
C LEU H 149 2.56 14.25 -26.19
N ASP H 150 2.82 13.97 -27.47
CA ASP H 150 2.67 14.99 -28.50
C ASP H 150 1.27 15.61 -28.43
N ALA H 151 0.28 14.78 -28.14
CA ALA H 151 -1.09 15.24 -28.03
C ALA H 151 -1.20 16.25 -26.89
N SER H 152 -0.57 15.92 -25.75
CA SER H 152 -0.62 16.79 -24.58
C SER H 152 0.25 18.03 -24.78
N ALA H 153 1.30 17.90 -25.60
CA ALA H 153 2.17 19.05 -25.87
C ALA H 153 1.38 20.02 -26.75
N LEU H 154 0.76 19.47 -27.79
CA LEU H 154 -0.07 20.28 -28.68
C LEU H 154 -1.18 20.91 -27.85
N ALA H 155 -1.98 20.07 -27.19
CA ALA H 155 -3.08 20.57 -26.39
C ALA H 155 -2.65 21.64 -25.40
N ALA H 156 -1.60 21.36 -24.66
CA ALA H 156 -1.09 22.29 -23.65
C ALA H 156 -0.72 23.64 -24.24
N ILE H 157 0.02 23.63 -25.35
CA ILE H 157 0.40 24.89 -25.98
C ILE H 157 -0.84 25.59 -26.53
N ALA H 158 -1.73 24.84 -27.16
CA ALA H 158 -2.96 25.40 -27.70
C ALA H 158 -3.71 26.07 -26.54
N ALA H 159 -3.85 25.35 -25.43
CA ALA H 159 -4.55 25.86 -24.26
C ALA H 159 -3.97 27.15 -23.68
N LEU H 160 -2.66 27.31 -23.69
CA LEU H 160 -2.05 28.52 -23.15
C LEU H 160 -2.28 29.73 -24.07
N MET H 161 -2.24 29.49 -25.37
CA MET H 161 -2.46 30.54 -26.37
C MET H 161 -3.88 31.09 -26.29
N ASN H 162 -4.81 30.28 -25.80
CA ASN H 162 -6.20 30.67 -25.69
C ASN H 162 -6.58 30.97 -24.25
N THR H 163 -5.61 31.45 -23.49
CA THR H 163 -5.84 31.75 -22.08
C THR H 163 -6.13 33.23 -21.86
N LYS H 164 -7.07 33.48 -20.95
CA LYS H 164 -7.49 34.82 -20.58
C LYS H 164 -7.20 35.01 -19.09
N VAL H 165 -6.25 35.88 -18.79
CA VAL H 165 -5.88 36.14 -17.40
C VAL H 165 -7.04 36.79 -16.66
N PRO H 166 -7.55 36.12 -15.61
CA PRO H 166 -8.66 36.62 -14.81
C PRO H 166 -8.27 37.74 -13.85
N ALA H 167 -7.82 38.86 -14.40
CA ALA H 167 -7.42 39.99 -13.59
C ALA H 167 -8.58 40.53 -12.75
N GLU H 168 -9.73 40.72 -13.38
CA GLU H 168 -10.90 41.24 -12.69
C GLU H 168 -11.32 40.39 -11.49
N ARG H 169 -11.55 39.10 -11.74
CA ARG H 169 -11.96 38.17 -10.68
C ARG H 169 -11.22 38.37 -9.36
N PHE H 170 -9.98 38.84 -9.42
CA PHE H 170 -9.19 39.03 -8.21
C PHE H 170 -8.94 40.50 -7.87
N ASP H 171 -9.70 41.40 -8.48
CA ASP H 171 -9.58 42.84 -8.24
C ASP H 171 -8.31 43.44 -8.83
N LEU H 172 -7.79 42.84 -9.90
CA LEU H 172 -6.60 43.34 -10.54
C LEU H 172 -7.01 44.18 -11.75
N GLY H 173 -8.31 44.14 -12.06
CA GLY H 173 -8.85 44.90 -13.17
C GLY H 173 -8.52 44.46 -14.58
N GLU H 174 -9.44 44.78 -15.49
CA GLU H 174 -9.32 44.49 -16.92
C GLU H 174 -8.56 43.23 -17.31
N ASP H 175 -9.29 42.23 -17.78
CA ASP H 175 -8.70 40.97 -18.23
C ASP H 175 -7.93 41.21 -19.53
N TYR H 176 -7.02 40.30 -19.85
CA TYR H 176 -6.22 40.40 -21.07
C TYR H 176 -5.71 38.99 -21.37
N LEU H 177 -5.23 38.77 -22.59
CA LEU H 177 -4.74 37.45 -22.94
C LEU H 177 -3.39 37.16 -22.33
N LEU H 178 -3.12 35.88 -22.09
CA LEU H 178 -1.84 35.48 -21.56
C LEU H 178 -0.89 35.65 -22.72
N PRO H 179 0.04 36.61 -22.63
CA PRO H 179 0.95 36.78 -23.74
C PRO H 179 1.84 35.56 -23.94
N VAL H 180 1.71 34.93 -25.11
CA VAL H 180 2.49 33.76 -25.48
C VAL H 180 3.47 34.15 -26.59
N ARG H 181 4.77 33.91 -26.39
CA ARG H 181 5.77 34.30 -27.38
C ARG H 181 6.50 33.18 -28.13
N ASP H 182 6.03 31.94 -28.00
CA ASP H 182 6.70 30.85 -28.72
C ASP H 182 5.81 29.61 -28.81
N LEU H 183 6.09 28.76 -29.79
CA LEU H 183 5.28 27.57 -29.98
C LEU H 183 6.05 26.27 -29.92
N PRO H 184 6.24 25.72 -28.71
CA PRO H 184 6.97 24.47 -28.52
C PRO H 184 6.13 23.32 -29.04
N VAL H 185 6.72 22.46 -29.84
CA VAL H 185 6.03 21.30 -30.36
C VAL H 185 6.95 20.08 -30.28
N SER H 186 6.48 19.03 -29.60
CA SER H 186 7.29 17.82 -29.47
C SER H 186 6.85 16.78 -30.49
N VAL H 187 7.82 16.00 -30.93
CA VAL H 187 7.59 14.93 -31.91
C VAL H 187 8.17 13.68 -31.30
N THR H 188 7.31 12.72 -30.99
CA THR H 188 7.77 11.46 -30.42
C THR H 188 7.77 10.40 -31.49
N SER H 189 8.82 9.59 -31.51
CA SER H 189 8.95 8.55 -32.50
C SER H 189 9.24 7.26 -31.76
N LEU H 190 8.79 6.14 -32.31
CA LEU H 190 9.05 4.84 -31.71
C LEU H 190 10.30 4.33 -32.44
N ILE H 191 11.23 3.72 -31.70
CA ILE H 191 12.44 3.18 -32.33
C ILE H 191 12.47 1.66 -32.22
N VAL H 192 12.52 1.00 -33.37
CA VAL H 192 12.56 -0.45 -33.46
C VAL H 192 13.81 -0.83 -34.24
N GLY H 193 14.87 -1.17 -33.52
CA GLY H 193 16.11 -1.53 -34.17
C GLY H 193 16.75 -0.24 -34.66
N ASN H 194 16.85 -0.08 -35.96
CA ASN H 194 17.43 1.12 -36.55
C ASN H 194 16.37 1.94 -37.27
N LYS H 195 15.18 1.37 -37.44
CA LYS H 195 14.08 2.08 -38.12
C LYS H 195 13.32 2.89 -37.09
N TYR H 196 12.77 4.03 -37.51
CA TYR H 196 12.02 4.88 -36.60
C TYR H 196 10.63 5.18 -37.16
N LEU H 197 9.63 5.14 -36.28
CA LEU H 197 8.24 5.40 -36.65
C LEU H 197 7.71 6.63 -35.90
N VAL H 198 7.53 7.73 -36.62
CA VAL H 198 7.03 8.98 -36.05
C VAL H 198 5.55 8.89 -35.65
N ASP H 199 5.20 9.52 -34.53
CA ASP H 199 3.84 9.52 -34.00
C ASP H 199 3.25 8.10 -33.97
N PRO H 200 3.87 7.21 -33.18
CA PRO H 200 3.43 5.82 -33.03
C PRO H 200 2.03 5.67 -32.45
N SER H 201 1.31 4.67 -32.95
CA SER H 201 -0.04 4.40 -32.47
C SER H 201 0.09 3.41 -31.34
N ARG H 202 -0.97 3.29 -30.54
CA ARG H 202 -0.98 2.35 -29.41
C ARG H 202 -0.76 0.93 -29.89
N GLU H 203 -1.11 0.66 -31.14
CA GLU H 203 -0.94 -0.69 -31.66
C GLU H 203 0.49 -0.97 -32.11
N GLU H 204 1.23 0.08 -32.40
CA GLU H 204 2.61 -0.05 -32.82
C GLU H 204 3.49 -0.13 -31.57
N MET H 205 2.99 0.41 -30.47
CA MET H 205 3.69 0.42 -29.18
C MET H 205 3.69 -0.98 -28.58
N SER H 206 3.10 -1.94 -29.29
CA SER H 206 3.05 -3.30 -28.78
C SER H 206 4.43 -3.88 -28.95
N VAL H 207 5.25 -3.16 -29.70
CA VAL H 207 6.63 -3.57 -29.98
C VAL H 207 7.48 -3.36 -28.73
N GLY H 208 7.28 -2.23 -28.06
CA GLY H 208 8.01 -1.89 -26.86
C GLY H 208 7.90 -0.40 -26.59
N ASP H 209 8.07 0.01 -25.34
CA ASP H 209 7.96 1.42 -24.98
C ASP H 209 9.27 2.18 -25.19
N THR H 210 9.92 1.90 -26.31
CA THR H 210 11.20 2.50 -26.71
C THR H 210 10.98 3.70 -27.64
N THR H 211 11.12 4.92 -27.11
CA THR H 211 10.88 6.12 -27.91
C THR H 211 11.94 7.21 -27.76
N LEU H 212 11.84 8.20 -28.65
CA LEU H 212 12.72 9.36 -28.67
C LEU H 212 11.76 10.52 -28.89
N THR H 213 11.95 11.61 -28.18
CA THR H 213 11.08 12.76 -28.25
C THR H 213 11.93 14.01 -28.38
N ILE H 214 11.63 14.81 -29.40
CA ILE H 214 12.38 16.05 -29.61
C ILE H 214 11.38 17.18 -29.65
N THR H 215 11.64 18.22 -28.88
CA THR H 215 10.76 19.38 -28.85
C THR H 215 11.49 20.55 -29.48
N THR H 216 10.79 21.25 -30.36
CA THR H 216 11.33 22.41 -31.06
C THR H 216 10.56 23.67 -30.72
N ASP H 217 11.19 24.83 -30.91
CA ASP H 217 10.51 26.09 -30.65
C ASP H 217 10.07 26.77 -31.95
N LYS H 218 9.71 28.04 -31.86
CA LYS H 218 9.27 28.82 -33.02
C LYS H 218 10.31 28.87 -34.14
N ASP H 219 11.56 29.15 -33.78
CA ASP H 219 12.66 29.27 -34.73
C ASP H 219 13.36 27.96 -35.10
N ASP H 220 12.68 26.83 -34.90
CA ASP H 220 13.25 25.53 -35.24
C ASP H 220 14.45 25.07 -34.42
N ASN H 221 14.57 25.57 -33.19
CA ASN H 221 15.66 25.16 -32.31
C ASN H 221 15.16 24.09 -31.36
N VAL H 222 16.07 23.23 -30.90
CA VAL H 222 15.71 22.17 -29.98
C VAL H 222 15.67 22.75 -28.57
N VAL H 223 14.49 22.72 -27.99
CA VAL H 223 14.26 23.24 -26.66
C VAL H 223 14.32 22.13 -25.62
N ALA H 224 14.11 20.89 -26.06
CA ALA H 224 14.16 19.76 -25.16
C ALA H 224 14.12 18.42 -25.89
N MET H 225 14.77 17.42 -25.30
CA MET H 225 14.80 16.09 -25.86
C MET H 225 14.63 15.03 -24.77
N GLN H 226 14.22 13.82 -25.15
CA GLN H 226 14.01 12.75 -24.18
C GLN H 226 13.88 11.37 -24.83
N LYS H 227 14.77 10.45 -24.49
CA LYS H 227 14.64 9.10 -25.01
C LYS H 227 14.27 8.25 -23.82
N SER H 228 13.14 7.55 -23.91
CA SER H 228 12.67 6.72 -22.82
C SER H 228 12.55 5.27 -23.27
N GLY H 229 12.79 4.33 -22.36
CA GLY H 229 12.70 2.93 -22.70
C GLY H 229 14.02 2.18 -22.62
N GLY H 230 13.93 0.86 -22.51
CA GLY H 230 15.11 0.03 -22.43
C GLY H 230 15.68 -0.33 -23.79
N TYR H 231 16.38 0.61 -24.39
CA TYR H 231 16.96 0.35 -25.70
C TYR H 231 18.14 1.26 -26.00
N LEU H 232 19.01 0.79 -26.90
CA LEU H 232 20.19 1.53 -27.33
C LEU H 232 19.88 2.33 -28.61
N LEU H 233 20.12 3.64 -28.55
CA LEU H 233 19.88 4.54 -29.68
C LEU H 233 21.11 4.59 -30.57
N ASP H 234 20.94 4.26 -31.85
CA ASP H 234 22.04 4.31 -32.80
C ASP H 234 22.24 5.80 -33.05
N GLU H 235 23.49 6.26 -33.02
CA GLU H 235 23.77 7.68 -33.24
C GLU H 235 23.40 8.13 -34.66
N LYS H 236 23.61 7.25 -35.64
CA LYS H 236 23.29 7.52 -37.03
C LYS H 236 21.80 7.81 -37.18
N LEU H 237 20.99 6.95 -36.58
CA LEU H 237 19.54 7.09 -36.61
C LEU H 237 19.16 8.40 -35.96
N PHE H 238 19.76 8.68 -34.81
CA PHE H 238 19.48 9.90 -34.09
C PHE H 238 19.62 11.13 -34.98
N ASP H 239 20.81 11.34 -35.54
CA ASP H 239 21.07 12.49 -36.40
C ASP H 239 20.01 12.66 -37.49
N GLU H 240 19.61 11.55 -38.09
CA GLU H 240 18.60 11.56 -39.14
C GLU H 240 17.27 12.05 -38.58
N LEU H 241 16.80 11.36 -37.54
CA LEU H 241 15.55 11.67 -36.89
C LEU H 241 15.56 13.07 -36.31
N LEU H 242 16.73 13.60 -35.99
CA LEU H 242 16.80 14.93 -35.41
C LEU H 242 16.26 15.95 -36.42
N ASP H 243 16.60 15.75 -37.70
CA ASP H 243 16.12 16.64 -38.75
C ASP H 243 14.63 16.41 -38.97
N VAL H 244 14.25 15.16 -39.24
CA VAL H 244 12.85 14.83 -39.45
C VAL H 244 11.97 15.53 -38.40
N SER H 245 12.24 15.25 -37.13
CA SER H 245 11.48 15.83 -36.03
C SER H 245 11.33 17.34 -36.16
N ILE H 246 12.43 18.05 -36.32
CA ILE H 246 12.36 19.50 -36.46
C ILE H 246 11.43 19.87 -37.62
N ASN H 247 11.43 19.06 -38.66
CA ASN H 247 10.58 19.33 -39.81
C ASN H 247 9.10 19.07 -39.47
N CYS H 248 8.82 17.91 -38.88
CA CYS H 248 7.45 17.56 -38.48
C CYS H 248 6.88 18.66 -37.59
N ALA H 249 7.73 19.25 -36.76
CA ALA H 249 7.32 20.33 -35.88
C ALA H 249 6.70 21.43 -36.72
N ARG H 250 7.41 21.87 -37.76
CA ARG H 250 6.92 22.94 -38.64
C ARG H 250 5.59 22.58 -39.29
N LYS H 251 5.47 21.38 -39.84
CA LYS H 251 4.22 20.95 -40.48
C LYS H 251 3.08 20.95 -39.46
N LEU H 252 3.44 20.76 -38.18
CA LEU H 252 2.46 20.77 -37.11
C LEU H 252 2.20 22.19 -36.63
N ARG H 253 3.27 22.93 -36.39
CA ARG H 253 3.17 24.30 -35.93
C ARG H 253 2.32 25.19 -36.86
N GLU H 254 1.98 24.67 -38.04
CA GLU H 254 1.18 25.44 -38.99
C GLU H 254 -0.32 25.26 -38.73
N LYS H 255 -0.66 24.23 -37.95
CA LYS H 255 -2.07 24.00 -37.64
C LYS H 255 -2.52 24.91 -36.52
N PHE H 256 -1.68 25.89 -36.20
CA PHE H 256 -1.93 26.88 -35.15
C PHE H 256 -2.11 28.22 -35.85
N LYS H 257 -1.72 28.26 -37.13
CA LYS H 257 -1.81 29.44 -37.96
C LYS H 257 -3.25 29.50 -38.48
N GLU H 258 -3.74 28.37 -38.99
CA GLU H 258 -5.09 28.24 -39.51
C GLU H 258 -5.87 27.21 -38.70
N MET I 1 12.41 -15.12 4.81
CA MET I 1 12.36 -16.58 5.08
C MET I 1 13.56 -17.32 4.45
N PRO I 2 13.83 -17.07 3.16
CA PRO I 2 14.97 -17.75 2.53
C PRO I 2 16.33 -17.28 3.05
N GLU I 3 16.44 -16.00 3.36
CA GLU I 3 17.69 -15.43 3.89
C GLU I 3 17.87 -15.92 5.31
N ASP I 4 16.78 -16.40 5.89
CA ASP I 4 16.74 -16.91 7.25
C ASP I 4 17.54 -18.20 7.44
N ILE I 5 17.54 -19.07 6.43
CA ILE I 5 18.28 -20.32 6.54
C ILE I 5 19.70 -20.00 6.95
N LEU I 6 20.36 -19.14 6.18
CA LEU I 6 21.74 -18.76 6.45
C LEU I 6 21.95 -18.09 7.82
N VAL I 7 20.99 -17.28 8.23
CA VAL I 7 21.05 -16.58 9.50
C VAL I 7 20.79 -17.49 10.69
N ASP I 8 19.89 -18.47 10.52
CA ASP I 8 19.59 -19.38 11.61
C ASP I 8 20.79 -20.24 11.95
N ILE I 9 21.59 -20.57 10.94
CA ILE I 9 22.78 -21.38 11.16
C ILE I 9 23.84 -20.51 11.85
N LYS I 10 24.01 -19.28 11.34
CA LYS I 10 24.94 -18.34 11.92
C LYS I 10 24.59 -18.13 13.39
N ARG I 11 23.29 -18.15 13.66
CA ARG I 11 22.79 -17.97 15.02
C ARG I 11 23.23 -19.15 15.88
N ASP I 12 23.24 -20.35 15.31
CA ASP I 12 23.62 -21.54 16.06
C ASP I 12 25.10 -21.50 16.39
N TYR I 13 25.88 -20.94 15.47
CA TYR I 13 27.32 -20.81 15.66
C TYR I 13 27.66 -19.85 16.78
N VAL I 14 27.09 -18.65 16.74
CA VAL I 14 27.32 -17.63 17.77
C VAL I 14 26.89 -18.17 19.14
N LEU I 15 25.73 -18.82 19.20
CA LEU I 15 25.25 -19.36 20.47
C LEU I 15 26.19 -20.47 20.98
N SER I 16 26.82 -21.16 20.05
CA SER I 16 27.74 -22.22 20.42
C SER I 16 28.97 -21.65 21.13
N LYS I 17 29.46 -20.52 20.63
CA LYS I 17 30.63 -19.88 21.19
C LYS I 17 30.28 -19.20 22.52
N LEU I 18 29.04 -18.74 22.66
CA LEU I 18 28.61 -18.08 23.89
C LEU I 18 28.66 -19.14 24.99
N ARG I 19 28.20 -20.34 24.66
CA ARG I 19 28.18 -21.43 25.60
C ARG I 19 29.59 -21.75 26.08
N ASP I 20 30.58 -21.28 25.34
CA ASP I 20 31.96 -21.52 25.73
C ASP I 20 32.63 -20.20 26.08
N ASN I 21 31.82 -19.24 26.49
CA ASN I 21 32.32 -17.93 26.90
C ASN I 21 33.16 -17.23 25.83
N GLU I 22 32.70 -17.27 24.57
CA GLU I 22 33.44 -16.60 23.51
C GLU I 22 32.56 -15.86 22.47
N ARG I 23 33.14 -14.83 21.89
CA ARG I 23 32.48 -14.08 20.84
C ARG I 23 33.20 -14.52 19.56
N ILE I 24 32.49 -14.56 18.43
CA ILE I 24 33.09 -15.04 17.20
C ILE I 24 34.36 -14.33 16.70
N ASP I 25 34.59 -13.08 17.08
CA ASP I 25 35.81 -12.42 16.61
C ASP I 25 36.88 -12.38 17.69
N GLY I 26 36.58 -12.92 18.86
CA GLY I 26 37.52 -12.93 19.96
C GLY I 26 37.47 -11.71 20.85
N ARG I 27 36.54 -10.78 20.59
CA ARG I 27 36.45 -9.58 21.42
C ARG I 27 35.98 -9.94 22.81
N GLY I 28 36.14 -8.98 23.72
CA GLY I 28 35.66 -9.17 25.07
C GLY I 28 34.20 -8.73 25.04
N PHE I 29 33.43 -9.13 26.04
CA PHE I 29 32.02 -8.79 26.05
C PHE I 29 31.72 -7.32 26.27
N ASP I 30 32.73 -6.56 26.67
CA ASP I 30 32.55 -5.13 26.93
C ASP I 30 33.50 -4.35 26.03
N GLU I 31 33.98 -5.02 25.00
CA GLU I 31 34.91 -4.44 24.04
C GLU I 31 34.22 -4.02 22.71
N PHE I 32 34.42 -2.76 22.33
CA PHE I 32 33.87 -2.24 21.08
C PHE I 32 34.82 -2.63 19.94
N ARG I 33 34.34 -2.58 18.70
CA ARG I 33 35.21 -2.84 17.56
C ARG I 33 36.00 -1.53 17.37
N LYS I 34 36.93 -1.52 16.43
CA LYS I 34 37.70 -0.30 16.19
C LYS I 34 36.74 0.80 15.71
N VAL I 35 36.93 2.00 16.24
CA VAL I 35 36.10 3.14 15.89
C VAL I 35 36.91 4.14 15.14
N GLU I 36 36.33 4.71 14.09
CA GLU I 36 37.02 5.72 13.31
C GLU I 36 36.06 6.87 13.01
N ILE I 37 36.44 8.07 13.47
CA ILE I 37 35.61 9.24 13.28
C ILE I 37 36.29 10.25 12.35
N ILE I 38 35.66 10.49 11.20
CA ILE I 38 36.20 11.40 10.19
C ILE I 38 35.22 12.52 9.86
N PRO I 39 35.44 13.71 10.42
CA PRO I 39 34.56 14.86 10.19
C PRO I 39 34.81 15.60 8.87
N ASN I 40 33.83 16.41 8.47
CA ASN I 40 33.93 17.21 7.25
C ASN I 40 34.09 16.36 6.01
N VAL I 41 33.15 15.43 5.81
CA VAL I 41 33.19 14.56 4.65
C VAL I 41 32.21 15.09 3.61
N ILE I 42 31.37 16.04 4.03
CA ILE I 42 30.39 16.68 3.16
C ILE I 42 30.51 18.18 3.38
N GLU I 43 31.31 18.84 2.54
CA GLU I 43 31.55 20.27 2.68
C GLU I 43 30.33 21.16 2.49
N LYS I 44 29.40 20.77 1.61
CA LYS I 44 28.17 21.54 1.39
C LYS I 44 27.23 21.34 2.59
N ALA I 45 27.82 21.01 3.73
CA ALA I 45 27.03 20.82 4.93
C ALA I 45 27.67 21.63 6.03
N GLU I 46 26.84 22.36 6.78
CA GLU I 46 27.36 23.19 7.84
C GLU I 46 28.22 22.38 8.82
N GLY I 47 27.99 21.07 8.82
CA GLY I 47 28.74 20.16 9.67
C GLY I 47 28.50 18.76 9.14
N SER I 48 29.35 17.80 9.51
CA SER I 48 29.15 16.43 9.06
C SER I 48 30.26 15.50 9.53
N ALA I 49 30.00 14.19 9.53
CA ALA I 49 31.02 13.23 9.96
C ALA I 49 30.71 11.82 9.50
N LEU I 50 31.76 11.09 9.15
CA LEU I 50 31.64 9.69 8.75
C LEU I 50 32.16 8.87 9.91
N VAL I 51 31.44 7.81 10.28
CA VAL I 51 31.92 6.98 11.39
C VAL I 51 31.99 5.51 10.99
N LYS I 52 33.15 4.92 11.28
CA LYS I 52 33.36 3.52 10.98
C LYS I 52 33.49 2.80 12.29
N LEU I 53 32.58 1.85 12.53
CA LEU I 53 32.57 1.04 13.74
C LEU I 53 32.74 -0.35 13.17
N GLY I 54 33.95 -0.93 13.29
CA GLY I 54 34.16 -2.22 12.68
C GLY I 54 33.90 -1.99 11.19
N ASP I 55 33.02 -2.77 10.58
CA ASP I 55 32.70 -2.58 9.16
C ASP I 55 31.44 -1.74 8.99
N THR I 56 30.78 -1.37 10.09
CA THR I 56 29.58 -0.55 10.03
C THR I 56 30.01 0.89 9.71
N GLN I 57 29.35 1.50 8.72
CA GLN I 57 29.69 2.87 8.30
C GLN I 57 28.46 3.74 8.30
N VAL I 58 28.58 4.95 8.82
CA VAL I 58 27.47 5.89 8.89
C VAL I 58 27.90 7.34 8.64
N VAL I 59 27.12 8.07 7.86
CA VAL I 59 27.44 9.46 7.60
C VAL I 59 26.31 10.27 8.20
N VAL I 60 26.66 11.40 8.77
CA VAL I 60 25.68 12.30 9.35
C VAL I 60 26.01 13.71 8.91
N GLY I 61 25.04 14.36 8.29
CA GLY I 61 25.22 15.71 7.83
C GLY I 61 24.36 16.63 8.66
N VAL I 62 24.79 17.87 8.84
CA VAL I 62 24.04 18.82 9.63
C VAL I 62 23.78 20.08 8.82
N LYS I 63 22.50 20.36 8.57
CA LYS I 63 22.08 21.55 7.82
C LYS I 63 21.38 22.52 8.77
N MET I 64 21.75 23.79 8.72
CA MET I 64 21.13 24.82 9.56
C MET I 64 20.51 25.90 8.68
N GLN I 65 19.31 26.32 9.04
CA GLN I 65 18.60 27.37 8.30
C GLN I 65 17.61 27.99 9.28
N PRO I 66 17.46 29.32 9.25
CA PRO I 66 16.52 30.01 10.16
C PRO I 66 15.07 29.61 9.93
N GLY I 67 14.32 29.54 11.01
CA GLY I 67 12.91 29.16 10.92
C GLY I 67 12.18 29.55 12.18
N GLU I 68 10.88 29.29 12.22
CA GLU I 68 10.07 29.63 13.38
C GLU I 68 10.19 28.59 14.49
N PRO I 69 10.42 29.05 15.73
CA PRO I 69 10.56 28.15 16.88
C PRO I 69 9.18 27.55 17.19
N TYR I 70 9.14 26.47 17.95
CA TYR I 70 7.84 25.89 18.28
C TYR I 70 7.08 26.93 19.07
N PRO I 71 5.75 26.88 19.03
CA PRO I 71 4.91 27.84 19.76
C PRO I 71 5.14 27.77 21.27
N ASP I 72 5.22 26.55 21.81
CA ASP I 72 5.42 26.37 23.24
C ASP I 72 6.78 26.81 23.79
N THR I 73 7.82 26.74 22.96
CA THR I 73 9.15 27.11 23.41
C THR I 73 9.88 28.22 22.66
N PRO I 74 9.23 29.39 22.49
CA PRO I 74 9.98 30.43 21.78
C PRO I 74 11.25 30.67 22.60
N ASP I 75 12.21 31.43 22.07
CA ASP I 75 13.43 31.66 22.81
C ASP I 75 14.19 30.34 22.85
N ARG I 76 13.87 29.45 21.91
CA ARG I 76 14.50 28.14 21.88
C ARG I 76 14.77 27.65 20.45
N GLY I 77 16.04 27.35 20.17
CA GLY I 77 16.41 26.85 18.86
C GLY I 77 15.78 25.48 18.62
N VAL I 78 15.86 24.99 17.39
CA VAL I 78 15.28 23.69 17.09
C VAL I 78 16.29 22.69 16.51
N ILE I 79 16.18 21.43 16.94
CA ILE I 79 17.04 20.36 16.45
C ILE I 79 16.17 19.21 16.01
N ILE I 80 16.25 18.87 14.74
CA ILE I 80 15.45 17.79 14.20
C ILE I 80 16.33 16.67 13.68
N VAL I 81 16.17 15.49 14.25
CA VAL I 81 16.98 14.35 13.86
C VAL I 81 16.15 13.37 13.05
N ASN I 82 16.72 12.90 11.96
CA ASN I 82 16.04 11.94 11.11
C ASN I 82 17.07 10.94 10.57
N ALA I 83 16.67 9.70 10.37
CA ALA I 83 17.57 8.69 9.87
C ALA I 83 17.06 8.01 8.60
N GLU I 84 18.00 7.54 7.78
CA GLU I 84 17.69 6.85 6.54
C GLU I 84 18.46 5.53 6.50
N LEU I 85 17.75 4.43 6.48
CA LEU I 85 18.39 3.12 6.42
C LEU I 85 17.97 2.44 5.12
N VAL I 86 18.84 2.44 4.14
CA VAL I 86 18.52 1.83 2.85
C VAL I 86 19.32 0.54 2.62
N PRO I 98 12.29 -1.91 9.69
CA PRO I 98 12.44 -0.91 8.63
C PRO I 98 12.28 0.52 9.14
N ASP I 99 11.16 1.14 8.77
CA ASP I 99 10.87 2.51 9.17
C ASP I 99 10.68 2.61 10.68
N GLU I 100 10.09 1.57 11.25
CA GLU I 100 9.85 1.50 12.69
C GLU I 100 11.22 1.40 13.39
N ASN I 101 12.23 0.98 12.64
CA ASN I 101 13.59 0.86 13.15
C ASN I 101 14.35 2.15 12.87
N SER I 102 14.02 2.77 11.75
CA SER I 102 14.66 4.01 11.36
C SER I 102 14.23 5.13 12.32
N ILE I 103 12.96 5.12 12.69
CA ILE I 103 12.43 6.13 13.61
C ILE I 103 13.07 5.94 14.99
N GLU I 104 13.07 4.70 15.47
CA GLU I 104 13.66 4.42 16.76
C GLU I 104 15.13 4.89 16.81
N LEU I 105 15.92 4.48 15.82
CA LEU I 105 17.31 4.86 15.80
C LEU I 105 17.47 6.38 15.81
N ALA I 106 16.59 7.10 15.13
CA ALA I 106 16.72 8.54 15.11
C ALA I 106 16.30 9.12 16.46
N ARG I 107 15.18 8.65 16.97
CA ARG I 107 14.68 9.10 18.26
C ARG I 107 15.72 8.89 19.36
N VAL I 108 16.37 7.73 19.41
CA VAL I 108 17.41 7.52 20.44
C VAL I 108 18.56 8.51 20.25
N VAL I 109 19.15 8.54 19.05
CA VAL I 109 20.22 9.49 18.77
C VAL I 109 19.78 10.88 19.23
N ASP I 110 18.58 11.26 18.79
CA ASP I 110 18.01 12.56 19.14
C ASP I 110 17.85 12.77 20.65
N ARG I 111 17.37 11.73 21.33
CA ARG I 111 17.17 11.78 22.77
C ARG I 111 18.46 12.04 23.53
N GLY I 112 19.54 11.41 23.08
CA GLY I 112 20.83 11.59 23.73
C GLY I 112 21.31 13.02 23.61
N ILE I 113 21.16 13.62 22.43
CA ILE I 113 21.60 14.99 22.18
C ILE I 113 20.77 15.99 22.97
N ARG I 114 19.48 15.72 23.05
CA ARG I 114 18.55 16.61 23.72
C ARG I 114 18.59 16.55 25.23
N GLU I 115 18.64 15.35 25.81
CA GLU I 115 18.68 15.26 27.25
C GLU I 115 20.03 15.68 27.88
N SER I 116 21.11 15.60 27.11
CA SER I 116 22.42 15.99 27.61
C SER I 116 22.63 17.48 27.38
N GLU I 117 21.80 18.06 26.51
CA GLU I 117 21.89 19.47 26.16
C GLU I 117 23.23 19.77 25.51
N ALA I 118 23.60 18.96 24.52
CA ALA I 118 24.88 19.09 23.81
C ALA I 118 25.02 20.39 23.05
N VAL I 119 23.89 20.99 22.70
CA VAL I 119 23.90 22.25 21.98
C VAL I 119 22.93 23.12 22.74
N ASP I 120 23.34 24.34 23.07
CA ASP I 120 22.43 25.22 23.80
C ASP I 120 21.45 25.85 22.83
N LEU I 121 20.19 25.44 22.91
CA LEU I 121 19.17 25.94 22.01
C LEU I 121 18.77 27.39 22.30
N SER I 122 19.05 27.85 23.51
CA SER I 122 18.72 29.23 23.86
C SER I 122 19.61 30.18 23.08
N LYS I 123 20.83 29.72 22.80
CA LYS I 123 21.78 30.54 22.04
C LYS I 123 21.48 30.56 20.54
N LEU I 124 20.51 29.75 20.11
CA LEU I 124 20.16 29.69 18.69
C LEU I 124 18.94 30.55 18.32
N VAL I 125 18.63 31.53 19.16
CA VAL I 125 17.51 32.43 18.91
C VAL I 125 17.95 33.59 18.03
N ILE I 126 17.14 33.91 17.03
CA ILE I 126 17.44 35.00 16.11
C ILE I 126 16.58 36.20 16.49
N GLU I 127 15.29 35.94 16.69
CA GLU I 127 14.34 36.99 17.06
C GLU I 127 13.30 36.47 18.04
N GLU I 128 13.32 37.04 19.26
CA GLU I 128 12.39 36.71 20.34
C GLU I 128 11.61 35.41 20.17
N GLY I 129 10.65 35.42 19.25
CA GLY I 129 9.84 34.23 19.01
C GLY I 129 9.37 34.12 17.58
N GLU I 130 10.19 34.60 16.65
CA GLU I 130 9.86 34.59 15.23
C GLU I 130 10.92 33.85 14.40
N LYS I 131 12.18 34.22 14.60
CA LYS I 131 13.29 33.60 13.88
C LYS I 131 14.23 32.90 14.85
N VAL I 132 14.50 31.63 14.56
CA VAL I 132 15.38 30.80 15.37
C VAL I 132 16.14 29.85 14.45
N TRP I 133 17.34 29.46 14.85
CA TRP I 133 18.13 28.54 14.05
C TRP I 133 17.53 27.15 14.13
N ILE I 134 17.41 26.49 12.99
CA ILE I 134 16.86 25.14 12.93
C ILE I 134 17.95 24.19 12.50
N VAL I 135 18.32 23.29 13.41
CA VAL I 135 19.38 22.32 13.15
C VAL I 135 18.86 20.98 12.64
N PHE I 136 19.22 20.66 11.40
CA PHE I 136 18.81 19.37 10.83
C PHE I 136 19.97 18.40 10.88
N VAL I 137 19.78 17.32 11.64
CA VAL I 137 20.79 16.27 11.76
C VAL I 137 20.23 15.06 11.03
N ASP I 138 20.73 14.75 9.85
CA ASP I 138 20.21 13.59 9.13
C ASP I 138 21.25 12.49 9.07
N ILE I 139 20.87 11.31 9.52
CA ILE I 139 21.72 10.14 9.59
C ILE I 139 21.52 9.28 8.35
N HIS I 140 22.59 8.92 7.68
CA HIS I 140 22.50 8.10 6.48
C HIS I 140 23.37 6.85 6.59
N ALA I 141 22.73 5.70 6.79
CA ALA I 141 23.48 4.46 6.91
C ALA I 141 24.18 4.11 5.60
N LEU I 142 25.49 3.84 5.65
CA LEU I 142 26.24 3.47 4.45
C LEU I 142 26.48 1.96 4.34
N ASP I 143 26.78 1.33 5.46
CA ASP I 143 27.04 -0.10 5.45
C ASP I 143 26.60 -0.61 6.82
N ASP I 144 25.74 -1.62 6.84
CA ASP I 144 25.25 -2.14 8.10
C ASP I 144 25.89 -3.46 8.51
N ASP I 145 26.85 -3.38 9.42
CA ASP I 145 27.49 -4.59 9.90
C ASP I 145 27.22 -4.72 11.38
N GLY I 146 26.17 -4.06 11.85
CA GLY I 146 25.80 -4.14 13.24
C GLY I 146 25.94 -2.84 13.99
N ASN I 147 25.05 -2.62 14.94
CA ASN I 147 25.07 -1.45 15.79
C ASN I 147 25.19 -0.13 15.05
N LEU I 148 24.27 0.10 14.12
CA LEU I 148 24.23 1.35 13.37
C LEU I 148 23.85 2.46 14.35
N LEU I 149 23.24 2.08 15.46
CA LEU I 149 22.82 3.07 16.45
C LEU I 149 24.00 3.75 17.15
N ASP I 150 24.88 2.97 17.77
CA ASP I 150 26.02 3.54 18.45
C ASP I 150 26.89 4.30 17.46
N ALA I 151 27.02 3.74 16.26
CA ALA I 151 27.81 4.38 15.24
C ALA I 151 27.17 5.74 14.95
N SER I 152 25.86 5.76 14.69
CA SER I 152 25.13 6.99 14.39
C SER I 152 25.18 8.01 15.52
N ALA I 153 25.10 7.56 16.77
CA ALA I 153 25.18 8.51 17.86
C ALA I 153 26.57 9.17 17.82
N LEU I 154 27.61 8.37 17.56
CA LEU I 154 29.00 8.85 17.47
C LEU I 154 29.15 9.91 16.36
N ALA I 155 28.68 9.58 15.17
CA ALA I 155 28.78 10.50 14.04
C ALA I 155 27.95 11.78 14.24
N ALA I 156 26.74 11.61 14.78
CA ALA I 156 25.86 12.75 14.99
C ALA I 156 26.50 13.80 15.90
N ILE I 157 26.99 13.38 17.06
CA ILE I 157 27.63 14.30 17.99
C ILE I 157 28.95 14.84 17.42
N ALA I 158 29.59 14.05 16.56
CA ALA I 158 30.85 14.48 15.94
C ALA I 158 30.54 15.56 14.89
N ALA I 159 29.49 15.33 14.11
CA ALA I 159 29.10 16.29 13.09
C ALA I 159 28.76 17.61 13.76
N LEU I 160 27.96 17.57 14.81
CA LEU I 160 27.57 18.79 15.53
C LEU I 160 28.81 19.50 16.06
N MET I 161 29.81 18.74 16.46
CA MET I 161 31.05 19.34 16.99
C MET I 161 31.87 20.04 15.91
N ASN I 162 31.58 19.74 14.66
CA ASN I 162 32.29 20.33 13.53
C ASN I 162 31.33 21.10 12.65
N THR I 163 30.38 21.77 13.30
CA THR I 163 29.37 22.54 12.61
C THR I 163 29.63 24.05 12.62
N LYS I 164 29.46 24.65 11.46
CA LYS I 164 29.64 26.09 11.28
C LYS I 164 28.26 26.69 11.01
N VAL I 165 27.81 27.58 11.88
CA VAL I 165 26.52 28.23 11.68
C VAL I 165 26.61 29.13 10.46
N PRO I 166 25.83 28.83 9.40
CA PRO I 166 25.85 29.63 8.18
C PRO I 166 25.22 31.02 8.35
N ALA I 167 25.72 31.77 9.34
CA ALA I 167 25.22 33.11 9.64
C ALA I 167 25.29 34.05 8.45
N GLU I 168 26.47 34.14 7.84
CA GLU I 168 26.67 34.99 6.68
C GLU I 168 26.25 34.29 5.39
N ARG I 169 24.94 34.11 5.25
CA ARG I 169 24.35 33.47 4.08
C ARG I 169 22.88 33.83 4.19
N PHE I 170 22.49 34.18 5.40
CA PHE I 170 21.12 34.59 5.67
C PHE I 170 21.14 36.04 6.16
N ASP I 171 22.35 36.63 6.13
CA ASP I 171 22.58 38.01 6.53
C ASP I 171 22.15 38.29 7.97
N LEU I 172 22.85 37.67 8.92
CA LEU I 172 22.56 37.86 10.33
C LEU I 172 23.75 38.47 11.03
N GLY I 173 24.92 37.90 10.75
CA GLY I 173 26.14 38.40 11.34
C GLY I 173 27.32 37.68 10.75
N GLU I 174 28.24 37.28 11.61
CA GLU I 174 29.44 36.57 11.17
C GLU I 174 29.27 35.08 11.48
N ASP I 175 30.05 34.24 10.80
CA ASP I 175 29.98 32.80 11.05
C ASP I 175 30.68 32.43 12.35
N TYR I 176 30.18 31.38 13.01
CA TYR I 176 30.76 30.90 14.25
C TYR I 176 30.55 29.41 14.37
N LEU I 177 31.37 28.76 15.19
CA LEU I 177 31.23 27.33 15.37
C LEU I 177 30.04 27.09 16.31
N LEU I 178 29.31 26.02 16.06
CA LEU I 178 28.16 25.68 16.88
C LEU I 178 28.64 25.38 18.29
N PRO I 179 28.09 26.09 19.28
CA PRO I 179 28.51 25.84 20.65
C PRO I 179 27.95 24.51 21.18
N VAL I 180 28.82 23.50 21.21
CA VAL I 180 28.48 22.17 21.70
C VAL I 180 28.98 22.06 23.15
N ARG I 181 28.04 21.93 24.08
CA ARG I 181 28.33 21.87 25.50
C ARG I 181 28.49 20.49 26.17
N ASP I 182 28.21 19.41 25.45
CA ASP I 182 28.35 18.08 26.03
C ASP I 182 28.74 17.05 24.98
N LEU I 183 28.98 15.81 25.40
CA LEU I 183 29.38 14.76 24.47
C LEU I 183 28.64 13.43 24.71
N PRO I 184 27.38 13.36 24.27
CA PRO I 184 26.52 12.18 24.41
C PRO I 184 27.10 11.00 23.66
N VAL I 185 27.20 9.86 24.32
CA VAL I 185 27.72 8.64 23.71
C VAL I 185 26.78 7.54 24.15
N SER I 186 26.33 6.73 23.20
CA SER I 186 25.45 5.65 23.57
C SER I 186 26.12 4.31 23.37
N VAL I 187 25.88 3.39 24.30
CA VAL I 187 26.45 2.06 24.24
C VAL I 187 25.32 1.06 24.17
N THR I 188 25.24 0.35 23.05
CA THR I 188 24.19 -0.62 22.86
C THR I 188 24.76 -2.00 23.00
N SER I 189 24.02 -2.86 23.70
CA SER I 189 24.44 -4.24 23.90
C SER I 189 23.38 -5.24 23.49
N LEU I 190 23.85 -6.37 22.99
CA LEU I 190 22.98 -7.46 22.59
C LEU I 190 22.79 -8.33 23.84
N ILE I 191 21.55 -8.46 24.32
CA ILE I 191 21.27 -9.28 25.48
C ILE I 191 20.85 -10.67 25.00
N VAL I 192 21.54 -11.70 25.48
CA VAL I 192 21.21 -13.07 25.08
C VAL I 192 21.10 -13.86 26.35
N GLY I 193 19.89 -14.30 26.66
CA GLY I 193 19.66 -15.05 27.87
C GLY I 193 20.07 -14.17 29.03
N ASN I 194 21.04 -14.65 29.79
CA ASN I 194 21.56 -13.94 30.94
C ASN I 194 22.89 -13.23 30.64
N LYS I 195 23.37 -13.36 29.40
CA LYS I 195 24.62 -12.73 29.00
C LYS I 195 24.40 -11.45 28.18
N TYR I 196 25.42 -10.60 28.12
CA TYR I 196 25.32 -9.39 27.32
C TYR I 196 26.56 -9.29 26.45
N LEU I 197 26.42 -8.69 25.28
CA LEU I 197 27.54 -8.49 24.35
C LEU I 197 27.56 -7.04 23.89
N VAL I 198 28.47 -6.24 24.46
CA VAL I 198 28.58 -4.83 24.08
C VAL I 198 28.96 -4.73 22.61
N ASP I 199 28.33 -3.77 21.92
CA ASP I 199 28.53 -3.49 20.50
C ASP I 199 28.42 -4.73 19.62
N PRO I 200 27.21 -5.27 19.47
CA PRO I 200 27.07 -6.47 18.63
C PRO I 200 27.26 -6.23 17.13
N SER I 201 27.72 -7.25 16.42
CA SER I 201 27.92 -7.17 14.98
C SER I 201 26.74 -7.83 14.30
N ARG I 202 26.52 -7.51 13.03
CA ARG I 202 25.45 -8.07 12.23
C ARG I 202 25.42 -9.59 12.38
N GLU I 203 26.60 -10.21 12.48
CA GLU I 203 26.70 -11.65 12.64
C GLU I 203 26.02 -12.06 13.94
N GLU I 204 26.41 -11.42 15.03
CA GLU I 204 25.87 -11.74 16.33
C GLU I 204 24.38 -11.48 16.43
N MET I 205 23.94 -10.41 15.77
CA MET I 205 22.53 -10.00 15.76
C MET I 205 21.60 -11.09 15.24
N SER I 206 22.17 -12.13 14.65
CA SER I 206 21.36 -13.22 14.11
C SER I 206 20.67 -14.00 15.23
N VAL I 207 21.19 -13.83 16.43
CA VAL I 207 20.64 -14.50 17.59
C VAL I 207 19.24 -13.97 17.88
N GLY I 208 19.03 -12.69 17.57
CA GLY I 208 17.75 -12.07 17.80
C GLY I 208 17.96 -10.59 17.95
N ASP I 209 16.88 -9.81 18.03
CA ASP I 209 17.02 -8.36 18.14
C ASP I 209 16.63 -7.86 19.53
N THR I 210 17.37 -8.32 20.52
CA THR I 210 17.10 -7.96 21.89
C THR I 210 18.28 -7.17 22.43
N THR I 211 18.14 -5.86 22.53
CA THR I 211 19.24 -5.03 23.02
C THR I 211 18.87 -4.06 24.14
N LEU I 212 19.92 -3.52 24.77
CA LEU I 212 19.78 -2.51 25.82
C LEU I 212 20.75 -1.45 25.34
N THR I 213 20.34 -0.19 25.43
CA THR I 213 21.17 0.92 24.98
C THR I 213 21.22 1.95 26.10
N ILE I 214 22.41 2.35 26.50
CA ILE I 214 22.54 3.34 27.54
C ILE I 214 23.37 4.51 27.01
N THR I 215 22.78 5.69 27.02
CA THR I 215 23.47 6.88 26.53
C THR I 215 23.93 7.65 27.75
N THR I 216 25.19 8.07 27.70
CA THR I 216 25.79 8.75 28.82
C THR I 216 26.29 10.13 28.43
N ASP I 217 26.51 11.00 29.41
CA ASP I 217 27.04 12.32 29.08
C ASP I 217 28.44 12.50 29.62
N LYS I 218 28.96 13.70 29.45
CA LYS I 218 30.32 14.07 29.87
C LYS I 218 30.65 13.77 31.33
N ASP I 219 29.67 13.89 32.22
CA ASP I 219 29.91 13.62 33.64
C ASP I 219 29.50 12.20 34.04
N ASP I 220 29.40 11.31 33.07
CA ASP I 220 29.01 9.94 33.35
C ASP I 220 27.59 9.78 33.89
N ASN I 221 26.76 10.79 33.64
CA ASN I 221 25.37 10.72 34.07
C ASN I 221 24.61 10.03 32.96
N VAL I 222 23.61 9.22 33.31
CA VAL I 222 22.84 8.53 32.28
C VAL I 222 21.86 9.54 31.71
N VAL I 223 21.93 9.71 30.39
CA VAL I 223 21.11 10.68 29.69
C VAL I 223 19.90 10.06 28.98
N ALA I 224 20.04 8.82 28.52
CA ALA I 224 18.95 8.14 27.83
C ALA I 224 19.20 6.64 27.91
N MET I 225 18.12 5.88 27.91
CA MET I 225 18.19 4.42 27.96
C MET I 225 17.05 3.84 27.16
N GLN I 226 17.28 2.66 26.61
CA GLN I 226 16.26 2.04 25.79
C GLN I 226 16.48 0.56 25.59
N LYS I 227 15.55 -0.28 26.05
CA LYS I 227 15.68 -1.70 25.77
C LYS I 227 14.68 -1.95 24.64
N SER I 228 15.13 -2.64 23.60
CA SER I 228 14.34 -2.95 22.43
C SER I 228 14.35 -4.43 22.24
N GLY I 229 13.26 -4.97 21.69
CA GLY I 229 13.19 -6.41 21.47
C GLY I 229 12.25 -7.13 22.40
N GLY I 230 11.78 -8.28 21.96
CA GLY I 230 10.86 -9.06 22.76
C GLY I 230 11.60 -9.96 23.72
N TYR I 231 11.91 -9.46 24.90
CA TYR I 231 12.63 -10.30 25.86
C TYR I 231 12.53 -9.73 27.25
N LEU I 232 12.81 -10.55 28.24
CA LEU I 232 12.77 -10.09 29.62
C LEU I 232 14.18 -9.79 30.11
N LEU I 233 14.42 -8.53 30.45
CA LEU I 233 15.72 -8.09 30.95
C LEU I 233 15.84 -8.43 32.43
N ASP I 234 16.84 -9.21 32.77
CA ASP I 234 17.10 -9.59 34.17
C ASP I 234 17.62 -8.35 34.92
N GLU I 235 17.10 -8.08 36.12
CA GLU I 235 17.51 -6.89 36.88
C GLU I 235 19.00 -6.86 37.22
N LYS I 236 19.54 -8.00 37.59
CA LYS I 236 20.95 -8.11 37.93
C LYS I 236 21.82 -7.88 36.68
N LEU I 237 21.43 -8.45 35.55
CA LEU I 237 22.19 -8.25 34.33
C LEU I 237 22.16 -6.76 34.00
N PHE I 238 21.02 -6.14 34.17
CA PHE I 238 20.91 -4.73 33.88
C PHE I 238 21.87 -3.90 34.76
N ASP I 239 21.87 -4.17 36.06
CA ASP I 239 22.72 -3.42 36.97
C ASP I 239 24.20 -3.46 36.55
N GLU I 240 24.65 -4.62 36.11
CA GLU I 240 26.03 -4.78 35.69
C GLU I 240 26.30 -4.09 34.37
N LEU I 241 25.33 -4.20 33.46
CA LEU I 241 25.46 -3.60 32.14
C LEU I 241 25.50 -2.09 32.27
N LEU I 242 24.89 -1.59 33.34
CA LEU I 242 24.85 -0.17 33.59
C LEU I 242 26.27 0.33 33.76
N ASP I 243 26.95 -0.21 34.78
CA ASP I 243 28.31 0.20 35.10
C ASP I 243 29.20 -0.03 33.90
N VAL I 244 29.13 -1.23 33.33
CA VAL I 244 29.93 -1.56 32.16
C VAL I 244 29.74 -0.55 31.02
N SER I 245 28.50 -0.18 30.77
CA SER I 245 28.18 0.77 29.71
C SER I 245 28.69 2.17 30.02
N ILE I 246 28.53 2.63 31.26
CA ILE I 246 29.02 3.95 31.63
C ILE I 246 30.52 3.97 31.29
N ASN I 247 31.23 2.92 31.71
CA ASN I 247 32.66 2.85 31.44
C ASN I 247 33.01 2.78 29.96
N CYS I 248 32.24 2.03 29.17
CA CYS I 248 32.51 1.93 27.74
C CYS I 248 32.39 3.29 27.06
N ALA I 249 31.41 4.06 27.52
CA ALA I 249 31.16 5.37 26.97
C ALA I 249 32.32 6.32 27.28
N ARG I 250 32.90 6.18 28.47
CA ARG I 250 34.01 7.02 28.84
C ARG I 250 35.16 6.78 27.87
N LYS I 251 35.37 5.52 27.51
CA LYS I 251 36.44 5.19 26.58
C LYS I 251 36.18 5.73 25.19
N LEU I 252 34.97 5.54 24.68
CA LEU I 252 34.64 6.05 23.35
C LEU I 252 34.76 7.57 23.37
N ARG I 253 34.25 8.17 24.44
CA ARG I 253 34.29 9.61 24.56
C ARG I 253 35.70 10.14 24.38
N GLU I 254 36.70 9.35 24.74
CA GLU I 254 38.07 9.79 24.59
C GLU I 254 38.54 9.88 23.16
N LYS I 255 37.97 9.08 22.27
CA LYS I 255 38.37 9.13 20.88
C LYS I 255 38.09 10.51 20.28
N PHE I 256 37.27 11.32 20.97
CA PHE I 256 36.93 12.65 20.51
C PHE I 256 38.03 13.65 20.89
N LYS I 257 38.73 13.34 21.97
CA LYS I 257 39.83 14.17 22.45
C LYS I 257 40.87 14.13 21.33
N GLU I 258 41.58 13.01 21.25
CA GLU I 258 42.60 12.82 20.22
C GLU I 258 41.91 12.31 18.95
#